data_2OB4
# 
_entry.id   2OB4 
# 
_audit_conform.dict_name       mmcif_pdbx.dic 
_audit_conform.dict_version    5.398 
_audit_conform.dict_location   http://mmcif.pdb.org/dictionaries/ascii/mmcif_pdbx.dic 
# 
loop_
_database_2.database_id 
_database_2.database_code 
_database_2.pdbx_database_accession 
_database_2.pdbx_DOI 
PDB   2OB4         pdb_00002ob4 10.2210/pdb2ob4/pdb 
RCSB  RCSB040913   ?            ?                   
WWPDB D_1000040913 ?            ?                   
# 
loop_
_pdbx_audit_revision_history.ordinal 
_pdbx_audit_revision_history.data_content_type 
_pdbx_audit_revision_history.major_revision 
_pdbx_audit_revision_history.minor_revision 
_pdbx_audit_revision_history.revision_date 
1 'Structure model' 1 0 2006-12-26 
2 'Structure model' 1 1 2008-05-01 
3 'Structure model' 1 2 2011-07-13 
4 'Structure model' 1 3 2012-11-28 
5 'Structure model' 1 4 2023-12-27 
6 'Structure model' 1 5 2024-11-06 
# 
_pdbx_audit_revision_details.ordinal             1 
_pdbx_audit_revision_details.revision_ordinal    1 
_pdbx_audit_revision_details.data_content_type   'Structure model' 
_pdbx_audit_revision_details.provider            repository 
_pdbx_audit_revision_details.type                'Initial release' 
_pdbx_audit_revision_details.description         ? 
_pdbx_audit_revision_details.details             ? 
# 
loop_
_pdbx_audit_revision_group.ordinal 
_pdbx_audit_revision_group.revision_ordinal 
_pdbx_audit_revision_group.data_content_type 
_pdbx_audit_revision_group.group 
1 2 'Structure model' 'Version format compliance' 
2 3 'Structure model' 'Version format compliance' 
3 4 'Structure model' 'Database references'       
4 5 'Structure model' 'Data collection'           
5 5 'Structure model' 'Database references'       
6 6 'Structure model' 'Structure summary'         
# 
loop_
_pdbx_audit_revision_category.ordinal 
_pdbx_audit_revision_category.revision_ordinal 
_pdbx_audit_revision_category.data_content_type 
_pdbx_audit_revision_category.category 
1 5 'Structure model' chem_comp_atom            
2 5 'Structure model' chem_comp_bond            
3 5 'Structure model' database_2                
4 5 'Structure model' struct_ref_seq_dif        
5 6 'Structure model' pdbx_entry_details        
6 6 'Structure model' pdbx_modification_feature 
# 
loop_
_pdbx_audit_revision_item.ordinal 
_pdbx_audit_revision_item.revision_ordinal 
_pdbx_audit_revision_item.data_content_type 
_pdbx_audit_revision_item.item 
1 5 'Structure model' '_database_2.pdbx_DOI'                
2 5 'Structure model' '_database_2.pdbx_database_accession' 
3 5 'Structure model' '_struct_ref_seq_dif.details'         
# 
_pdbx_database_status.status_code                     REL 
_pdbx_database_status.entry_id                        2OB4 
_pdbx_database_status.recvd_initial_deposition_date   2006-12-18 
_pdbx_database_status.deposit_site                    RCSB 
_pdbx_database_status.process_site                    RCSB 
_pdbx_database_status.status_code_sf                  REL 
_pdbx_database_status.status_code_mr                  ? 
_pdbx_database_status.SG_entry                        Y 
_pdbx_database_status.status_code_cs                  ? 
_pdbx_database_status.pdb_format_compatible           Y 
_pdbx_database_status.status_code_nmr_data            ? 
_pdbx_database_status.methods_development_category    ? 
# 
loop_
_audit_author.name 
_audit_author.pdbx_ordinal 
'Neculai, D.'                          1  
'Avvakumov, G.V.'                      2  
'Xue, S.'                              3  
'Walker, J.R.'                         4  
'Mackenzie, F.'                        5  
'Weigelt, J.'                          6  
'Sundstrom, M.'                        7  
'Arrowsmith, C.H.'                     8  
'Edwards, A.M.'                        9  
'Bochkarev, A.'                        10 
'Sicheri, F.'                          11 
'Dhe-Paganon, S.'                      12 
'Structural Genomics Consortium (SGC)' 13 
# 
_citation.id                        primary 
_citation.title                     'A human ubiquitin conjugating enzyme (E2)-HECT E3 ligase structure-function screen.' 
_citation.journal_abbrev            'Mol Cell Proteomics' 
_citation.journal_volume            11 
_citation.page_first                329 
_citation.page_last                 341 
_citation.year                      2012 
_citation.journal_id_ASTM           ? 
_citation.country                   US 
_citation.journal_id_ISSN           1535-9476 
_citation.journal_id_CSD            0353 
_citation.book_publisher            ? 
_citation.pdbx_database_id_PubMed   22496338 
_citation.pdbx_database_id_DOI      10.1074/mcp.O111.013706 
# 
loop_
_citation_author.citation_id 
_citation_author.name 
_citation_author.ordinal 
_citation_author.identifier_ORCID 
primary 'Sheng, Y.'        1  ? 
primary 'Hong, J.H.'       2  ? 
primary 'Doherty, R.'      3  ? 
primary 'Srikumar, T.'     4  ? 
primary 'Shloush, J.'      5  ? 
primary 'Avvakumov, G.V.'  6  ? 
primary 'Walker, J.R.'     7  ? 
primary 'Xue, S.'          8  ? 
primary 'Neculai, D.'      9  ? 
primary 'Wan, J.W.'        10 ? 
primary 'Kim, S.K.'        11 ? 
primary 'Arrowsmith, C.H.' 12 ? 
primary 'Raught, B.'       13 ? 
primary 'Dhe-Paganon, S.'  14 ? 
# 
loop_
_entity.id 
_entity.type 
_entity.src_method 
_entity.pdbx_description 
_entity.formula_weight 
_entity.pdbx_number_of_molecules 
_entity.pdbx_ec 
_entity.pdbx_mutation 
_entity.pdbx_fragment 
_entity.details 
1 polymer man 'Ubiquitin-conjugating enzyme E2-32 kDa complementing' 20500.164 1  6.3.2.19 ? 'Catalytic Domain: Residues 7-184' ? 
2 water   nat water                                                  18.015    70 ?        ? ?                                  ? 
# 
_entity_name_com.entity_id   1 
_entity_name_com.name        'Ubiquitin-protein ligase, Ubiquitin carrier protein, E2-CDC34' 
# 
_entity_poly.entity_id                      1 
_entity_poly.type                           'polypeptide(L)' 
_entity_poly.nstd_linkage                   no 
_entity_poly.nstd_monomer                   no 
_entity_poly.pdbx_seq_one_letter_code       
;GSPSSQKALLLELKGLQEEPVEGFRVTLVDEGDLYNWEVAIFGPPNTYYEGGYFKARLKFPIDYPYSPPAFRFLTKMWHP
NIYETGDVCISILHPPVDDPQSGELPSERWNPTQNVRTILLSVISLLNEPNTFSPANVDASVMYRKWKESKGKDREYTDI
IRKQVLGTKVDAERDGVKVP
;
_entity_poly.pdbx_seq_one_letter_code_can   
;GSPSSQKALLLELKGLQEEPVEGFRVTLVDEGDLYNWEVAIFGPPNTYYEGGYFKARLKFPIDYPYSPPAFRFLTKMWHP
NIYETGDVCISILHPPVDDPQSGELPSERWNPTQNVRTILLSVISLLNEPNTFSPANVDASVMYRKWKESKGKDREYTDI
IRKQVLGTKVDAERDGVKVP
;
_entity_poly.pdbx_strand_id                 A 
_entity_poly.pdbx_target_identifier         ? 
# 
_pdbx_entity_nonpoly.entity_id   2 
_pdbx_entity_nonpoly.name        water 
_pdbx_entity_nonpoly.comp_id     HOH 
# 
loop_
_entity_poly_seq.entity_id 
_entity_poly_seq.num 
_entity_poly_seq.mon_id 
_entity_poly_seq.hetero 
1 1   GLY n 
1 2   SER n 
1 3   PRO n 
1 4   SER n 
1 5   SER n 
1 6   GLN n 
1 7   LYS n 
1 8   ALA n 
1 9   LEU n 
1 10  LEU n 
1 11  LEU n 
1 12  GLU n 
1 13  LEU n 
1 14  LYS n 
1 15  GLY n 
1 16  LEU n 
1 17  GLN n 
1 18  GLU n 
1 19  GLU n 
1 20  PRO n 
1 21  VAL n 
1 22  GLU n 
1 23  GLY n 
1 24  PHE n 
1 25  ARG n 
1 26  VAL n 
1 27  THR n 
1 28  LEU n 
1 29  VAL n 
1 30  ASP n 
1 31  GLU n 
1 32  GLY n 
1 33  ASP n 
1 34  LEU n 
1 35  TYR n 
1 36  ASN n 
1 37  TRP n 
1 38  GLU n 
1 39  VAL n 
1 40  ALA n 
1 41  ILE n 
1 42  PHE n 
1 43  GLY n 
1 44  PRO n 
1 45  PRO n 
1 46  ASN n 
1 47  THR n 
1 48  TYR n 
1 49  TYR n 
1 50  GLU n 
1 51  GLY n 
1 52  GLY n 
1 53  TYR n 
1 54  PHE n 
1 55  LYS n 
1 56  ALA n 
1 57  ARG n 
1 58  LEU n 
1 59  LYS n 
1 60  PHE n 
1 61  PRO n 
1 62  ILE n 
1 63  ASP n 
1 64  TYR n 
1 65  PRO n 
1 66  TYR n 
1 67  SER n 
1 68  PRO n 
1 69  PRO n 
1 70  ALA n 
1 71  PHE n 
1 72  ARG n 
1 73  PHE n 
1 74  LEU n 
1 75  THR n 
1 76  LYS n 
1 77  MET n 
1 78  TRP n 
1 79  HIS n 
1 80  PRO n 
1 81  ASN n 
1 82  ILE n 
1 83  TYR n 
1 84  GLU n 
1 85  THR n 
1 86  GLY n 
1 87  ASP n 
1 88  VAL n 
1 89  CYS n 
1 90  ILE n 
1 91  SER n 
1 92  ILE n 
1 93  LEU n 
1 94  HIS n 
1 95  PRO n 
1 96  PRO n 
1 97  VAL n 
1 98  ASP n 
1 99  ASP n 
1 100 PRO n 
1 101 GLN n 
1 102 SER n 
1 103 GLY n 
1 104 GLU n 
1 105 LEU n 
1 106 PRO n 
1 107 SER n 
1 108 GLU n 
1 109 ARG n 
1 110 TRP n 
1 111 ASN n 
1 112 PRO n 
1 113 THR n 
1 114 GLN n 
1 115 ASN n 
1 116 VAL n 
1 117 ARG n 
1 118 THR n 
1 119 ILE n 
1 120 LEU n 
1 121 LEU n 
1 122 SER n 
1 123 VAL n 
1 124 ILE n 
1 125 SER n 
1 126 LEU n 
1 127 LEU n 
1 128 ASN n 
1 129 GLU n 
1 130 PRO n 
1 131 ASN n 
1 132 THR n 
1 133 PHE n 
1 134 SER n 
1 135 PRO n 
1 136 ALA n 
1 137 ASN n 
1 138 VAL n 
1 139 ASP n 
1 140 ALA n 
1 141 SER n 
1 142 VAL n 
1 143 MET n 
1 144 TYR n 
1 145 ARG n 
1 146 LYS n 
1 147 TRP n 
1 148 LYS n 
1 149 GLU n 
1 150 SER n 
1 151 LYS n 
1 152 GLY n 
1 153 LYS n 
1 154 ASP n 
1 155 ARG n 
1 156 GLU n 
1 157 TYR n 
1 158 THR n 
1 159 ASP n 
1 160 ILE n 
1 161 ILE n 
1 162 ARG n 
1 163 LYS n 
1 164 GLN n 
1 165 VAL n 
1 166 LEU n 
1 167 GLY n 
1 168 THR n 
1 169 LYS n 
1 170 VAL n 
1 171 ASP n 
1 172 ALA n 
1 173 GLU n 
1 174 ARG n 
1 175 ASP n 
1 176 GLY n 
1 177 VAL n 
1 178 LYS n 
1 179 VAL n 
1 180 PRO n 
# 
_entity_src_gen.entity_id                          1 
_entity_src_gen.pdbx_src_id                        1 
_entity_src_gen.pdbx_alt_source_flag               sample 
_entity_src_gen.pdbx_seq_type                      ? 
_entity_src_gen.pdbx_beg_seq_num                   ? 
_entity_src_gen.pdbx_end_seq_num                   ? 
_entity_src_gen.gene_src_common_name               human 
_entity_src_gen.gene_src_genus                     Homo 
_entity_src_gen.pdbx_gene_src_gene                 'CDC34, UBE2R1' 
_entity_src_gen.gene_src_species                   ? 
_entity_src_gen.gene_src_strain                    ? 
_entity_src_gen.gene_src_tissue                    ? 
_entity_src_gen.gene_src_tissue_fraction           ? 
_entity_src_gen.gene_src_details                   ? 
_entity_src_gen.pdbx_gene_src_fragment             ? 
_entity_src_gen.pdbx_gene_src_scientific_name      'Homo sapiens' 
_entity_src_gen.pdbx_gene_src_ncbi_taxonomy_id     9606 
_entity_src_gen.pdbx_gene_src_variant              ? 
_entity_src_gen.pdbx_gene_src_cell_line            ? 
_entity_src_gen.pdbx_gene_src_atcc                 ? 
_entity_src_gen.pdbx_gene_src_organ                ? 
_entity_src_gen.pdbx_gene_src_organelle            ? 
_entity_src_gen.pdbx_gene_src_cell                 ? 
_entity_src_gen.pdbx_gene_src_cellular_location    ? 
_entity_src_gen.host_org_common_name               ? 
_entity_src_gen.pdbx_host_org_scientific_name      'Escherichia coli BL21(DE3)' 
_entity_src_gen.pdbx_host_org_ncbi_taxonomy_id     469008 
_entity_src_gen.host_org_genus                     Escherichia 
_entity_src_gen.pdbx_host_org_gene                 ? 
_entity_src_gen.pdbx_host_org_organ                ? 
_entity_src_gen.host_org_species                   'Escherichia coli' 
_entity_src_gen.pdbx_host_org_tissue               ? 
_entity_src_gen.pdbx_host_org_tissue_fraction      ? 
_entity_src_gen.pdbx_host_org_strain               'BL21(DE3)' 
_entity_src_gen.pdbx_host_org_variant              ? 
_entity_src_gen.pdbx_host_org_cell_line            ? 
_entity_src_gen.pdbx_host_org_atcc                 ? 
_entity_src_gen.pdbx_host_org_culture_collection   ? 
_entity_src_gen.pdbx_host_org_cell                 ? 
_entity_src_gen.pdbx_host_org_organelle            ? 
_entity_src_gen.pdbx_host_org_cellular_location    ? 
_entity_src_gen.pdbx_host_org_vector_type          PLASMID 
_entity_src_gen.pdbx_host_org_vector               ? 
_entity_src_gen.host_org_details                   ? 
_entity_src_gen.expression_system_id               ? 
_entity_src_gen.plasmid_name                       pET28-LIC 
_entity_src_gen.plasmid_details                    ? 
_entity_src_gen.pdbx_description                   ? 
# 
loop_
_chem_comp.id 
_chem_comp.type 
_chem_comp.mon_nstd_flag 
_chem_comp.name 
_chem_comp.pdbx_synonyms 
_chem_comp.formula 
_chem_comp.formula_weight 
ALA 'L-peptide linking' y ALANINE         ? 'C3 H7 N O2'     89.093  
ARG 'L-peptide linking' y ARGININE        ? 'C6 H15 N4 O2 1' 175.209 
ASN 'L-peptide linking' y ASPARAGINE      ? 'C4 H8 N2 O3'    132.118 
ASP 'L-peptide linking' y 'ASPARTIC ACID' ? 'C4 H7 N O4'     133.103 
CYS 'L-peptide linking' y CYSTEINE        ? 'C3 H7 N O2 S'   121.158 
GLN 'L-peptide linking' y GLUTAMINE       ? 'C5 H10 N2 O3'   146.144 
GLU 'L-peptide linking' y 'GLUTAMIC ACID' ? 'C5 H9 N O4'     147.129 
GLY 'peptide linking'   y GLYCINE         ? 'C2 H5 N O2'     75.067  
HIS 'L-peptide linking' y HISTIDINE       ? 'C6 H10 N3 O2 1' 156.162 
HOH non-polymer         . WATER           ? 'H2 O'           18.015  
ILE 'L-peptide linking' y ISOLEUCINE      ? 'C6 H13 N O2'    131.173 
LEU 'L-peptide linking' y LEUCINE         ? 'C6 H13 N O2'    131.173 
LYS 'L-peptide linking' y LYSINE          ? 'C6 H15 N2 O2 1' 147.195 
MET 'L-peptide linking' y METHIONINE      ? 'C5 H11 N O2 S'  149.211 
PHE 'L-peptide linking' y PHENYLALANINE   ? 'C9 H11 N O2'    165.189 
PRO 'L-peptide linking' y PROLINE         ? 'C5 H9 N O2'     115.130 
SER 'L-peptide linking' y SERINE          ? 'C3 H7 N O3'     105.093 
THR 'L-peptide linking' y THREONINE       ? 'C4 H9 N O3'     119.119 
TRP 'L-peptide linking' y TRYPTOPHAN      ? 'C11 H12 N2 O2'  204.225 
TYR 'L-peptide linking' y TYROSINE        ? 'C9 H11 N O3'    181.189 
VAL 'L-peptide linking' y VALINE          ? 'C5 H11 N O2'    117.146 
# 
loop_
_pdbx_poly_seq_scheme.asym_id 
_pdbx_poly_seq_scheme.entity_id 
_pdbx_poly_seq_scheme.seq_id 
_pdbx_poly_seq_scheme.mon_id 
_pdbx_poly_seq_scheme.ndb_seq_num 
_pdbx_poly_seq_scheme.pdb_seq_num 
_pdbx_poly_seq_scheme.auth_seq_num 
_pdbx_poly_seq_scheme.pdb_mon_id 
_pdbx_poly_seq_scheme.auth_mon_id 
_pdbx_poly_seq_scheme.pdb_strand_id 
_pdbx_poly_seq_scheme.pdb_ins_code 
_pdbx_poly_seq_scheme.hetero 
A 1 1   GLY 1   5   ?   ?   ?   A . n 
A 1 2   SER 2   6   ?   ?   ?   A . n 
A 1 3   PRO 3   7   ?   ?   ?   A . n 
A 1 4   SER 4   8   ?   ?   ?   A . n 
A 1 5   SER 5   9   9   SER SER A . n 
A 1 6   GLN 6   10  10  GLN GLN A . n 
A 1 7   LYS 7   11  11  LYS LYS A . n 
A 1 8   ALA 8   12  12  ALA ALA A . n 
A 1 9   LEU 9   13  13  LEU LEU A . n 
A 1 10  LEU 10  14  14  LEU LEU A . n 
A 1 11  LEU 11  15  15  LEU LEU A . n 
A 1 12  GLU 12  16  16  GLU GLU A . n 
A 1 13  LEU 13  17  17  LEU LEU A . n 
A 1 14  LYS 14  18  18  LYS LYS A . n 
A 1 15  GLY 15  19  19  GLY GLY A . n 
A 1 16  LEU 16  20  20  LEU LEU A . n 
A 1 17  GLN 17  21  21  GLN GLN A . n 
A 1 18  GLU 18  22  22  GLU GLU A . n 
A 1 19  GLU 19  23  23  GLU GLU A . n 
A 1 20  PRO 20  24  24  PRO PRO A . n 
A 1 21  VAL 21  25  25  VAL VAL A . n 
A 1 22  GLU 22  26  26  GLU GLU A . n 
A 1 23  GLY 23  27  27  GLY GLY A . n 
A 1 24  PHE 24  28  28  PHE PHE A . n 
A 1 25  ARG 25  29  29  ARG ARG A . n 
A 1 26  VAL 26  30  30  VAL VAL A . n 
A 1 27  THR 27  31  31  THR THR A . n 
A 1 28  LEU 28  32  32  LEU LEU A . n 
A 1 29  VAL 29  33  33  VAL VAL A . n 
A 1 30  ASP 30  34  34  ASP ASP A . n 
A 1 31  GLU 31  35  35  GLU GLU A . n 
A 1 32  GLY 32  36  36  GLY GLY A . n 
A 1 33  ASP 33  37  37  ASP ASP A . n 
A 1 34  LEU 34  38  38  LEU LEU A . n 
A 1 35  TYR 35  39  39  TYR TYR A . n 
A 1 36  ASN 36  40  40  ASN ASN A . n 
A 1 37  TRP 37  41  41  TRP TRP A . n 
A 1 38  GLU 38  42  42  GLU GLU A . n 
A 1 39  VAL 39  43  43  VAL VAL A . n 
A 1 40  ALA 40  44  44  ALA ALA A . n 
A 1 41  ILE 41  45  45  ILE ILE A . n 
A 1 42  PHE 42  46  46  PHE PHE A . n 
A 1 43  GLY 43  47  47  GLY GLY A . n 
A 1 44  PRO 44  48  48  PRO PRO A . n 
A 1 45  PRO 45  49  49  PRO PRO A . n 
A 1 46  ASN 46  50  50  ASN ASN A . n 
A 1 47  THR 47  51  51  THR THR A . n 
A 1 48  TYR 48  52  52  TYR TYR A . n 
A 1 49  TYR 49  53  53  TYR TYR A . n 
A 1 50  GLU 50  54  54  GLU GLU A . n 
A 1 51  GLY 51  55  55  GLY GLY A . n 
A 1 52  GLY 52  56  56  GLY GLY A . n 
A 1 53  TYR 53  57  57  TYR TYR A . n 
A 1 54  PHE 54  58  58  PHE PHE A . n 
A 1 55  LYS 55  59  59  LYS LYS A . n 
A 1 56  ALA 56  60  60  ALA ALA A . n 
A 1 57  ARG 57  61  61  ARG ARG A . n 
A 1 58  LEU 58  62  62  LEU LEU A . n 
A 1 59  LYS 59  63  63  LYS LYS A . n 
A 1 60  PHE 60  64  64  PHE PHE A . n 
A 1 61  PRO 61  65  65  PRO PRO A . n 
A 1 62  ILE 62  66  66  ILE ILE A . n 
A 1 63  ASP 63  67  67  ASP ASP A . n 
A 1 64  TYR 64  68  68  TYR TYR A . n 
A 1 65  PRO 65  69  69  PRO PRO A . n 
A 1 66  TYR 66  70  70  TYR TYR A . n 
A 1 67  SER 67  71  71  SER SER A . n 
A 1 68  PRO 68  72  72  PRO PRO A . n 
A 1 69  PRO 69  73  73  PRO PRO A . n 
A 1 70  ALA 70  74  74  ALA ALA A . n 
A 1 71  PHE 71  75  75  PHE PHE A . n 
A 1 72  ARG 72  76  76  ARG ARG A . n 
A 1 73  PHE 73  77  77  PHE PHE A . n 
A 1 74  LEU 74  78  78  LEU LEU A . n 
A 1 75  THR 75  79  79  THR THR A . n 
A 1 76  LYS 76  80  80  LYS LYS A . n 
A 1 77  MET 77  81  81  MET MET A . n 
A 1 78  TRP 78  82  82  TRP TRP A . n 
A 1 79  HIS 79  83  83  HIS HIS A . n 
A 1 80  PRO 80  84  84  PRO PRO A . n 
A 1 81  ASN 81  85  85  ASN ASN A . n 
A 1 82  ILE 82  86  86  ILE ILE A . n 
A 1 83  TYR 83  87  87  TYR TYR A . n 
A 1 84  GLU 84  88  88  GLU GLU A . n 
A 1 85  THR 85  89  89  THR THR A . n 
A 1 86  GLY 86  90  90  GLY GLY A . n 
A 1 87  ASP 87  91  91  ASP ASP A . n 
A 1 88  VAL 88  92  92  VAL VAL A . n 
A 1 89  CYS 89  93  93  CYS CYS A . n 
A 1 90  ILE 90  94  94  ILE ILE A . n 
A 1 91  SER 91  95  95  SER SER A . n 
A 1 92  ILE 92  96  96  ILE ILE A . n 
A 1 93  LEU 93  97  97  LEU LEU A . n 
A 1 94  HIS 94  98  98  HIS HIS A . n 
A 1 95  PRO 95  99  99  PRO PRO A . n 
A 1 96  PRO 96  100 100 PRO PRO A . n 
A 1 97  VAL 97  101 101 VAL VAL A . n 
A 1 98  ASP 98  102 ?   ?   ?   A . n 
A 1 99  ASP 99  103 ?   ?   ?   A . n 
A 1 100 PRO 100 104 ?   ?   ?   A . n 
A 1 101 GLN 101 105 ?   ?   ?   A . n 
A 1 102 SER 102 106 ?   ?   ?   A . n 
A 1 103 GLY 103 107 ?   ?   ?   A . n 
A 1 104 GLU 104 108 ?   ?   ?   A . n 
A 1 105 LEU 105 109 ?   ?   ?   A . n 
A 1 106 PRO 106 110 ?   ?   ?   A . n 
A 1 107 SER 107 111 ?   ?   ?   A . n 
A 1 108 GLU 108 112 ?   ?   ?   A . n 
A 1 109 ARG 109 113 ?   ?   ?   A . n 
A 1 110 TRP 110 114 ?   ?   ?   A . n 
A 1 111 ASN 111 115 ?   ?   ?   A . n 
A 1 112 PRO 112 116 ?   ?   ?   A . n 
A 1 113 THR 113 117 ?   ?   ?   A . n 
A 1 114 GLN 114 118 118 GLN GLN A . n 
A 1 115 ASN 115 119 119 ASN ASN A . n 
A 1 116 VAL 116 120 120 VAL VAL A . n 
A 1 117 ARG 117 121 121 ARG ARG A . n 
A 1 118 THR 118 122 122 THR THR A . n 
A 1 119 ILE 119 123 123 ILE ILE A . n 
A 1 120 LEU 120 124 124 LEU LEU A . n 
A 1 121 LEU 121 125 125 LEU LEU A . n 
A 1 122 SER 122 126 126 SER SER A . n 
A 1 123 VAL 123 127 127 VAL VAL A . n 
A 1 124 ILE 124 128 128 ILE ILE A . n 
A 1 125 SER 125 129 129 SER SER A . n 
A 1 126 LEU 126 130 130 LEU LEU A . n 
A 1 127 LEU 127 131 131 LEU LEU A . n 
A 1 128 ASN 128 132 132 ASN ASN A . n 
A 1 129 GLU 129 133 133 GLU GLU A . n 
A 1 130 PRO 130 134 134 PRO PRO A . n 
A 1 131 ASN 131 135 135 ASN ASN A . n 
A 1 132 THR 132 136 136 THR THR A . n 
A 1 133 PHE 133 137 137 PHE PHE A . n 
A 1 134 SER 134 138 138 SER SER A . n 
A 1 135 PRO 135 139 139 PRO PRO A . n 
A 1 136 ALA 136 140 140 ALA ALA A . n 
A 1 137 ASN 137 141 141 ASN ASN A . n 
A 1 138 VAL 138 142 142 VAL VAL A . n 
A 1 139 ASP 139 143 143 ASP ASP A . n 
A 1 140 ALA 140 144 144 ALA ALA A . n 
A 1 141 SER 141 145 145 SER SER A . n 
A 1 142 VAL 142 146 146 VAL VAL A . n 
A 1 143 MET 143 147 147 MET MET A . n 
A 1 144 TYR 144 148 148 TYR TYR A . n 
A 1 145 ARG 145 149 149 ARG ARG A . n 
A 1 146 LYS 146 150 150 LYS LYS A . n 
A 1 147 TRP 147 151 151 TRP TRP A . n 
A 1 148 LYS 148 152 152 LYS LYS A . n 
A 1 149 GLU 149 153 153 GLU GLU A . n 
A 1 150 SER 150 154 154 SER SER A . n 
A 1 151 LYS 151 155 155 LYS LYS A . n 
A 1 152 GLY 152 156 156 GLY GLY A . n 
A 1 153 LYS 153 157 157 LYS LYS A . n 
A 1 154 ASP 154 158 158 ASP ASP A . n 
A 1 155 ARG 155 159 159 ARG ARG A . n 
A 1 156 GLU 156 160 160 GLU GLU A . n 
A 1 157 TYR 157 161 161 TYR TYR A . n 
A 1 158 THR 158 162 162 THR THR A . n 
A 1 159 ASP 159 163 163 ASP ASP A . n 
A 1 160 ILE 160 164 164 ILE ILE A . n 
A 1 161 ILE 161 165 165 ILE ILE A . n 
A 1 162 ARG 162 166 166 ARG ARG A . n 
A 1 163 LYS 163 167 167 LYS LYS A . n 
A 1 164 GLN 164 168 168 GLN GLN A . n 
A 1 165 VAL 165 169 169 VAL VAL A . n 
A 1 166 LEU 166 170 170 LEU LEU A . n 
A 1 167 GLY 167 171 171 GLY GLY A . n 
A 1 168 THR 168 172 172 THR THR A . n 
A 1 169 LYS 169 173 173 LYS LYS A . n 
A 1 170 VAL 170 174 174 VAL VAL A . n 
A 1 171 ASP 171 175 175 ASP ASP A . n 
A 1 172 ALA 172 176 176 ALA ALA A . n 
A 1 173 GLU 173 177 177 GLU GLU A . n 
A 1 174 ARG 174 178 178 ARG ARG A . n 
A 1 175 ASP 175 179 179 ASP ASP A . n 
A 1 176 GLY 176 180 180 GLY GLY A . n 
A 1 177 VAL 177 181 181 VAL VAL A . n 
A 1 178 LYS 178 182 ?   ?   ?   A . n 
A 1 179 VAL 179 183 ?   ?   ?   A . n 
A 1 180 PRO 180 184 ?   ?   ?   A . n 
# 
loop_
_pdbx_nonpoly_scheme.asym_id 
_pdbx_nonpoly_scheme.entity_id 
_pdbx_nonpoly_scheme.mon_id 
_pdbx_nonpoly_scheme.ndb_seq_num 
_pdbx_nonpoly_scheme.pdb_seq_num 
_pdbx_nonpoly_scheme.auth_seq_num 
_pdbx_nonpoly_scheme.pdb_mon_id 
_pdbx_nonpoly_scheme.auth_mon_id 
_pdbx_nonpoly_scheme.pdb_strand_id 
_pdbx_nonpoly_scheme.pdb_ins_code 
B 2 HOH 1  185 1  HOH HOH A . 
B 2 HOH 2  186 2  HOH HOH A . 
B 2 HOH 3  187 3  HOH HOH A . 
B 2 HOH 4  188 4  HOH HOH A . 
B 2 HOH 5  189 5  HOH HOH A . 
B 2 HOH 6  190 6  HOH HOH A . 
B 2 HOH 7  191 7  HOH HOH A . 
B 2 HOH 8  192 8  HOH HOH A . 
B 2 HOH 9  193 9  HOH HOH A . 
B 2 HOH 10 194 10 HOH HOH A . 
B 2 HOH 11 195 11 HOH HOH A . 
B 2 HOH 12 196 13 HOH HOH A . 
B 2 HOH 13 197 14 HOH HOH A . 
B 2 HOH 14 198 15 HOH HOH A . 
B 2 HOH 15 199 16 HOH HOH A . 
B 2 HOH 16 200 17 HOH HOH A . 
B 2 HOH 17 201 18 HOH HOH A . 
B 2 HOH 18 202 19 HOH HOH A . 
B 2 HOH 19 203 20 HOH HOH A . 
B 2 HOH 20 204 21 HOH HOH A . 
B 2 HOH 21 205 22 HOH HOH A . 
B 2 HOH 22 206 23 HOH HOH A . 
B 2 HOH 23 207 24 HOH HOH A . 
B 2 HOH 24 208 25 HOH HOH A . 
B 2 HOH 25 209 27 HOH HOH A . 
B 2 HOH 26 210 28 HOH HOH A . 
B 2 HOH 27 211 29 HOH HOH A . 
B 2 HOH 28 212 30 HOH HOH A . 
B 2 HOH 29 213 31 HOH HOH A . 
B 2 HOH 30 214 34 HOH HOH A . 
B 2 HOH 31 215 35 HOH HOH A . 
B 2 HOH 32 216 36 HOH HOH A . 
B 2 HOH 33 217 37 HOH HOH A . 
B 2 HOH 34 218 38 HOH HOH A . 
B 2 HOH 35 219 39 HOH HOH A . 
B 2 HOH 36 220 40 HOH HOH A . 
B 2 HOH 37 221 41 HOH HOH A . 
B 2 HOH 38 222 42 HOH HOH A . 
B 2 HOH 39 223 43 HOH HOH A . 
B 2 HOH 40 224 44 HOH HOH A . 
B 2 HOH 41 225 45 HOH HOH A . 
B 2 HOH 42 226 46 HOH HOH A . 
B 2 HOH 43 227 47 HOH HOH A . 
B 2 HOH 44 228 48 HOH HOH A . 
B 2 HOH 45 229 51 HOH HOH A . 
B 2 HOH 46 230 52 HOH HOH A . 
B 2 HOH 47 231 53 HOH HOH A . 
B 2 HOH 48 232 54 HOH HOH A . 
B 2 HOH 49 233 56 HOH HOH A . 
B 2 HOH 50 234 57 HOH HOH A . 
B 2 HOH 51 235 59 HOH HOH A . 
B 2 HOH 52 236 60 HOH HOH A . 
B 2 HOH 53 237 61 HOH HOH A . 
B 2 HOH 54 238 62 HOH HOH A . 
B 2 HOH 55 239 63 HOH HOH A . 
B 2 HOH 56 240 65 HOH HOH A . 
B 2 HOH 57 241 66 HOH HOH A . 
B 2 HOH 58 242 68 HOH HOH A . 
B 2 HOH 59 243 69 HOH HOH A . 
B 2 HOH 60 244 70 HOH HOH A . 
B 2 HOH 61 245 71 HOH HOH A . 
B 2 HOH 62 246 72 HOH HOH A . 
B 2 HOH 63 247 73 HOH HOH A . 
B 2 HOH 64 248 75 HOH HOH A . 
B 2 HOH 65 249 77 HOH HOH A . 
B 2 HOH 66 250 79 HOH HOH A . 
B 2 HOH 67 251 80 HOH HOH A . 
B 2 HOH 68 252 81 HOH HOH A . 
B 2 HOH 69 253 82 HOH HOH A . 
B 2 HOH 70 254 83 HOH HOH A . 
# 
loop_
_software.name 
_software.classification 
_software.version 
_software.citation_id 
_software.pdbx_ordinal 
REFMAC   refinement        5.2.0019 ? 1 
HKL-2000 'data collection' .        ? 2 
HKL-2000 'data reduction'  .        ? 3 
HKL-2000 'data scaling'    .        ? 4 
MLPHARE  phasing           .        ? 5 
# 
_cell.entry_id           2OB4 
_cell.length_a           42.280 
_cell.length_b           66.310 
_cell.length_c           124.610 
_cell.angle_alpha        90.00 
_cell.angle_beta         90.00 
_cell.angle_gamma        90.00 
_cell.Z_PDB              8 
_cell.pdbx_unique_axis   ? 
_cell.length_a_esd       ? 
_cell.length_b_esd       ? 
_cell.length_c_esd       ? 
_cell.angle_alpha_esd    ? 
_cell.angle_beta_esd     ? 
_cell.angle_gamma_esd    ? 
# 
_symmetry.entry_id                         2OB4 
_symmetry.space_group_name_H-M             'I 2 2 2' 
_symmetry.pdbx_full_space_group_name_H-M   ? 
_symmetry.cell_setting                     ? 
_symmetry.Int_Tables_number                23 
_symmetry.space_group_name_Hall            ? 
# 
_exptl.entry_id          2OB4 
_exptl.method            'X-RAY DIFFRACTION' 
_exptl.crystals_number   1 
# 
_exptl_crystal.id                    1 
_exptl_crystal.density_meas          ? 
_exptl_crystal.density_Matthews      2.13 
_exptl_crystal.density_percent_sol   42.21 
_exptl_crystal.description           ? 
_exptl_crystal.F_000                 ? 
_exptl_crystal.preparation           ? 
# 
_exptl_crystal_grow.crystal_id      1 
_exptl_crystal_grow.method          'VAPOR DIFFUSION, HANGING DROP' 
_exptl_crystal_grow.temp            298 
_exptl_crystal_grow.temp_details    ? 
_exptl_crystal_grow.pH              8.5 
_exptl_crystal_grow.pdbx_details    
;The protein was dissolved at 42 mg/ml in 20 mM Tris-HCl, pH 8.0, 0.15 M NaCl, 5% glycerol and 2 mM DTT. Crystals were grown in hanging drops by mixing 2 microL protein solution with 2 microL well solution (28% PEG 4000, 0.1 M Tris-HCl, pH 8.5, 0.2 M MgCl2, 1 mM DTT and 7.5 mM glycyl-glycyl-glycine) at 21 deg C. For cryoprotection, the crystals were soaked in the well solution supplemented with 25% ethylene glycol, VAPOR DIFFUSION, HANGING DROP, temperature 298K
;
_exptl_crystal_grow.pdbx_pH_range   . 
# 
_diffrn.id                     1 
_diffrn.ambient_temp           100 
_diffrn.ambient_temp_details   ? 
_diffrn.crystal_id             1 
# 
_diffrn_detector.diffrn_id              1 
_diffrn_detector.detector               CCD 
_diffrn_detector.type                   'ADSC QUANTUM 210' 
_diffrn_detector.pdbx_collection_date   2005-12-18 
_diffrn_detector.details                'cylindrically bent ULE glass mirror with Pt and Pd coatings' 
# 
_diffrn_radiation.diffrn_id                        1 
_diffrn_radiation.wavelength_id                    1 
_diffrn_radiation.pdbx_monochromatic_or_laue_m_l   M 
_diffrn_radiation.monochromator                    'cryo-cooled Si(111) double-crystal' 
_diffrn_radiation.pdbx_diffrn_protocol             'SINGLE WAVELENGTH' 
_diffrn_radiation.pdbx_scattering_type             x-ray 
# 
_diffrn_radiation_wavelength.id           1 
_diffrn_radiation_wavelength.wavelength   0.97917 
_diffrn_radiation_wavelength.wt           1.0 
# 
_diffrn_source.diffrn_id                   1 
_diffrn_source.source                      SYNCHROTRON 
_diffrn_source.type                        'APS BEAMLINE 17-ID' 
_diffrn_source.pdbx_synchrotron_site       APS 
_diffrn_source.pdbx_synchrotron_beamline   17-ID 
_diffrn_source.pdbx_wavelength             ? 
_diffrn_source.pdbx_wavelength_list        0.97917 
# 
_reflns.entry_id                     2OB4 
_reflns.observed_criterion_sigma_F   0 
_reflns.observed_criterion_sigma_I   -3 
_reflns.d_resolution_high            2.4 
_reflns.d_resolution_low             50 
_reflns.number_all                   7162 
_reflns.number_obs                   7162 
_reflns.percent_possible_obs         99.5 
_reflns.pdbx_Rmerge_I_obs            ? 
_reflns.pdbx_Rsym_value              0.076 
_reflns.pdbx_netI_over_sigmaI        2.64 
_reflns.B_iso_Wilson_estimate        ? 
_reflns.pdbx_redundancy              1.82 
_reflns.R_free_details               ? 
_reflns.limit_h_max                  ? 
_reflns.limit_h_min                  ? 
_reflns.limit_k_max                  ? 
_reflns.limit_k_min                  ? 
_reflns.limit_l_max                  ? 
_reflns.limit_l_min                  ? 
_reflns.observed_criterion_F_max     ? 
_reflns.observed_criterion_F_min     ? 
_reflns.pdbx_chi_squared             ? 
_reflns.pdbx_scaling_rejects         ? 
_reflns.pdbx_ordinal                 1 
_reflns.pdbx_diffrn_id               1 
# 
_reflns_shell.d_res_high             2.40 
_reflns_shell.d_res_low              2.45 
_reflns_shell.percent_possible_all   94.8 
_reflns_shell.Rmerge_I_obs           ? 
_reflns_shell.pdbx_Rsym_value        0.32 
_reflns_shell.meanI_over_sigI_obs    2.6 
_reflns_shell.pdbx_redundancy        1.6 
_reflns_shell.percent_possible_obs   ? 
_reflns_shell.number_unique_all      417 
_reflns_shell.number_measured_all    ? 
_reflns_shell.number_measured_obs    ? 
_reflns_shell.number_unique_obs      ? 
_reflns_shell.pdbx_chi_squared       ? 
_reflns_shell.pdbx_ordinal           1 
_reflns_shell.pdbx_diffrn_id         1 
# 
_refine.entry_id                                 2OB4 
_refine.ls_number_reflns_obs                     6802 
_refine.ls_number_reflns_all                     6802 
_refine.pdbx_ls_sigma_I                          ? 
_refine.pdbx_ls_sigma_F                          0 
_refine.pdbx_data_cutoff_high_absF               ? 
_refine.pdbx_data_cutoff_low_absF                ? 
_refine.pdbx_data_cutoff_high_rms_absF           ? 
_refine.ls_d_res_low                             40.03 
_refine.ls_d_res_high                            2.40 
_refine.ls_percent_reflns_obs                    100.00 
_refine.ls_R_factor_obs                          0.22637 
_refine.ls_R_factor_all                          0.22637 
_refine.ls_R_factor_R_work                       0.22323 
_refine.ls_R_factor_R_free                       0.28448 
_refine.ls_R_factor_R_free_error                 ? 
_refine.ls_R_factor_R_free_error_details         ? 
_refine.ls_percent_reflns_R_free                 5.0 
_refine.ls_number_reflns_R_free                  359 
_refine.ls_number_parameters                     ? 
_refine.ls_number_restraints                     ? 
_refine.occupancy_min                            ? 
_refine.occupancy_max                            ? 
_refine.correlation_coeff_Fo_to_Fc               0.918 
_refine.correlation_coeff_Fo_to_Fc_free          0.874 
_refine.B_iso_mean                               27.773 
_refine.aniso_B[1][1]                            -0.26 
_refine.aniso_B[2][2]                            2.58 
_refine.aniso_B[3][3]                            -2.32 
_refine.aniso_B[1][2]                            0.00 
_refine.aniso_B[1][3]                            0.00 
_refine.aniso_B[2][3]                            0.00 
_refine.solvent_model_details                    'BABINET MODEL WITH MASK' 
_refine.solvent_model_param_ksol                 ? 
_refine.solvent_model_param_bsol                 ? 
_refine.pdbx_solvent_vdw_probe_radii             1.20 
_refine.pdbx_solvent_ion_probe_radii             0.80 
_refine.pdbx_solvent_shrinkage_radii             0.80 
_refine.pdbx_ls_cross_valid_method               THROUGHOUT 
_refine.details                                  ? 
_refine.pdbx_starting_model                      ? 
_refine.pdbx_method_to_determine_struct          'MOLECULAR REPLACEMENT' 
_refine.pdbx_isotropic_thermal_model             ? 
_refine.pdbx_stereochemistry_target_values       'MAXIMUM LIKELIHOOD' 
_refine.pdbx_stereochem_target_val_spec_case     ? 
_refine.pdbx_R_Free_selection_details            RANDOM 
_refine.pdbx_overall_ESU_R                       0.551 
_refine.pdbx_overall_ESU_R_Free                  0.311 
_refine.overall_SU_ML                            0.274 
_refine.overall_SU_B                             12.131 
_refine.ls_redundancy_reflns_obs                 ? 
_refine.B_iso_min                                ? 
_refine.B_iso_max                                ? 
_refine.overall_SU_R_Cruickshank_DPI             ? 
_refine.overall_SU_R_free                        ? 
_refine.ls_wR_factor_R_free                      ? 
_refine.ls_wR_factor_R_work                      ? 
_refine.overall_FOM_free_R_set                   ? 
_refine.overall_FOM_work_R_set                   ? 
_refine.pdbx_refine_id                           'X-RAY DIFFRACTION' 
_refine.pdbx_diffrn_id                           1 
_refine.pdbx_TLS_residual_ADP_flag               ? 
_refine.pdbx_overall_phase_error                 ? 
_refine.pdbx_overall_SU_R_free_Cruickshank_DPI   ? 
_refine.pdbx_overall_SU_R_Blow_DPI               ? 
_refine.pdbx_overall_SU_R_free_Blow_DPI          ? 
# 
_refine_hist.pdbx_refine_id                   'X-RAY DIFFRACTION' 
_refine_hist.cycle_id                         LAST 
_refine_hist.pdbx_number_atoms_protein        1274 
_refine_hist.pdbx_number_atoms_nucleic_acid   0 
_refine_hist.pdbx_number_atoms_ligand         0 
_refine_hist.number_atoms_solvent             70 
_refine_hist.number_atoms_total               1344 
_refine_hist.d_res_high                       2.40 
_refine_hist.d_res_low                        40.03 
# 
loop_
_refine_ls_restr.type 
_refine_ls_restr.dev_ideal 
_refine_ls_restr.dev_ideal_target 
_refine_ls_restr.weight 
_refine_ls_restr.number 
_refine_ls_restr.pdbx_refine_id 
_refine_ls_restr.pdbx_restraint_function 
r_bond_refined_d         0.011  0.022  ? 1333 'X-RAY DIFFRACTION' ? 
r_angle_refined_deg      1.410  1.976  ? 1814 'X-RAY DIFFRACTION' ? 
r_dihedral_angle_1_deg   6.648  5.000  ? 159  'X-RAY DIFFRACTION' ? 
r_dihedral_angle_2_deg   35.338 23.871 ? 62   'X-RAY DIFFRACTION' ? 
r_dihedral_angle_3_deg   19.471 15.000 ? 226  'X-RAY DIFFRACTION' ? 
r_dihedral_angle_4_deg   15.466 15.000 ? 8    'X-RAY DIFFRACTION' ? 
r_chiral_restr           0.096  0.200  ? 194  'X-RAY DIFFRACTION' ? 
r_gen_planes_refined     0.004  0.020  ? 1027 'X-RAY DIFFRACTION' ? 
r_nbd_refined            0.207  0.200  ? 589  'X-RAY DIFFRACTION' ? 
r_nbtor_refined          0.313  0.200  ? 890  'X-RAY DIFFRACTION' ? 
r_xyhbond_nbd_refined    0.163  0.200  ? 75   'X-RAY DIFFRACTION' ? 
r_symmetry_vdw_refined   0.287  0.200  ? 48   'X-RAY DIFFRACTION' ? 
r_symmetry_hbond_refined 0.259  0.200  ? 7    'X-RAY DIFFRACTION' ? 
r_mcbond_it              0.553  1.500  ? 815  'X-RAY DIFFRACTION' ? 
r_mcangle_it             1.012  2.000  ? 1303 'X-RAY DIFFRACTION' ? 
r_scbond_it              1.267  3.000  ? 594  'X-RAY DIFFRACTION' ? 
r_scangle_it             2.150  4.500  ? 511  'X-RAY DIFFRACTION' ? 
# 
_refine_ls_shell.pdbx_total_number_of_bins_used   20 
_refine_ls_shell.d_res_high                       2.400 
_refine_ls_shell.d_res_low                        2.462 
_refine_ls_shell.number_reflns_R_work             482 
_refine_ls_shell.R_factor_R_work                  0.286 
_refine_ls_shell.percent_reflns_obs               100.00 
_refine_ls_shell.R_factor_R_free                  0.347 
_refine_ls_shell.R_factor_R_free_error            ? 
_refine_ls_shell.percent_reflns_R_free            ? 
_refine_ls_shell.number_reflns_R_free             26 
_refine_ls_shell.number_reflns_all                ? 
_refine_ls_shell.R_factor_all                     ? 
_refine_ls_shell.number_reflns_obs                ? 
_refine_ls_shell.redundancy_reflns_obs            ? 
_refine_ls_shell.pdbx_refine_id                   'X-RAY DIFFRACTION' 
# 
_struct.entry_id                  2OB4 
_struct.title                     'Human Ubiquitin-Conjugating Enzyme CDC34' 
_struct.pdbx_model_details        ? 
_struct.pdbx_CASP_flag            N 
_struct.pdbx_model_type_details   ? 
# 
_struct_keywords.entry_id        2OB4 
_struct_keywords.pdbx_keywords   LIGASE 
_struct_keywords.text            'LIGASE; UBL CONJUGATION PATHWAY; STRUCTURAL GENOMICS CONSORTIUM, SGC, LIGASE' 
# 
loop_
_struct_asym.id 
_struct_asym.pdbx_blank_PDB_chainid_flag 
_struct_asym.pdbx_modified 
_struct_asym.entity_id 
_struct_asym.details 
A N N 1 ? 
B N N 2 ? 
# 
_struct_ref.id                         1 
_struct_ref.db_name                    UNP 
_struct_ref.db_code                    UB2R1_HUMAN 
_struct_ref.pdbx_db_accession          P49427 
_struct_ref.entity_id                  1 
_struct_ref.pdbx_seq_one_letter_code   
;PSSQKALLLELKGLQEEPVEGFRVTLVDEGDLYNWEVAIFGPPNTYYEGGYFKARLKFPIDYPYSPPAFRFLTKMWHPNI
YETGDVCISILHPPVDDPQSGELPSERWNPTQNVRTILLSVISLLNEPNTFSPANVDASVMYRKWKESKGKDREYTDIIR
KQVLGTKVDAERDGVKVP
;
_struct_ref.pdbx_align_begin           7 
_struct_ref.pdbx_db_isoform            ? 
# 
_struct_ref_seq.align_id                      1 
_struct_ref_seq.ref_id                        1 
_struct_ref_seq.pdbx_PDB_id_code              2OB4 
_struct_ref_seq.pdbx_strand_id                A 
_struct_ref_seq.seq_align_beg                 3 
_struct_ref_seq.pdbx_seq_align_beg_ins_code   ? 
_struct_ref_seq.seq_align_end                 180 
_struct_ref_seq.pdbx_seq_align_end_ins_code   ? 
_struct_ref_seq.pdbx_db_accession             P49427 
_struct_ref_seq.db_align_beg                  7 
_struct_ref_seq.pdbx_db_align_beg_ins_code    ? 
_struct_ref_seq.db_align_end                  184 
_struct_ref_seq.pdbx_db_align_end_ins_code    ? 
_struct_ref_seq.pdbx_auth_seq_align_beg       7 
_struct_ref_seq.pdbx_auth_seq_align_end       184 
# 
loop_
_struct_ref_seq_dif.align_id 
_struct_ref_seq_dif.pdbx_pdb_id_code 
_struct_ref_seq_dif.mon_id 
_struct_ref_seq_dif.pdbx_pdb_strand_id 
_struct_ref_seq_dif.seq_num 
_struct_ref_seq_dif.pdbx_pdb_ins_code 
_struct_ref_seq_dif.pdbx_seq_db_name 
_struct_ref_seq_dif.pdbx_seq_db_accession_code 
_struct_ref_seq_dif.db_mon_id 
_struct_ref_seq_dif.pdbx_seq_db_seq_num 
_struct_ref_seq_dif.details 
_struct_ref_seq_dif.pdbx_auth_seq_num 
_struct_ref_seq_dif.pdbx_ordinal 
1 2OB4 GLY A 1 ? UNP P49427 ? ? 'cloning artifact' 5 1 
1 2OB4 SER A 2 ? UNP P49427 ? ? 'cloning artifact' 6 2 
# 
_pdbx_struct_assembly.id                   1 
_pdbx_struct_assembly.details              author_defined_assembly 
_pdbx_struct_assembly.method_details       ? 
_pdbx_struct_assembly.oligomeric_details   monomeric 
_pdbx_struct_assembly.oligomeric_count     1 
# 
_pdbx_struct_assembly_gen.assembly_id       1 
_pdbx_struct_assembly_gen.oper_expression   1 
_pdbx_struct_assembly_gen.asym_id_list      A,B 
# 
_pdbx_struct_oper_list.id                   1 
_pdbx_struct_oper_list.type                 'identity operation' 
_pdbx_struct_oper_list.name                 1_555 
_pdbx_struct_oper_list.symmetry_operation   x,y,z 
_pdbx_struct_oper_list.matrix[1][1]         1.0000000000 
_pdbx_struct_oper_list.matrix[1][2]         0.0000000000 
_pdbx_struct_oper_list.matrix[1][3]         0.0000000000 
_pdbx_struct_oper_list.vector[1]            0.0000000000 
_pdbx_struct_oper_list.matrix[2][1]         0.0000000000 
_pdbx_struct_oper_list.matrix[2][2]         1.0000000000 
_pdbx_struct_oper_list.matrix[2][3]         0.0000000000 
_pdbx_struct_oper_list.vector[2]            0.0000000000 
_pdbx_struct_oper_list.matrix[3][1]         0.0000000000 
_pdbx_struct_oper_list.matrix[3][2]         0.0000000000 
_pdbx_struct_oper_list.matrix[3][3]         1.0000000000 
_pdbx_struct_oper_list.vector[3]            0.0000000000 
# 
_struct_biol.id   1 
# 
loop_
_struct_conf.conf_type_id 
_struct_conf.id 
_struct_conf.pdbx_PDB_helix_id 
_struct_conf.beg_label_comp_id 
_struct_conf.beg_label_asym_id 
_struct_conf.beg_label_seq_id 
_struct_conf.pdbx_beg_PDB_ins_code 
_struct_conf.end_label_comp_id 
_struct_conf.end_label_asym_id 
_struct_conf.end_label_seq_id 
_struct_conf.pdbx_end_PDB_ins_code 
_struct_conf.beg_auth_comp_id 
_struct_conf.beg_auth_asym_id 
_struct_conf.beg_auth_seq_id 
_struct_conf.end_auth_comp_id 
_struct_conf.end_auth_asym_id 
_struct_conf.end_auth_seq_id 
_struct_conf.pdbx_PDB_helix_class 
_struct_conf.details 
_struct_conf.pdbx_PDB_helix_length 
HELX_P HELX_P1 1 SER A 5  ? GLU A 19 ? SER A 9  GLU A 23 1 ? 15 
HELX_P HELX_P2 2 CYS A 89 ? HIS A 94 ? CYS A 93 HIS A 98 1 ? 6  
# 
_struct_conf_type.id          HELX_P 
_struct_conf_type.criteria    ? 
_struct_conf_type.reference   ? 
# 
_struct_conn.id                            disulf1 
_struct_conn.conn_type_id                  disulf 
_struct_conn.pdbx_leaving_atom_flag        ? 
_struct_conn.pdbx_PDB_id                   ? 
_struct_conn.ptnr1_label_asym_id           A 
_struct_conn.ptnr1_label_comp_id           CYS 
_struct_conn.ptnr1_label_seq_id            89 
_struct_conn.ptnr1_label_atom_id           SG 
_struct_conn.pdbx_ptnr1_label_alt_id       ? 
_struct_conn.pdbx_ptnr1_PDB_ins_code       ? 
_struct_conn.pdbx_ptnr1_standard_comp_id   ? 
_struct_conn.ptnr1_symmetry                1_555 
_struct_conn.ptnr2_label_asym_id           A 
_struct_conn.ptnr2_label_comp_id           CYS 
_struct_conn.ptnr2_label_seq_id            89 
_struct_conn.ptnr2_label_atom_id           SG 
_struct_conn.pdbx_ptnr2_label_alt_id       ? 
_struct_conn.pdbx_ptnr2_PDB_ins_code       ? 
_struct_conn.ptnr1_auth_asym_id            A 
_struct_conn.ptnr1_auth_comp_id            CYS 
_struct_conn.ptnr1_auth_seq_id             93 
_struct_conn.ptnr2_auth_asym_id            A 
_struct_conn.ptnr2_auth_comp_id            CYS 
_struct_conn.ptnr2_auth_seq_id             93 
_struct_conn.ptnr2_symmetry                2_655 
_struct_conn.pdbx_ptnr3_label_atom_id      ? 
_struct_conn.pdbx_ptnr3_label_seq_id       ? 
_struct_conn.pdbx_ptnr3_label_comp_id      ? 
_struct_conn.pdbx_ptnr3_label_asym_id      ? 
_struct_conn.pdbx_ptnr3_label_alt_id       ? 
_struct_conn.pdbx_ptnr3_PDB_ins_code       ? 
_struct_conn.details                       ? 
_struct_conn.pdbx_dist_value               2.393 
_struct_conn.pdbx_value_order              ? 
_struct_conn.pdbx_role                     ? 
# 
_struct_conn_type.id          disulf 
_struct_conn_type.criteria    ? 
_struct_conn_type.reference   ? 
# 
_pdbx_modification_feature.ordinal                            1 
_pdbx_modification_feature.label_comp_id                      CYS 
_pdbx_modification_feature.label_asym_id                      A 
_pdbx_modification_feature.label_seq_id                       89 
_pdbx_modification_feature.label_alt_id                       ? 
_pdbx_modification_feature.modified_residue_label_comp_id     CYS 
_pdbx_modification_feature.modified_residue_label_asym_id     A 
_pdbx_modification_feature.modified_residue_label_seq_id      89 
_pdbx_modification_feature.modified_residue_label_alt_id      ? 
_pdbx_modification_feature.auth_comp_id                       CYS 
_pdbx_modification_feature.auth_asym_id                       A 
_pdbx_modification_feature.auth_seq_id                        93 
_pdbx_modification_feature.PDB_ins_code                       ? 
_pdbx_modification_feature.symmetry                           1_555 
_pdbx_modification_feature.modified_residue_auth_comp_id      CYS 
_pdbx_modification_feature.modified_residue_auth_asym_id      A 
_pdbx_modification_feature.modified_residue_auth_seq_id       93 
_pdbx_modification_feature.modified_residue_PDB_ins_code      ? 
_pdbx_modification_feature.modified_residue_symmetry          2_655 
_pdbx_modification_feature.comp_id_linking_atom               SG 
_pdbx_modification_feature.modified_residue_id_linking_atom   SG 
_pdbx_modification_feature.modified_residue_id                . 
_pdbx_modification_feature.ref_pcm_id                         . 
_pdbx_modification_feature.ref_comp_id                        . 
_pdbx_modification_feature.type                               None 
_pdbx_modification_feature.category                           'Disulfide bridge' 
# 
_struct_mon_prot_cis.pdbx_id                1 
_struct_mon_prot_cis.label_comp_id          TYR 
_struct_mon_prot_cis.label_seq_id           64 
_struct_mon_prot_cis.label_asym_id          A 
_struct_mon_prot_cis.label_alt_id           . 
_struct_mon_prot_cis.pdbx_PDB_ins_code      ? 
_struct_mon_prot_cis.auth_comp_id           TYR 
_struct_mon_prot_cis.auth_seq_id            68 
_struct_mon_prot_cis.auth_asym_id           A 
_struct_mon_prot_cis.pdbx_label_comp_id_2   PRO 
_struct_mon_prot_cis.pdbx_label_seq_id_2    65 
_struct_mon_prot_cis.pdbx_label_asym_id_2   A 
_struct_mon_prot_cis.pdbx_PDB_ins_code_2    ? 
_struct_mon_prot_cis.pdbx_auth_comp_id_2    PRO 
_struct_mon_prot_cis.pdbx_auth_seq_id_2     69 
_struct_mon_prot_cis.pdbx_auth_asym_id_2    A 
_struct_mon_prot_cis.pdbx_PDB_model_num     1 
_struct_mon_prot_cis.pdbx_omega_angle       -3.78 
# 
_struct_sheet.id               A 
_struct_sheet.type             ? 
_struct_sheet.number_strands   5 
_struct_sheet.details          ? 
# 
loop_
_struct_sheet_order.sheet_id 
_struct_sheet_order.range_id_1 
_struct_sheet_order.range_id_2 
_struct_sheet_order.offset 
_struct_sheet_order.sense 
A 1 2 ? anti-parallel 
A 2 3 ? anti-parallel 
A 3 4 ? anti-parallel 
A 4 5 ? anti-parallel 
# 
loop_
_struct_sheet_range.sheet_id 
_struct_sheet_range.id 
_struct_sheet_range.beg_label_comp_id 
_struct_sheet_range.beg_label_asym_id 
_struct_sheet_range.beg_label_seq_id 
_struct_sheet_range.pdbx_beg_PDB_ins_code 
_struct_sheet_range.end_label_comp_id 
_struct_sheet_range.end_label_asym_id 
_struct_sheet_range.end_label_seq_id 
_struct_sheet_range.pdbx_end_PDB_ins_code 
_struct_sheet_range.beg_auth_comp_id 
_struct_sheet_range.beg_auth_asym_id 
_struct_sheet_range.beg_auth_seq_id 
_struct_sheet_range.end_auth_comp_id 
_struct_sheet_range.end_auth_asym_id 
_struct_sheet_range.end_auth_seq_id 
A 1 PHE A 24 ? LEU A 28 ? PHE A 28 LEU A 32 
A 2 ASN A 36 ? PHE A 42 ? ASN A 40 PHE A 46 
A 3 TYR A 53 ? LYS A 59 ? TYR A 57 LYS A 63 
A 4 ALA A 70 ? PHE A 73 ? ALA A 74 PHE A 77 
A 5 ASP A 87 ? VAL A 88 ? ASP A 91 VAL A 92 
# 
loop_
_pdbx_struct_sheet_hbond.sheet_id 
_pdbx_struct_sheet_hbond.range_id_1 
_pdbx_struct_sheet_hbond.range_id_2 
_pdbx_struct_sheet_hbond.range_1_label_atom_id 
_pdbx_struct_sheet_hbond.range_1_label_comp_id 
_pdbx_struct_sheet_hbond.range_1_label_asym_id 
_pdbx_struct_sheet_hbond.range_1_label_seq_id 
_pdbx_struct_sheet_hbond.range_1_PDB_ins_code 
_pdbx_struct_sheet_hbond.range_1_auth_atom_id 
_pdbx_struct_sheet_hbond.range_1_auth_comp_id 
_pdbx_struct_sheet_hbond.range_1_auth_asym_id 
_pdbx_struct_sheet_hbond.range_1_auth_seq_id 
_pdbx_struct_sheet_hbond.range_2_label_atom_id 
_pdbx_struct_sheet_hbond.range_2_label_comp_id 
_pdbx_struct_sheet_hbond.range_2_label_asym_id 
_pdbx_struct_sheet_hbond.range_2_label_seq_id 
_pdbx_struct_sheet_hbond.range_2_PDB_ins_code 
_pdbx_struct_sheet_hbond.range_2_auth_atom_id 
_pdbx_struct_sheet_hbond.range_2_auth_comp_id 
_pdbx_struct_sheet_hbond.range_2_auth_asym_id 
_pdbx_struct_sheet_hbond.range_2_auth_seq_id 
A 1 2 N ARG A 25 ? N ARG A 29 O ALA A 40 ? O ALA A 44 
A 2 3 N ILE A 41 ? N ILE A 45 O PHE A 54 ? O PHE A 58 
A 3 4 N ARG A 57 ? N ARG A 61 O ARG A 72 ? O ARG A 76 
A 4 5 N PHE A 71 ? N PHE A 75 O VAL A 88 ? O VAL A 92 
# 
_pdbx_entry_details.entry_id                   2OB4 
_pdbx_entry_details.compound_details           ? 
_pdbx_entry_details.source_details             ? 
_pdbx_entry_details.nonpolymer_details         ? 
_pdbx_entry_details.sequence_details           ? 
_pdbx_entry_details.has_ligand_of_interest     ? 
_pdbx_entry_details.has_protein_modification   Y 
# 
_pdbx_validate_rmsd_angle.id                         1 
_pdbx_validate_rmsd_angle.PDB_model_num              1 
_pdbx_validate_rmsd_angle.auth_atom_id_1             CA 
_pdbx_validate_rmsd_angle.auth_asym_id_1             A 
_pdbx_validate_rmsd_angle.auth_comp_id_1             LEU 
_pdbx_validate_rmsd_angle.auth_seq_id_1              170 
_pdbx_validate_rmsd_angle.PDB_ins_code_1             ? 
_pdbx_validate_rmsd_angle.label_alt_id_1             ? 
_pdbx_validate_rmsd_angle.auth_atom_id_2             CB 
_pdbx_validate_rmsd_angle.auth_asym_id_2             A 
_pdbx_validate_rmsd_angle.auth_comp_id_2             LEU 
_pdbx_validate_rmsd_angle.auth_seq_id_2              170 
_pdbx_validate_rmsd_angle.PDB_ins_code_2             ? 
_pdbx_validate_rmsd_angle.label_alt_id_2             ? 
_pdbx_validate_rmsd_angle.auth_atom_id_3             CG 
_pdbx_validate_rmsd_angle.auth_asym_id_3             A 
_pdbx_validate_rmsd_angle.auth_comp_id_3             LEU 
_pdbx_validate_rmsd_angle.auth_seq_id_3              170 
_pdbx_validate_rmsd_angle.PDB_ins_code_3             ? 
_pdbx_validate_rmsd_angle.label_alt_id_3             ? 
_pdbx_validate_rmsd_angle.angle_value                129.57 
_pdbx_validate_rmsd_angle.angle_target_value         115.30 
_pdbx_validate_rmsd_angle.angle_deviation            14.27 
_pdbx_validate_rmsd_angle.angle_standard_deviation   2.30 
_pdbx_validate_rmsd_angle.linker_flag                N 
# 
loop_
_pdbx_validate_torsion.id 
_pdbx_validate_torsion.PDB_model_num 
_pdbx_validate_torsion.auth_comp_id 
_pdbx_validate_torsion.auth_asym_id 
_pdbx_validate_torsion.auth_seq_id 
_pdbx_validate_torsion.PDB_ins_code 
_pdbx_validate_torsion.label_alt_id 
_pdbx_validate_torsion.phi 
_pdbx_validate_torsion.psi 
1 1 GLU A 35  ? ? -55.11  -7.20  
2 1 ALA A 176 ? ? -97.56  49.43  
3 1 GLU A 177 ? ? -140.48 -32.54 
4 1 ASP A 179 ? ? -133.46 -62.28 
# 
_pdbx_SG_project.id                    1 
_pdbx_SG_project.project_name          ? 
_pdbx_SG_project.full_name_of_center   'Structural Genomics Consortium' 
_pdbx_SG_project.initial_of_center     SGC 
# 
loop_
_pdbx_struct_special_symmetry.id 
_pdbx_struct_special_symmetry.PDB_model_num 
_pdbx_struct_special_symmetry.auth_asym_id 
_pdbx_struct_special_symmetry.auth_comp_id 
_pdbx_struct_special_symmetry.auth_seq_id 
_pdbx_struct_special_symmetry.PDB_ins_code 
_pdbx_struct_special_symmetry.label_asym_id 
_pdbx_struct_special_symmetry.label_comp_id 
_pdbx_struct_special_symmetry.label_seq_id 
1 1 A HOH 185 ? B HOH . 
2 1 A HOH 232 ? B HOH . 
# 
loop_
_pdbx_unobs_or_zero_occ_residues.id 
_pdbx_unobs_or_zero_occ_residues.PDB_model_num 
_pdbx_unobs_or_zero_occ_residues.polymer_flag 
_pdbx_unobs_or_zero_occ_residues.occupancy_flag 
_pdbx_unobs_or_zero_occ_residues.auth_asym_id 
_pdbx_unobs_or_zero_occ_residues.auth_comp_id 
_pdbx_unobs_or_zero_occ_residues.auth_seq_id 
_pdbx_unobs_or_zero_occ_residues.PDB_ins_code 
_pdbx_unobs_or_zero_occ_residues.label_asym_id 
_pdbx_unobs_or_zero_occ_residues.label_comp_id 
_pdbx_unobs_or_zero_occ_residues.label_seq_id 
1  1 Y 1 A GLY 5   ? A GLY 1   
2  1 Y 1 A SER 6   ? A SER 2   
3  1 Y 1 A PRO 7   ? A PRO 3   
4  1 Y 1 A SER 8   ? A SER 4   
5  1 Y 1 A ASP 102 ? A ASP 98  
6  1 Y 1 A ASP 103 ? A ASP 99  
7  1 Y 1 A PRO 104 ? A PRO 100 
8  1 Y 1 A GLN 105 ? A GLN 101 
9  1 Y 1 A SER 106 ? A SER 102 
10 1 Y 1 A GLY 107 ? A GLY 103 
11 1 Y 1 A GLU 108 ? A GLU 104 
12 1 Y 1 A LEU 109 ? A LEU 105 
13 1 Y 1 A PRO 110 ? A PRO 106 
14 1 Y 1 A SER 111 ? A SER 107 
15 1 Y 1 A GLU 112 ? A GLU 108 
16 1 Y 1 A ARG 113 ? A ARG 109 
17 1 Y 1 A TRP 114 ? A TRP 110 
18 1 Y 1 A ASN 115 ? A ASN 111 
19 1 Y 1 A PRO 116 ? A PRO 112 
20 1 Y 1 A THR 117 ? A THR 113 
21 1 Y 1 A LYS 182 ? A LYS 178 
22 1 Y 1 A VAL 183 ? A VAL 179 
23 1 Y 1 A PRO 184 ? A PRO 180 
# 
loop_
_chem_comp_atom.comp_id 
_chem_comp_atom.atom_id 
_chem_comp_atom.type_symbol 
_chem_comp_atom.pdbx_aromatic_flag 
_chem_comp_atom.pdbx_stereo_config 
_chem_comp_atom.pdbx_ordinal 
ALA N    N N N 1   
ALA CA   C N S 2   
ALA C    C N N 3   
ALA O    O N N 4   
ALA CB   C N N 5   
ALA OXT  O N N 6   
ALA H    H N N 7   
ALA H2   H N N 8   
ALA HA   H N N 9   
ALA HB1  H N N 10  
ALA HB2  H N N 11  
ALA HB3  H N N 12  
ALA HXT  H N N 13  
ARG N    N N N 14  
ARG CA   C N S 15  
ARG C    C N N 16  
ARG O    O N N 17  
ARG CB   C N N 18  
ARG CG   C N N 19  
ARG CD   C N N 20  
ARG NE   N N N 21  
ARG CZ   C N N 22  
ARG NH1  N N N 23  
ARG NH2  N N N 24  
ARG OXT  O N N 25  
ARG H    H N N 26  
ARG H2   H N N 27  
ARG HA   H N N 28  
ARG HB2  H N N 29  
ARG HB3  H N N 30  
ARG HG2  H N N 31  
ARG HG3  H N N 32  
ARG HD2  H N N 33  
ARG HD3  H N N 34  
ARG HE   H N N 35  
ARG HH11 H N N 36  
ARG HH12 H N N 37  
ARG HH21 H N N 38  
ARG HH22 H N N 39  
ARG HXT  H N N 40  
ASN N    N N N 41  
ASN CA   C N S 42  
ASN C    C N N 43  
ASN O    O N N 44  
ASN CB   C N N 45  
ASN CG   C N N 46  
ASN OD1  O N N 47  
ASN ND2  N N N 48  
ASN OXT  O N N 49  
ASN H    H N N 50  
ASN H2   H N N 51  
ASN HA   H N N 52  
ASN HB2  H N N 53  
ASN HB3  H N N 54  
ASN HD21 H N N 55  
ASN HD22 H N N 56  
ASN HXT  H N N 57  
ASP N    N N N 58  
ASP CA   C N S 59  
ASP C    C N N 60  
ASP O    O N N 61  
ASP CB   C N N 62  
ASP CG   C N N 63  
ASP OD1  O N N 64  
ASP OD2  O N N 65  
ASP OXT  O N N 66  
ASP H    H N N 67  
ASP H2   H N N 68  
ASP HA   H N N 69  
ASP HB2  H N N 70  
ASP HB3  H N N 71  
ASP HD2  H N N 72  
ASP HXT  H N N 73  
CYS N    N N N 74  
CYS CA   C N R 75  
CYS C    C N N 76  
CYS O    O N N 77  
CYS CB   C N N 78  
CYS SG   S N N 79  
CYS OXT  O N N 80  
CYS H    H N N 81  
CYS H2   H N N 82  
CYS HA   H N N 83  
CYS HB2  H N N 84  
CYS HB3  H N N 85  
CYS HG   H N N 86  
CYS HXT  H N N 87  
GLN N    N N N 88  
GLN CA   C N S 89  
GLN C    C N N 90  
GLN O    O N N 91  
GLN CB   C N N 92  
GLN CG   C N N 93  
GLN CD   C N N 94  
GLN OE1  O N N 95  
GLN NE2  N N N 96  
GLN OXT  O N N 97  
GLN H    H N N 98  
GLN H2   H N N 99  
GLN HA   H N N 100 
GLN HB2  H N N 101 
GLN HB3  H N N 102 
GLN HG2  H N N 103 
GLN HG3  H N N 104 
GLN HE21 H N N 105 
GLN HE22 H N N 106 
GLN HXT  H N N 107 
GLU N    N N N 108 
GLU CA   C N S 109 
GLU C    C N N 110 
GLU O    O N N 111 
GLU CB   C N N 112 
GLU CG   C N N 113 
GLU CD   C N N 114 
GLU OE1  O N N 115 
GLU OE2  O N N 116 
GLU OXT  O N N 117 
GLU H    H N N 118 
GLU H2   H N N 119 
GLU HA   H N N 120 
GLU HB2  H N N 121 
GLU HB3  H N N 122 
GLU HG2  H N N 123 
GLU HG3  H N N 124 
GLU HE2  H N N 125 
GLU HXT  H N N 126 
GLY N    N N N 127 
GLY CA   C N N 128 
GLY C    C N N 129 
GLY O    O N N 130 
GLY OXT  O N N 131 
GLY H    H N N 132 
GLY H2   H N N 133 
GLY HA2  H N N 134 
GLY HA3  H N N 135 
GLY HXT  H N N 136 
HIS N    N N N 137 
HIS CA   C N S 138 
HIS C    C N N 139 
HIS O    O N N 140 
HIS CB   C N N 141 
HIS CG   C Y N 142 
HIS ND1  N Y N 143 
HIS CD2  C Y N 144 
HIS CE1  C Y N 145 
HIS NE2  N Y N 146 
HIS OXT  O N N 147 
HIS H    H N N 148 
HIS H2   H N N 149 
HIS HA   H N N 150 
HIS HB2  H N N 151 
HIS HB3  H N N 152 
HIS HD1  H N N 153 
HIS HD2  H N N 154 
HIS HE1  H N N 155 
HIS HE2  H N N 156 
HIS HXT  H N N 157 
HOH O    O N N 158 
HOH H1   H N N 159 
HOH H2   H N N 160 
ILE N    N N N 161 
ILE CA   C N S 162 
ILE C    C N N 163 
ILE O    O N N 164 
ILE CB   C N S 165 
ILE CG1  C N N 166 
ILE CG2  C N N 167 
ILE CD1  C N N 168 
ILE OXT  O N N 169 
ILE H    H N N 170 
ILE H2   H N N 171 
ILE HA   H N N 172 
ILE HB   H N N 173 
ILE HG12 H N N 174 
ILE HG13 H N N 175 
ILE HG21 H N N 176 
ILE HG22 H N N 177 
ILE HG23 H N N 178 
ILE HD11 H N N 179 
ILE HD12 H N N 180 
ILE HD13 H N N 181 
ILE HXT  H N N 182 
LEU N    N N N 183 
LEU CA   C N S 184 
LEU C    C N N 185 
LEU O    O N N 186 
LEU CB   C N N 187 
LEU CG   C N N 188 
LEU CD1  C N N 189 
LEU CD2  C N N 190 
LEU OXT  O N N 191 
LEU H    H N N 192 
LEU H2   H N N 193 
LEU HA   H N N 194 
LEU HB2  H N N 195 
LEU HB3  H N N 196 
LEU HG   H N N 197 
LEU HD11 H N N 198 
LEU HD12 H N N 199 
LEU HD13 H N N 200 
LEU HD21 H N N 201 
LEU HD22 H N N 202 
LEU HD23 H N N 203 
LEU HXT  H N N 204 
LYS N    N N N 205 
LYS CA   C N S 206 
LYS C    C N N 207 
LYS O    O N N 208 
LYS CB   C N N 209 
LYS CG   C N N 210 
LYS CD   C N N 211 
LYS CE   C N N 212 
LYS NZ   N N N 213 
LYS OXT  O N N 214 
LYS H    H N N 215 
LYS H2   H N N 216 
LYS HA   H N N 217 
LYS HB2  H N N 218 
LYS HB3  H N N 219 
LYS HG2  H N N 220 
LYS HG3  H N N 221 
LYS HD2  H N N 222 
LYS HD3  H N N 223 
LYS HE2  H N N 224 
LYS HE3  H N N 225 
LYS HZ1  H N N 226 
LYS HZ2  H N N 227 
LYS HZ3  H N N 228 
LYS HXT  H N N 229 
MET N    N N N 230 
MET CA   C N S 231 
MET C    C N N 232 
MET O    O N N 233 
MET CB   C N N 234 
MET CG   C N N 235 
MET SD   S N N 236 
MET CE   C N N 237 
MET OXT  O N N 238 
MET H    H N N 239 
MET H2   H N N 240 
MET HA   H N N 241 
MET HB2  H N N 242 
MET HB3  H N N 243 
MET HG2  H N N 244 
MET HG3  H N N 245 
MET HE1  H N N 246 
MET HE2  H N N 247 
MET HE3  H N N 248 
MET HXT  H N N 249 
PHE N    N N N 250 
PHE CA   C N S 251 
PHE C    C N N 252 
PHE O    O N N 253 
PHE CB   C N N 254 
PHE CG   C Y N 255 
PHE CD1  C Y N 256 
PHE CD2  C Y N 257 
PHE CE1  C Y N 258 
PHE CE2  C Y N 259 
PHE CZ   C Y N 260 
PHE OXT  O N N 261 
PHE H    H N N 262 
PHE H2   H N N 263 
PHE HA   H N N 264 
PHE HB2  H N N 265 
PHE HB3  H N N 266 
PHE HD1  H N N 267 
PHE HD2  H N N 268 
PHE HE1  H N N 269 
PHE HE2  H N N 270 
PHE HZ   H N N 271 
PHE HXT  H N N 272 
PRO N    N N N 273 
PRO CA   C N S 274 
PRO C    C N N 275 
PRO O    O N N 276 
PRO CB   C N N 277 
PRO CG   C N N 278 
PRO CD   C N N 279 
PRO OXT  O N N 280 
PRO H    H N N 281 
PRO HA   H N N 282 
PRO HB2  H N N 283 
PRO HB3  H N N 284 
PRO HG2  H N N 285 
PRO HG3  H N N 286 
PRO HD2  H N N 287 
PRO HD3  H N N 288 
PRO HXT  H N N 289 
SER N    N N N 290 
SER CA   C N S 291 
SER C    C N N 292 
SER O    O N N 293 
SER CB   C N N 294 
SER OG   O N N 295 
SER OXT  O N N 296 
SER H    H N N 297 
SER H2   H N N 298 
SER HA   H N N 299 
SER HB2  H N N 300 
SER HB3  H N N 301 
SER HG   H N N 302 
SER HXT  H N N 303 
THR N    N N N 304 
THR CA   C N S 305 
THR C    C N N 306 
THR O    O N N 307 
THR CB   C N R 308 
THR OG1  O N N 309 
THR CG2  C N N 310 
THR OXT  O N N 311 
THR H    H N N 312 
THR H2   H N N 313 
THR HA   H N N 314 
THR HB   H N N 315 
THR HG1  H N N 316 
THR HG21 H N N 317 
THR HG22 H N N 318 
THR HG23 H N N 319 
THR HXT  H N N 320 
TRP N    N N N 321 
TRP CA   C N S 322 
TRP C    C N N 323 
TRP O    O N N 324 
TRP CB   C N N 325 
TRP CG   C Y N 326 
TRP CD1  C Y N 327 
TRP CD2  C Y N 328 
TRP NE1  N Y N 329 
TRP CE2  C Y N 330 
TRP CE3  C Y N 331 
TRP CZ2  C Y N 332 
TRP CZ3  C Y N 333 
TRP CH2  C Y N 334 
TRP OXT  O N N 335 
TRP H    H N N 336 
TRP H2   H N N 337 
TRP HA   H N N 338 
TRP HB2  H N N 339 
TRP HB3  H N N 340 
TRP HD1  H N N 341 
TRP HE1  H N N 342 
TRP HE3  H N N 343 
TRP HZ2  H N N 344 
TRP HZ3  H N N 345 
TRP HH2  H N N 346 
TRP HXT  H N N 347 
TYR N    N N N 348 
TYR CA   C N S 349 
TYR C    C N N 350 
TYR O    O N N 351 
TYR CB   C N N 352 
TYR CG   C Y N 353 
TYR CD1  C Y N 354 
TYR CD2  C Y N 355 
TYR CE1  C Y N 356 
TYR CE2  C Y N 357 
TYR CZ   C Y N 358 
TYR OH   O N N 359 
TYR OXT  O N N 360 
TYR H    H N N 361 
TYR H2   H N N 362 
TYR HA   H N N 363 
TYR HB2  H N N 364 
TYR HB3  H N N 365 
TYR HD1  H N N 366 
TYR HD2  H N N 367 
TYR HE1  H N N 368 
TYR HE2  H N N 369 
TYR HH   H N N 370 
TYR HXT  H N N 371 
VAL N    N N N 372 
VAL CA   C N S 373 
VAL C    C N N 374 
VAL O    O N N 375 
VAL CB   C N N 376 
VAL CG1  C N N 377 
VAL CG2  C N N 378 
VAL OXT  O N N 379 
VAL H    H N N 380 
VAL H2   H N N 381 
VAL HA   H N N 382 
VAL HB   H N N 383 
VAL HG11 H N N 384 
VAL HG12 H N N 385 
VAL HG13 H N N 386 
VAL HG21 H N N 387 
VAL HG22 H N N 388 
VAL HG23 H N N 389 
VAL HXT  H N N 390 
# 
loop_
_chem_comp_bond.comp_id 
_chem_comp_bond.atom_id_1 
_chem_comp_bond.atom_id_2 
_chem_comp_bond.value_order 
_chem_comp_bond.pdbx_aromatic_flag 
_chem_comp_bond.pdbx_stereo_config 
_chem_comp_bond.pdbx_ordinal 
ALA N   CA   sing N N 1   
ALA N   H    sing N N 2   
ALA N   H2   sing N N 3   
ALA CA  C    sing N N 4   
ALA CA  CB   sing N N 5   
ALA CA  HA   sing N N 6   
ALA C   O    doub N N 7   
ALA C   OXT  sing N N 8   
ALA CB  HB1  sing N N 9   
ALA CB  HB2  sing N N 10  
ALA CB  HB3  sing N N 11  
ALA OXT HXT  sing N N 12  
ARG N   CA   sing N N 13  
ARG N   H    sing N N 14  
ARG N   H2   sing N N 15  
ARG CA  C    sing N N 16  
ARG CA  CB   sing N N 17  
ARG CA  HA   sing N N 18  
ARG C   O    doub N N 19  
ARG C   OXT  sing N N 20  
ARG CB  CG   sing N N 21  
ARG CB  HB2  sing N N 22  
ARG CB  HB3  sing N N 23  
ARG CG  CD   sing N N 24  
ARG CG  HG2  sing N N 25  
ARG CG  HG3  sing N N 26  
ARG CD  NE   sing N N 27  
ARG CD  HD2  sing N N 28  
ARG CD  HD3  sing N N 29  
ARG NE  CZ   sing N N 30  
ARG NE  HE   sing N N 31  
ARG CZ  NH1  sing N N 32  
ARG CZ  NH2  doub N N 33  
ARG NH1 HH11 sing N N 34  
ARG NH1 HH12 sing N N 35  
ARG NH2 HH21 sing N N 36  
ARG NH2 HH22 sing N N 37  
ARG OXT HXT  sing N N 38  
ASN N   CA   sing N N 39  
ASN N   H    sing N N 40  
ASN N   H2   sing N N 41  
ASN CA  C    sing N N 42  
ASN CA  CB   sing N N 43  
ASN CA  HA   sing N N 44  
ASN C   O    doub N N 45  
ASN C   OXT  sing N N 46  
ASN CB  CG   sing N N 47  
ASN CB  HB2  sing N N 48  
ASN CB  HB3  sing N N 49  
ASN CG  OD1  doub N N 50  
ASN CG  ND2  sing N N 51  
ASN ND2 HD21 sing N N 52  
ASN ND2 HD22 sing N N 53  
ASN OXT HXT  sing N N 54  
ASP N   CA   sing N N 55  
ASP N   H    sing N N 56  
ASP N   H2   sing N N 57  
ASP CA  C    sing N N 58  
ASP CA  CB   sing N N 59  
ASP CA  HA   sing N N 60  
ASP C   O    doub N N 61  
ASP C   OXT  sing N N 62  
ASP CB  CG   sing N N 63  
ASP CB  HB2  sing N N 64  
ASP CB  HB3  sing N N 65  
ASP CG  OD1  doub N N 66  
ASP CG  OD2  sing N N 67  
ASP OD2 HD2  sing N N 68  
ASP OXT HXT  sing N N 69  
CYS N   CA   sing N N 70  
CYS N   H    sing N N 71  
CYS N   H2   sing N N 72  
CYS CA  C    sing N N 73  
CYS CA  CB   sing N N 74  
CYS CA  HA   sing N N 75  
CYS C   O    doub N N 76  
CYS C   OXT  sing N N 77  
CYS CB  SG   sing N N 78  
CYS CB  HB2  sing N N 79  
CYS CB  HB3  sing N N 80  
CYS SG  HG   sing N N 81  
CYS OXT HXT  sing N N 82  
GLN N   CA   sing N N 83  
GLN N   H    sing N N 84  
GLN N   H2   sing N N 85  
GLN CA  C    sing N N 86  
GLN CA  CB   sing N N 87  
GLN CA  HA   sing N N 88  
GLN C   O    doub N N 89  
GLN C   OXT  sing N N 90  
GLN CB  CG   sing N N 91  
GLN CB  HB2  sing N N 92  
GLN CB  HB3  sing N N 93  
GLN CG  CD   sing N N 94  
GLN CG  HG2  sing N N 95  
GLN CG  HG3  sing N N 96  
GLN CD  OE1  doub N N 97  
GLN CD  NE2  sing N N 98  
GLN NE2 HE21 sing N N 99  
GLN NE2 HE22 sing N N 100 
GLN OXT HXT  sing N N 101 
GLU N   CA   sing N N 102 
GLU N   H    sing N N 103 
GLU N   H2   sing N N 104 
GLU CA  C    sing N N 105 
GLU CA  CB   sing N N 106 
GLU CA  HA   sing N N 107 
GLU C   O    doub N N 108 
GLU C   OXT  sing N N 109 
GLU CB  CG   sing N N 110 
GLU CB  HB2  sing N N 111 
GLU CB  HB3  sing N N 112 
GLU CG  CD   sing N N 113 
GLU CG  HG2  sing N N 114 
GLU CG  HG3  sing N N 115 
GLU CD  OE1  doub N N 116 
GLU CD  OE2  sing N N 117 
GLU OE2 HE2  sing N N 118 
GLU OXT HXT  sing N N 119 
GLY N   CA   sing N N 120 
GLY N   H    sing N N 121 
GLY N   H2   sing N N 122 
GLY CA  C    sing N N 123 
GLY CA  HA2  sing N N 124 
GLY CA  HA3  sing N N 125 
GLY C   O    doub N N 126 
GLY C   OXT  sing N N 127 
GLY OXT HXT  sing N N 128 
HIS N   CA   sing N N 129 
HIS N   H    sing N N 130 
HIS N   H2   sing N N 131 
HIS CA  C    sing N N 132 
HIS CA  CB   sing N N 133 
HIS CA  HA   sing N N 134 
HIS C   O    doub N N 135 
HIS C   OXT  sing N N 136 
HIS CB  CG   sing N N 137 
HIS CB  HB2  sing N N 138 
HIS CB  HB3  sing N N 139 
HIS CG  ND1  sing Y N 140 
HIS CG  CD2  doub Y N 141 
HIS ND1 CE1  doub Y N 142 
HIS ND1 HD1  sing N N 143 
HIS CD2 NE2  sing Y N 144 
HIS CD2 HD2  sing N N 145 
HIS CE1 NE2  sing Y N 146 
HIS CE1 HE1  sing N N 147 
HIS NE2 HE2  sing N N 148 
HIS OXT HXT  sing N N 149 
HOH O   H1   sing N N 150 
HOH O   H2   sing N N 151 
ILE N   CA   sing N N 152 
ILE N   H    sing N N 153 
ILE N   H2   sing N N 154 
ILE CA  C    sing N N 155 
ILE CA  CB   sing N N 156 
ILE CA  HA   sing N N 157 
ILE C   O    doub N N 158 
ILE C   OXT  sing N N 159 
ILE CB  CG1  sing N N 160 
ILE CB  CG2  sing N N 161 
ILE CB  HB   sing N N 162 
ILE CG1 CD1  sing N N 163 
ILE CG1 HG12 sing N N 164 
ILE CG1 HG13 sing N N 165 
ILE CG2 HG21 sing N N 166 
ILE CG2 HG22 sing N N 167 
ILE CG2 HG23 sing N N 168 
ILE CD1 HD11 sing N N 169 
ILE CD1 HD12 sing N N 170 
ILE CD1 HD13 sing N N 171 
ILE OXT HXT  sing N N 172 
LEU N   CA   sing N N 173 
LEU N   H    sing N N 174 
LEU N   H2   sing N N 175 
LEU CA  C    sing N N 176 
LEU CA  CB   sing N N 177 
LEU CA  HA   sing N N 178 
LEU C   O    doub N N 179 
LEU C   OXT  sing N N 180 
LEU CB  CG   sing N N 181 
LEU CB  HB2  sing N N 182 
LEU CB  HB3  sing N N 183 
LEU CG  CD1  sing N N 184 
LEU CG  CD2  sing N N 185 
LEU CG  HG   sing N N 186 
LEU CD1 HD11 sing N N 187 
LEU CD1 HD12 sing N N 188 
LEU CD1 HD13 sing N N 189 
LEU CD2 HD21 sing N N 190 
LEU CD2 HD22 sing N N 191 
LEU CD2 HD23 sing N N 192 
LEU OXT HXT  sing N N 193 
LYS N   CA   sing N N 194 
LYS N   H    sing N N 195 
LYS N   H2   sing N N 196 
LYS CA  C    sing N N 197 
LYS CA  CB   sing N N 198 
LYS CA  HA   sing N N 199 
LYS C   O    doub N N 200 
LYS C   OXT  sing N N 201 
LYS CB  CG   sing N N 202 
LYS CB  HB2  sing N N 203 
LYS CB  HB3  sing N N 204 
LYS CG  CD   sing N N 205 
LYS CG  HG2  sing N N 206 
LYS CG  HG3  sing N N 207 
LYS CD  CE   sing N N 208 
LYS CD  HD2  sing N N 209 
LYS CD  HD3  sing N N 210 
LYS CE  NZ   sing N N 211 
LYS CE  HE2  sing N N 212 
LYS CE  HE3  sing N N 213 
LYS NZ  HZ1  sing N N 214 
LYS NZ  HZ2  sing N N 215 
LYS NZ  HZ3  sing N N 216 
LYS OXT HXT  sing N N 217 
MET N   CA   sing N N 218 
MET N   H    sing N N 219 
MET N   H2   sing N N 220 
MET CA  C    sing N N 221 
MET CA  CB   sing N N 222 
MET CA  HA   sing N N 223 
MET C   O    doub N N 224 
MET C   OXT  sing N N 225 
MET CB  CG   sing N N 226 
MET CB  HB2  sing N N 227 
MET CB  HB3  sing N N 228 
MET CG  SD   sing N N 229 
MET CG  HG2  sing N N 230 
MET CG  HG3  sing N N 231 
MET SD  CE   sing N N 232 
MET CE  HE1  sing N N 233 
MET CE  HE2  sing N N 234 
MET CE  HE3  sing N N 235 
MET OXT HXT  sing N N 236 
PHE N   CA   sing N N 237 
PHE N   H    sing N N 238 
PHE N   H2   sing N N 239 
PHE CA  C    sing N N 240 
PHE CA  CB   sing N N 241 
PHE CA  HA   sing N N 242 
PHE C   O    doub N N 243 
PHE C   OXT  sing N N 244 
PHE CB  CG   sing N N 245 
PHE CB  HB2  sing N N 246 
PHE CB  HB3  sing N N 247 
PHE CG  CD1  doub Y N 248 
PHE CG  CD2  sing Y N 249 
PHE CD1 CE1  sing Y N 250 
PHE CD1 HD1  sing N N 251 
PHE CD2 CE2  doub Y N 252 
PHE CD2 HD2  sing N N 253 
PHE CE1 CZ   doub Y N 254 
PHE CE1 HE1  sing N N 255 
PHE CE2 CZ   sing Y N 256 
PHE CE2 HE2  sing N N 257 
PHE CZ  HZ   sing N N 258 
PHE OXT HXT  sing N N 259 
PRO N   CA   sing N N 260 
PRO N   CD   sing N N 261 
PRO N   H    sing N N 262 
PRO CA  C    sing N N 263 
PRO CA  CB   sing N N 264 
PRO CA  HA   sing N N 265 
PRO C   O    doub N N 266 
PRO C   OXT  sing N N 267 
PRO CB  CG   sing N N 268 
PRO CB  HB2  sing N N 269 
PRO CB  HB3  sing N N 270 
PRO CG  CD   sing N N 271 
PRO CG  HG2  sing N N 272 
PRO CG  HG3  sing N N 273 
PRO CD  HD2  sing N N 274 
PRO CD  HD3  sing N N 275 
PRO OXT HXT  sing N N 276 
SER N   CA   sing N N 277 
SER N   H    sing N N 278 
SER N   H2   sing N N 279 
SER CA  C    sing N N 280 
SER CA  CB   sing N N 281 
SER CA  HA   sing N N 282 
SER C   O    doub N N 283 
SER C   OXT  sing N N 284 
SER CB  OG   sing N N 285 
SER CB  HB2  sing N N 286 
SER CB  HB3  sing N N 287 
SER OG  HG   sing N N 288 
SER OXT HXT  sing N N 289 
THR N   CA   sing N N 290 
THR N   H    sing N N 291 
THR N   H2   sing N N 292 
THR CA  C    sing N N 293 
THR CA  CB   sing N N 294 
THR CA  HA   sing N N 295 
THR C   O    doub N N 296 
THR C   OXT  sing N N 297 
THR CB  OG1  sing N N 298 
THR CB  CG2  sing N N 299 
THR CB  HB   sing N N 300 
THR OG1 HG1  sing N N 301 
THR CG2 HG21 sing N N 302 
THR CG2 HG22 sing N N 303 
THR CG2 HG23 sing N N 304 
THR OXT HXT  sing N N 305 
TRP N   CA   sing N N 306 
TRP N   H    sing N N 307 
TRP N   H2   sing N N 308 
TRP CA  C    sing N N 309 
TRP CA  CB   sing N N 310 
TRP CA  HA   sing N N 311 
TRP C   O    doub N N 312 
TRP C   OXT  sing N N 313 
TRP CB  CG   sing N N 314 
TRP CB  HB2  sing N N 315 
TRP CB  HB3  sing N N 316 
TRP CG  CD1  doub Y N 317 
TRP CG  CD2  sing Y N 318 
TRP CD1 NE1  sing Y N 319 
TRP CD1 HD1  sing N N 320 
TRP CD2 CE2  doub Y N 321 
TRP CD2 CE3  sing Y N 322 
TRP NE1 CE2  sing Y N 323 
TRP NE1 HE1  sing N N 324 
TRP CE2 CZ2  sing Y N 325 
TRP CE3 CZ3  doub Y N 326 
TRP CE3 HE3  sing N N 327 
TRP CZ2 CH2  doub Y N 328 
TRP CZ2 HZ2  sing N N 329 
TRP CZ3 CH2  sing Y N 330 
TRP CZ3 HZ3  sing N N 331 
TRP CH2 HH2  sing N N 332 
TRP OXT HXT  sing N N 333 
TYR N   CA   sing N N 334 
TYR N   H    sing N N 335 
TYR N   H2   sing N N 336 
TYR CA  C    sing N N 337 
TYR CA  CB   sing N N 338 
TYR CA  HA   sing N N 339 
TYR C   O    doub N N 340 
TYR C   OXT  sing N N 341 
TYR CB  CG   sing N N 342 
TYR CB  HB2  sing N N 343 
TYR CB  HB3  sing N N 344 
TYR CG  CD1  doub Y N 345 
TYR CG  CD2  sing Y N 346 
TYR CD1 CE1  sing Y N 347 
TYR CD1 HD1  sing N N 348 
TYR CD2 CE2  doub Y N 349 
TYR CD2 HD2  sing N N 350 
TYR CE1 CZ   doub Y N 351 
TYR CE1 HE1  sing N N 352 
TYR CE2 CZ   sing Y N 353 
TYR CE2 HE2  sing N N 354 
TYR CZ  OH   sing N N 355 
TYR OH  HH   sing N N 356 
TYR OXT HXT  sing N N 357 
VAL N   CA   sing N N 358 
VAL N   H    sing N N 359 
VAL N   H2   sing N N 360 
VAL CA  C    sing N N 361 
VAL CA  CB   sing N N 362 
VAL CA  HA   sing N N 363 
VAL C   O    doub N N 364 
VAL C   OXT  sing N N 365 
VAL CB  CG1  sing N N 366 
VAL CB  CG2  sing N N 367 
VAL CB  HB   sing N N 368 
VAL CG1 HG11 sing N N 369 
VAL CG1 HG12 sing N N 370 
VAL CG1 HG13 sing N N 371 
VAL CG2 HG21 sing N N 372 
VAL CG2 HG22 sing N N 373 
VAL CG2 HG23 sing N N 374 
VAL OXT HXT  sing N N 375 
# 
_atom_sites.entry_id                    2OB4 
_atom_sites.fract_transf_matrix[1][1]   -0.01774810 
_atom_sites.fract_transf_matrix[1][2]   0.01475811 
_atom_sites.fract_transf_matrix[1][3]   -0.00515950 
_atom_sites.fract_transf_matrix[2][1]   -0.00506094 
_atom_sites.fract_transf_matrix[2][2]   -0.00971129 
_atom_sites.fract_transf_matrix[2][3]   -0.01036891 
_atom_sites.fract_transf_matrix[3][1]   -0.00457007 
_atom_sites.fract_transf_matrix[3][2]   -0.00355283 
_atom_sites.fract_transf_matrix[3][3]   0.00555810 
_atom_sites.fract_transf_vector[1]      0.455191 
_atom_sites.fract_transf_vector[2]      0.204059 
_atom_sites.fract_transf_vector[3]      0.134709 
# 
loop_
_atom_type.symbol 
C 
N 
O 
S 
# 
loop_
_atom_site.group_PDB 
_atom_site.id 
_atom_site.type_symbol 
_atom_site.label_atom_id 
_atom_site.label_alt_id 
_atom_site.label_comp_id 
_atom_site.label_asym_id 
_atom_site.label_entity_id 
_atom_site.label_seq_id 
_atom_site.pdbx_PDB_ins_code 
_atom_site.Cartn_x 
_atom_site.Cartn_y 
_atom_site.Cartn_z 
_atom_site.occupancy 
_atom_site.B_iso_or_equiv 
_atom_site.pdbx_formal_charge 
_atom_site.auth_seq_id 
_atom_site.auth_comp_id 
_atom_site.auth_asym_id 
_atom_site.auth_atom_id 
_atom_site.pdbx_PDB_model_num 
ATOM   1    N N   . SER A 1 5   ? 6.112   -9.963  19.932  1.00 29.07 ? 9   SER A N   1 
ATOM   2    C CA  . SER A 1 5   ? 6.562   -11.376 20.008  1.00 29.37 ? 9   SER A CA  1 
ATOM   3    C C   . SER A 1 5   ? 6.853   -11.954 18.618  1.00 29.50 ? 9   SER A C   1 
ATOM   4    O O   . SER A 1 5   ? 6.282   -11.518 17.605  1.00 28.90 ? 9   SER A O   1 
ATOM   5    C CB  . SER A 1 5   ? 5.556   -12.253 20.776  1.00 29.43 ? 9   SER A CB  1 
ATOM   6    O OG  . SER A 1 5   ? 5.996   -12.483 22.112  1.00 30.58 ? 9   SER A OG  1 
ATOM   7    N N   . GLN A 1 6   ? 7.771   -12.921 18.598  1.00 29.52 ? 10  GLN A N   1 
ATOM   8    C CA  . GLN A 1 6   ? 8.068   -13.704 17.417  1.00 30.18 ? 10  GLN A CA  1 
ATOM   9    C C   . GLN A 1 6   ? 6.886   -14.635 17.159  1.00 30.15 ? 10  GLN A C   1 
ATOM   10   O O   . GLN A 1 6   ? 6.573   -14.946 16.007  1.00 30.21 ? 10  GLN A O   1 
ATOM   11   C CB  . GLN A 1 6   ? 9.348   -14.518 17.617  1.00 30.26 ? 10  GLN A CB  1 
ATOM   12   C CG  . GLN A 1 6   ? 10.523  -13.681 18.098  1.00 31.87 ? 10  GLN A CG  1 
ATOM   13   C CD  . GLN A 1 6   ? 11.858  -14.161 17.565  1.00 33.19 ? 10  GLN A CD  1 
ATOM   14   O OE1 . GLN A 1 6   ? 12.217  -15.331 17.710  1.00 32.89 ? 10  GLN A OE1 1 
ATOM   15   N NE2 . GLN A 1 6   ? 12.610  -13.248 16.946  1.00 34.60 ? 10  GLN A NE2 1 
ATOM   16   N N   . LYS A 1 7   ? 6.237   -15.055 18.247  1.00 29.64 ? 11  LYS A N   1 
ATOM   17   C CA  . LYS A 1 7   ? 5.041   -15.888 18.199  1.00 29.21 ? 11  LYS A CA  1 
ATOM   18   C C   . LYS A 1 7   ? 3.887   -15.169 17.506  1.00 28.56 ? 11  LYS A C   1 
ATOM   19   O O   . LYS A 1 7   ? 3.223   -15.759 16.649  1.00 28.98 ? 11  LYS A O   1 
ATOM   20   C CB  . LYS A 1 7   ? 4.640   -16.323 19.616  1.00 29.52 ? 11  LYS A CB  1 
ATOM   21   C CG  . LYS A 1 7   ? 3.532   -17.372 19.673  1.00 29.99 ? 11  LYS A CG  1 
ATOM   22   C CD  . LYS A 1 7   ? 3.435   -17.974 21.064  1.00 30.73 ? 11  LYS A CD  1 
ATOM   23   C CE  . LYS A 1 7   ? 2.011   -18.379 21.404  1.00 33.02 ? 11  LYS A CE  1 
ATOM   24   N NZ  . LYS A 1 7   ? 1.027   -17.240 21.382  1.00 33.54 ? 11  LYS A NZ  1 
ATOM   25   N N   . ALA A 1 8   ? 3.670   -13.901 17.859  1.00 27.38 ? 12  ALA A N   1 
ATOM   26   C CA  . ALA A 1 8   ? 2.592   -13.090 17.273  1.00 26.26 ? 12  ALA A CA  1 
ATOM   27   C C   . ALA A 1 8   ? 2.747   -12.918 15.767  1.00 25.41 ? 12  ALA A C   1 
ATOM   28   O O   . ALA A 1 8   ? 1.773   -13.015 15.011  1.00 25.25 ? 12  ALA A O   1 
ATOM   29   C CB  . ALA A 1 8   ? 2.529   -11.742 17.939  1.00 26.27 ? 12  ALA A CB  1 
ATOM   30   N N   . LEU A 1 9   ? 3.986   -12.665 15.355  1.00 24.28 ? 13  LEU A N   1 
ATOM   31   C CA  . LEU A 1 9   ? 4.347   -12.459 13.958  1.00 23.25 ? 13  LEU A CA  1 
ATOM   32   C C   . LEU A 1 9   ? 4.348   -13.763 13.144  1.00 22.64 ? 13  LEU A C   1 
ATOM   33   O O   . LEU A 1 9   ? 3.927   -13.780 11.992  1.00 21.81 ? 13  LEU A O   1 
ATOM   34   C CB  . LEU A 1 9   ? 5.707   -11.754 13.880  1.00 23.15 ? 13  LEU A CB  1 
ATOM   35   C CG  . LEU A 1 9   ? 5.683   -10.261 14.244  1.00 23.10 ? 13  LEU A CG  1 
ATOM   36   C CD1 . LEU A 1 9   ? 7.062   -9.748  14.593  1.00 22.10 ? 13  LEU A CD1 1 
ATOM   37   C CD2 . LEU A 1 9   ? 5.074   -9.432  13.113  1.00 23.09 ? 13  LEU A CD2 1 
ATOM   38   N N   . LEU A 1 10  ? 4.823   -14.836 13.770  1.00 22.52 ? 14  LEU A N   1 
ATOM   39   C CA  . LEU A 1 10  ? 4.793   -16.193 13.234  1.00 22.97 ? 14  LEU A CA  1 
ATOM   40   C C   . LEU A 1 10  ? 3.346   -16.617 12.980  1.00 22.90 ? 14  LEU A C   1 
ATOM   41   O O   . LEU A 1 10  ? 3.008   -17.096 11.895  1.00 22.50 ? 14  LEU A O   1 
ATOM   42   C CB  . LEU A 1 10  ? 5.445   -17.126 14.245  1.00 22.95 ? 14  LEU A CB  1 
ATOM   43   C CG  . LEU A 1 10  ? 6.547   -18.108 13.843  1.00 24.98 ? 14  LEU A CG  1 
ATOM   44   C CD1 . LEU A 1 10  ? 7.230   -17.754 12.523  1.00 26.88 ? 14  LEU A CD1 1 
ATOM   45   C CD2 . LEU A 1 10  ? 7.567   -18.193 14.972  1.00 25.79 ? 14  LEU A CD2 1 
ATOM   46   N N   . LEU A 1 11  ? 2.499   -16.406 13.986  1.00 22.86 ? 15  LEU A N   1 
ATOM   47   C CA  . LEU A 1 11  ? 1.053   -16.608 13.881  1.00 23.03 ? 15  LEU A CA  1 
ATOM   48   C C   . LEU A 1 11  ? 0.367   -15.752 12.813  1.00 23.20 ? 15  LEU A C   1 
ATOM   49   O O   . LEU A 1 11  ? -0.561  -16.217 12.141  1.00 23.33 ? 15  LEU A O   1 
ATOM   50   C CB  . LEU A 1 11  ? 0.404   -16.341 15.236  1.00 22.95 ? 15  LEU A CB  1 
ATOM   51   C CG  . LEU A 1 11  ? -0.144  -17.528 16.027  1.00 23.76 ? 15  LEU A CG  1 
ATOM   52   C CD1 . LEU A 1 11  ? 0.437   -18.842 15.570  1.00 23.74 ? 15  LEU A CD1 1 
ATOM   53   C CD2 . LEU A 1 11  ? 0.041   -17.345 17.530  1.00 23.60 ? 15  LEU A CD2 1 
ATOM   54   N N   . GLU A 1 12  ? 0.812   -14.503 12.666  1.00 23.49 ? 16  GLU A N   1 
ATOM   55   C CA  . GLU A 1 12  ? 0.217   -13.577 11.694  1.00 23.50 ? 16  GLU A CA  1 
ATOM   56   C C   . GLU A 1 12  ? 0.661   -13.915 10.290  1.00 23.72 ? 16  GLU A C   1 
ATOM   57   O O   . GLU A 1 12  ? -0.157  -13.892 9.373   1.00 23.38 ? 16  GLU A O   1 
ATOM   58   C CB  . GLU A 1 12  ? 0.596   -12.140 11.997  1.00 23.47 ? 16  GLU A CB  1 
ATOM   59   C CG  . GLU A 1 12  ? -0.399  -11.118 11.512  1.00 24.60 ? 16  GLU A CG  1 
ATOM   60   C CD  . GLU A 1 12  ? -0.724  -10.118 12.600  1.00 25.78 ? 16  GLU A CD  1 
ATOM   61   O OE1 . GLU A 1 12  ? -0.050  -10.155 13.647  1.00 26.76 ? 16  GLU A OE1 1 
ATOM   62   O OE2 . GLU A 1 12  ? -1.658  -9.310  12.433  1.00 26.76 ? 16  GLU A OE2 1 
ATOM   63   N N   . LEU A 1 13  ? 1.953   -14.222 10.135  1.00 24.03 ? 17  LEU A N   1 
ATOM   64   C CA  . LEU A 1 13  ? 2.521   -14.584 8.848   1.00 24.61 ? 17  LEU A CA  1 
ATOM   65   C C   . LEU A 1 13  ? 1.798   -15.813 8.321   1.00 25.32 ? 17  LEU A C   1 
ATOM   66   O O   . LEU A 1 13  ? 1.200   -15.766 7.251   1.00 25.15 ? 17  LEU A O   1 
ATOM   67   C CB  . LEU A 1 13  ? 4.021   -14.876 8.972   1.00 24.41 ? 17  LEU A CB  1 
ATOM   68   C CG  . LEU A 1 13  ? 4.994   -14.485 7.857   1.00 23.72 ? 17  LEU A CG  1 
ATOM   69   C CD1 . LEU A 1 13  ? 6.316   -15.117 8.139   1.00 24.01 ? 17  LEU A CD1 1 
ATOM   70   C CD2 . LEU A 1 13  ? 4.531   -14.922 6.508   1.00 24.64 ? 17  LEU A CD2 1 
ATOM   71   N N   . LYS A 1 14  ? 1.852   -16.893 9.100   1.00 26.38 ? 18  LYS A N   1 
ATOM   72   C CA  . LYS A 1 14  ? 1.206   -18.165 8.775   1.00 27.45 ? 18  LYS A CA  1 
ATOM   73   C C   . LYS A 1 14  ? -0.267  -17.959 8.419   1.00 27.72 ? 18  LYS A C   1 
ATOM   74   O O   . LYS A 1 14  ? -0.715  -18.419 7.374   1.00 27.82 ? 18  LYS A O   1 
ATOM   75   C CB  . LYS A 1 14  ? 1.399   -19.175 9.933   1.00 27.70 ? 18  LYS A CB  1 
ATOM   76   C CG  . LYS A 1 14  ? 0.408   -20.359 9.983   1.00 28.16 ? 18  LYS A CG  1 
ATOM   77   C CD  . LYS A 1 14  ? 0.743   -21.368 11.098  1.00 27.77 ? 18  LYS A CD  1 
ATOM   78   C CE  . LYS A 1 14  ? -0.475  -22.195 11.506  1.00 28.28 ? 18  LYS A CE  1 
ATOM   79   N NZ  . LYS A 1 14  ? -1.525  -21.337 12.172  1.00 29.12 ? 18  LYS A NZ  1 
ATOM   80   N N   . GLY A 1 15  ? -0.997  -17.237 9.268   1.00 28.19 ? 19  GLY A N   1 
ATOM   81   C CA  . GLY A 1 15  ? -2.395  -16.891 9.011   1.00 28.95 ? 19  GLY A CA  1 
ATOM   82   C C   . GLY A 1 15  ? -2.670  -16.124 7.723   1.00 29.77 ? 19  GLY A C   1 
ATOM   83   O O   . GLY A 1 15  ? -3.753  -16.251 7.150   1.00 30.25 ? 19  GLY A O   1 
ATOM   84   N N   . LEU A 1 16  ? -1.705  -15.328 7.263   1.00 30.22 ? 20  LEU A N   1 
ATOM   85   C CA  . LEU A 1 16  ? -1.839  -14.588 5.995   1.00 30.83 ? 20  LEU A CA  1 
ATOM   86   C C   . LEU A 1 16  ? -1.382  -15.390 4.777   1.00 31.14 ? 20  LEU A C   1 
ATOM   87   O O   . LEU A 1 16  ? -1.753  -15.081 3.644   1.00 31.37 ? 20  LEU A O   1 
ATOM   88   C CB  . LEU A 1 16  ? -1.091  -13.254 6.051   1.00 31.08 ? 20  LEU A CB  1 
ATOM   89   C CG  . LEU A 1 16  ? -1.876  -12.038 6.560   1.00 31.63 ? 20  LEU A CG  1 
ATOM   90   C CD1 . LEU A 1 16  ? -2.513  -12.300 7.935   1.00 32.29 ? 20  LEU A CD1 1 
ATOM   91   C CD2 . LEU A 1 16  ? -0.965  -10.832 6.617   1.00 30.65 ? 20  LEU A CD2 1 
ATOM   92   N N   . GLN A 1 17  ? -0.567  -16.409 5.016   1.00 31.30 ? 21  GLN A N   1 
ATOM   93   C CA  . GLN A 1 17  ? -0.143  -17.316 3.970   1.00 31.51 ? 21  GLN A CA  1 
ATOM   94   C C   . GLN A 1 17  ? -1.131  -18.470 3.810   1.00 31.76 ? 21  GLN A C   1 
ATOM   95   O O   . GLN A 1 17  ? -1.171  -19.119 2.766   1.00 32.32 ? 21  GLN A O   1 
ATOM   96   C CB  . GLN A 1 17  ? 1.260   -17.839 4.252   1.00 31.41 ? 21  GLN A CB  1 
ATOM   97   C CG  . GLN A 1 17  ? 2.326   -16.757 4.141   1.00 31.32 ? 21  GLN A CG  1 
ATOM   98   C CD  . GLN A 1 17  ? 3.731   -17.264 4.399   1.00 30.63 ? 21  GLN A CD  1 
ATOM   99   O OE1 . GLN A 1 17  ? 3.945   -18.220 5.146   1.00 28.72 ? 21  GLN A OE1 1 
ATOM   100  N NE2 . GLN A 1 17  ? 4.706   -16.603 3.788   1.00 31.57 ? 21  GLN A NE2 1 
ATOM   101  N N   . GLU A 1 18  ? -1.932  -18.720 4.834   1.00 31.93 ? 22  GLU A N   1 
ATOM   102  C CA  . GLU A 1 18  ? -2.945  -19.764 4.754   1.00 32.08 ? 22  GLU A CA  1 
ATOM   103  C C   . GLU A 1 18  ? -4.233  -19.227 4.142   1.00 32.23 ? 22  GLU A C   1 
ATOM   104  O O   . GLU A 1 18  ? -4.928  -19.946 3.435   1.00 32.48 ? 22  GLU A O   1 
ATOM   105  C CB  . GLU A 1 18  ? -3.225  -20.379 6.135   1.00 32.02 ? 22  GLU A CB  1 
ATOM   106  C CG  . GLU A 1 18  ? -2.180  -21.355 6.639   1.00 31.05 ? 22  GLU A CG  1 
ATOM   107  C CD  . GLU A 1 18  ? -2.395  -21.755 8.102   1.00 31.68 ? 22  GLU A CD  1 
ATOM   108  O OE1 . GLU A 1 18  ? -3.364  -21.272 8.746   1.00 30.69 ? 22  GLU A OE1 1 
ATOM   109  O OE2 . GLU A 1 18  ? -1.584  -22.560 8.611   1.00 30.84 ? 22  GLU A OE2 1 
ATOM   110  N N   . GLU A 1 19  ? -4.561  -17.975 4.443   1.00 32.58 ? 23  GLU A N   1 
ATOM   111  C CA  . GLU A 1 19  ? -5.729  -17.319 3.856   1.00 33.28 ? 23  GLU A CA  1 
ATOM   112  C C   . GLU A 1 19  ? -5.352  -15.935 3.314   1.00 33.27 ? 23  GLU A C   1 
ATOM   113  O O   . GLU A 1 19  ? -5.545  -14.920 3.997   1.00 33.43 ? 23  GLU A O   1 
ATOM   114  C CB  . GLU A 1 19  ? -6.866  -17.194 4.872   1.00 33.14 ? 23  GLU A CB  1 
ATOM   115  C CG  . GLU A 1 19  ? -7.592  -18.481 5.217   1.00 33.90 ? 23  GLU A CG  1 
ATOM   116  C CD  . GLU A 1 19  ? -8.600  -18.274 6.350   1.00 34.14 ? 23  GLU A CD  1 
ATOM   117  O OE1 . GLU A 1 19  ? -9.608  -17.549 6.141   1.00 34.14 ? 23  GLU A OE1 1 
ATOM   118  O OE2 . GLU A 1 19  ? -8.376  -18.829 7.450   1.00 34.34 ? 23  GLU A OE2 1 
ATOM   119  N N   . PRO A 1 20  ? -4.824  -15.884 2.074   1.00 33.38 ? 24  PRO A N   1 
ATOM   120  C CA  . PRO A 1 20  ? -4.330  -14.618 1.536   1.00 33.48 ? 24  PRO A CA  1 
ATOM   121  C C   . PRO A 1 20  ? -5.441  -13.587 1.379   1.00 33.66 ? 24  PRO A C   1 
ATOM   122  O O   . PRO A 1 20  ? -6.603  -13.954 1.187   1.00 33.75 ? 24  PRO A O   1 
ATOM   123  C CB  . PRO A 1 20  ? -3.796  -15.014 0.154   1.00 33.58 ? 24  PRO A CB  1 
ATOM   124  C CG  . PRO A 1 20  ? -3.560  -16.487 0.230   1.00 33.21 ? 24  PRO A CG  1 
ATOM   125  C CD  . PRO A 1 20  ? -4.668  -16.981 1.101   1.00 33.30 ? 24  PRO A CD  1 
ATOM   126  N N   . VAL A 1 21  ? -5.088  -12.307 1.491   1.00 33.55 ? 25  VAL A N   1 
ATOM   127  C CA  . VAL A 1 21  ? -5.954  -11.247 1.010   1.00 33.19 ? 25  VAL A CA  1 
ATOM   128  C C   . VAL A 1 21  ? -5.757  -11.208 -0.500  1.00 33.33 ? 25  VAL A C   1 
ATOM   129  O O   . VAL A 1 21  ? -4.624  -11.248 -0.976  1.00 33.15 ? 25  VAL A O   1 
ATOM   130  C CB  . VAL A 1 21  ? -5.606  -9.886  1.657   1.00 33.42 ? 25  VAL A CB  1 
ATOM   131  C CG1 . VAL A 1 21  ? -6.562  -8.784  1.175   1.00 32.45 ? 25  VAL A CG1 1 
ATOM   132  C CG2 . VAL A 1 21  ? -5.625  -9.999  3.193   1.00 32.88 ? 25  VAL A CG2 1 
ATOM   133  N N   . GLU A 1 22  ? -6.862  -11.168 -1.243  1.00 33.63 ? 26  GLU A N   1 
ATOM   134  C CA  . GLU A 1 22  ? -6.848  -11.195 -2.722  1.00 34.24 ? 26  GLU A CA  1 
ATOM   135  C C   . GLU A 1 22  ? -6.097  -9.987  -3.303  1.00 33.19 ? 26  GLU A C   1 
ATOM   136  O O   . GLU A 1 22  ? -6.521  -8.855  -3.139  1.00 33.48 ? 26  GLU A O   1 
ATOM   137  C CB  . GLU A 1 22  ? -8.293  -11.256 -3.255  1.00 34.09 ? 26  GLU A CB  1 
ATOM   138  C CG  . GLU A 1 22  ? -8.461  -11.593 -4.752  1.00 35.86 ? 26  GLU A CG  1 
ATOM   139  C CD  . GLU A 1 22  ? -9.944  -11.805 -5.164  1.00 36.24 ? 26  GLU A CD  1 
ATOM   140  O OE1 . GLU A 1 22  ? -10.759 -10.851 -5.039  1.00 37.65 ? 26  GLU A OE1 1 
ATOM   141  O OE2 . GLU A 1 22  ? -10.291 -12.928 -5.623  1.00 38.79 ? 26  GLU A OE2 1 
ATOM   142  N N   . GLY A 1 23  ? -4.977  -10.239 -3.967  1.00 32.59 ? 27  GLY A N   1 
ATOM   143  C CA  . GLY A 1 23  ? -4.165  -9.166  -4.534  1.00 31.85 ? 27  GLY A CA  1 
ATOM   144  C C   . GLY A 1 23  ? -3.005  -8.712  -3.662  1.00 31.50 ? 27  GLY A C   1 
ATOM   145  O O   . GLY A 1 23  ? -2.479  -7.619  -3.843  1.00 31.79 ? 27  GLY A O   1 
ATOM   146  N N   . PHE A 1 24  ? -2.608  -9.551  -2.711  1.00 30.92 ? 28  PHE A N   1 
ATOM   147  C CA  . PHE A 1 24  ? -1.519  -9.254  -1.788  1.00 30.51 ? 28  PHE A CA  1 
ATOM   148  C C   . PHE A 1 24  ? -0.812  -10.562 -1.494  1.00 30.31 ? 28  PHE A C   1 
ATOM   149  O O   . PHE A 1 24  ? -1.457  -11.542 -1.109  1.00 30.25 ? 28  PHE A O   1 
ATOM   150  C CB  . PHE A 1 24  ? -2.041  -8.671  -0.458  1.00 30.26 ? 28  PHE A CB  1 
ATOM   151  C CG  . PHE A 1 24  ? -2.581  -7.263  -0.554  1.00 30.03 ? 28  PHE A CG  1 
ATOM   152  C CD1 . PHE A 1 24  ? -1.778  -6.168  -0.249  1.00 30.62 ? 28  PHE A CD1 1 
ATOM   153  C CD2 . PHE A 1 24  ? -3.895  -7.028  -0.918  1.00 30.71 ? 28  PHE A CD2 1 
ATOM   154  C CE1 . PHE A 1 24  ? -2.270  -4.855  -0.323  1.00 28.66 ? 28  PHE A CE1 1 
ATOM   155  C CE2 . PHE A 1 24  ? -4.383  -5.724  -0.995  1.00 31.30 ? 28  PHE A CE2 1 
ATOM   156  C CZ  . PHE A 1 24  ? -3.561  -4.636  -0.697  1.00 29.26 ? 28  PHE A CZ  1 
ATOM   157  N N   . ARG A 1 25  ? 0.506   -10.580 -1.688  1.00 30.25 ? 29  ARG A N   1 
ATOM   158  C CA  . ARG A 1 25  ? 1.342   -11.740 -1.345  1.00 30.23 ? 29  ARG A CA  1 
ATOM   159  C C   . ARG A 1 25  ? 2.403   -11.278 -0.353  1.00 29.85 ? 29  ARG A C   1 
ATOM   160  O O   . ARG A 1 25  ? 3.227   -10.418 -0.675  1.00 30.12 ? 29  ARG A O   1 
ATOM   161  C CB  . ARG A 1 25  ? 1.993   -12.383 -2.590  1.00 30.21 ? 29  ARG A CB  1 
ATOM   162  C CG  . ARG A 1 25  ? 1.046   -12.655 -3.773  1.00 31.90 ? 29  ARG A CG  1 
ATOM   163  C CD  . ARG A 1 25  ? 0.129   -13.890 -3.582  1.00 35.50 ? 29  ARG A CD  1 
ATOM   164  N NE  . ARG A 1 25  ? -1.033  -13.853 -4.492  1.00 37.62 ? 29  ARG A NE  1 
ATOM   165  C CZ  . ARG A 1 25  ? -2.316  -13.738 -4.124  1.00 37.69 ? 29  ARG A CZ  1 
ATOM   166  N NH1 . ARG A 1 25  ? -2.672  -13.669 -2.839  1.00 37.12 ? 29  ARG A NH1 1 
ATOM   167  N NH2 . ARG A 1 25  ? -3.258  -13.697 -5.057  1.00 36.69 ? 29  ARG A NH2 1 
ATOM   168  N N   . VAL A 1 26  ? 2.367   -11.843 0.852   1.00 29.32 ? 30  VAL A N   1 
ATOM   169  C CA  . VAL A 1 26  ? 3.300   -11.458 1.903   1.00 28.88 ? 30  VAL A CA  1 
ATOM   170  C C   . VAL A 1 26  ? 4.360   -12.535 2.166   1.00 28.91 ? 30  VAL A C   1 
ATOM   171  O O   . VAL A 1 26  ? 4.053   -13.724 2.297   1.00 29.26 ? 30  VAL A O   1 
ATOM   172  C CB  . VAL A 1 26  ? 2.572   -11.045 3.213   1.00 28.80 ? 30  VAL A CB  1 
ATOM   173  C CG1 . VAL A 1 26  ? 3.571   -10.562 4.254   1.00 29.34 ? 30  VAL A CG1 1 
ATOM   174  C CG2 . VAL A 1 26  ? 1.564   -9.951  2.945   1.00 27.94 ? 30  VAL A CG2 1 
ATOM   175  N N   . THR A 1 27  ? 5.612   -12.091 2.217   1.00 28.80 ? 31  THR A N   1 
ATOM   176  C CA  . THR A 1 27  ? 6.757   -12.942 2.456   1.00 28.90 ? 31  THR A CA  1 
ATOM   177  C C   . THR A 1 27  ? 7.648   -12.223 3.459   1.00 29.04 ? 31  THR A C   1 
ATOM   178  O O   . THR A 1 27  ? 7.465   -11.024 3.700   1.00 29.04 ? 31  THR A O   1 
ATOM   179  C CB  . THR A 1 27  ? 7.586   -13.204 1.146   1.00 29.06 ? 31  THR A CB  1 
ATOM   180  O OG1 . THR A 1 27  ? 7.914   -11.961 0.521   1.00 29.40 ? 31  THR A OG1 1 
ATOM   181  C CG2 . THR A 1 27  ? 6.831   -14.064 0.138   1.00 28.39 ? 31  THR A CG2 1 
ATOM   182  N N   . LEU A 1 28  ? 8.596   -12.961 4.044   1.00 29.15 ? 32  LEU A N   1 
ATOM   183  C CA  . LEU A 1 28  ? 9.706   -12.380 4.810   1.00 29.08 ? 32  LEU A CA  1 
ATOM   184  C C   . LEU A 1 28  ? 10.845  -11.971 3.885   1.00 29.28 ? 32  LEU A C   1 
ATOM   185  O O   . LEU A 1 28  ? 11.120  -12.647 2.890   1.00 29.16 ? 32  LEU A O   1 
ATOM   186  C CB  . LEU A 1 28  ? 10.234  -13.377 5.850   1.00 28.76 ? 32  LEU A CB  1 
ATOM   187  C CG  . LEU A 1 28  ? 9.409   -13.598 7.122   1.00 27.75 ? 32  LEU A CG  1 
ATOM   188  C CD1 . LEU A 1 28  ? 10.154  -14.503 8.076   1.00 27.50 ? 32  LEU A CD1 1 
ATOM   189  C CD2 . LEU A 1 28  ? 9.082   -12.299 7.798   1.00 25.26 ? 32  LEU A CD2 1 
ATOM   190  N N   . VAL A 1 29  ? 11.512  -10.870 4.215   1.00 29.71 ? 33  VAL A N   1 
ATOM   191  C CA  . VAL A 1 29  ? 12.682  -10.438 3.448   1.00 30.25 ? 33  VAL A CA  1 
ATOM   192  C C   . VAL A 1 29  ? 13.806  -11.466 3.661   1.00 30.50 ? 33  VAL A C   1 
ATOM   193  O O   . VAL A 1 29  ? 14.248  -12.120 2.719   1.00 30.52 ? 33  VAL A O   1 
ATOM   194  C CB  . VAL A 1 29  ? 13.109  -8.973  3.796   1.00 30.19 ? 33  VAL A CB  1 
ATOM   195  C CG1 . VAL A 1 29  ? 14.385  -8.578  3.069   1.00 30.85 ? 33  VAL A CG1 1 
ATOM   196  C CG2 . VAL A 1 29  ? 12.009  -7.993  3.438   1.00 30.34 ? 33  VAL A CG2 1 
ATOM   197  N N   . ASP A 1 30  ? 14.229  -11.628 4.909   1.00 30.99 ? 34  ASP A N   1 
ATOM   198  C CA  . ASP A 1 30  ? 15.168  -12.672 5.281   1.00 31.60 ? 34  ASP A CA  1 
ATOM   199  C C   . ASP A 1 30  ? 14.405  -13.639 6.185   1.00 31.99 ? 34  ASP A C   1 
ATOM   200  O O   . ASP A 1 30  ? 14.001  -13.277 7.301   1.00 31.90 ? 34  ASP A O   1 
ATOM   201  C CB  . ASP A 1 30  ? 16.373  -12.062 6.012   1.00 31.67 ? 34  ASP A CB  1 
ATOM   202  C CG  . ASP A 1 30  ? 17.525  -13.036 6.182   1.00 32.77 ? 34  ASP A CG  1 
ATOM   203  O OD1 . ASP A 1 30  ? 17.289  -14.244 6.409   1.00 34.76 ? 34  ASP A OD1 1 
ATOM   204  O OD2 . ASP A 1 30  ? 18.686  -12.588 6.093   1.00 34.44 ? 34  ASP A OD2 1 
ATOM   205  N N   . GLU A 1 31  ? 14.193  -14.867 5.713   1.00 32.21 ? 35  GLU A N   1 
ATOM   206  C CA  . GLU A 1 31  ? 13.397  -15.831 6.490   1.00 32.44 ? 35  GLU A CA  1 
ATOM   207  C C   . GLU A 1 31  ? 13.897  -16.071 7.933   1.00 31.76 ? 35  GLU A C   1 
ATOM   208  O O   . GLU A 1 31  ? 13.217  -16.704 8.741   1.00 32.03 ? 35  GLU A O   1 
ATOM   209  C CB  . GLU A 1 31  ? 13.138  -17.142 5.712   1.00 32.85 ? 35  GLU A CB  1 
ATOM   210  C CG  . GLU A 1 31  ? 14.325  -17.742 4.965   1.00 35.09 ? 35  GLU A CG  1 
ATOM   211  C CD  . GLU A 1 31  ? 13.931  -18.244 3.572   1.00 39.12 ? 35  GLU A CD  1 
ATOM   212  O OE1 . GLU A 1 31  ? 13.260  -17.475 2.832   1.00 40.25 ? 35  GLU A OE1 1 
ATOM   213  O OE2 . GLU A 1 31  ? 14.298  -19.393 3.211   1.00 39.32 ? 35  GLU A OE2 1 
ATOM   214  N N   . GLY A 1 32  ? 15.058  -15.508 8.263   1.00 30.99 ? 36  GLY A N   1 
ATOM   215  C CA  . GLY A 1 32  ? 15.604  -15.605 9.614   1.00 29.43 ? 36  GLY A CA  1 
ATOM   216  C C   . GLY A 1 32  ? 15.292  -14.369 10.433  1.00 28.65 ? 36  GLY A C   1 
ATOM   217  O O   . GLY A 1 32  ? 15.745  -14.240 11.568  1.00 28.59 ? 36  GLY A O   1 
ATOM   218  N N   . ASP A 1 33  ? 14.508  -13.460 9.854   1.00 27.75 ? 37  ASP A N   1 
ATOM   219  C CA  . ASP A 1 33  ? 14.155  -12.198 10.502  1.00 26.60 ? 37  ASP A CA  1 
ATOM   220  C C   . ASP A 1 33  ? 12.657  -11.905 10.348  1.00 25.92 ? 37  ASP A C   1 
ATOM   221  O O   . ASP A 1 33  ? 12.220  -11.407 9.317   1.00 25.67 ? 37  ASP A O   1 
ATOM   222  C CB  . ASP A 1 33  ? 15.021  -11.081 9.914   1.00 26.50 ? 37  ASP A CB  1 
ATOM   223  C CG  . ASP A 1 33  ? 14.612  -9.681  10.375  1.00 26.53 ? 37  ASP A CG  1 
ATOM   224  O OD1 . ASP A 1 33  ? 13.999  -9.528  11.456  1.00 25.16 ? 37  ASP A OD1 1 
ATOM   225  O OD2 . ASP A 1 33  ? 14.922  -8.720  9.629   1.00 26.39 ? 37  ASP A OD2 1 
ATOM   226  N N   . LEU A 1 34  ? 11.884  -12.208 11.390  1.00 25.57 ? 38  LEU A N   1 
ATOM   227  C CA  . LEU A 1 34  ? 10.423  -11.988 11.394  1.00 24.97 ? 38  LEU A CA  1 
ATOM   228  C C   . LEU A 1 34  ? 9.946   -10.524 11.435  1.00 24.69 ? 38  LEU A C   1 
ATOM   229  O O   . LEU A 1 34  ? 8.760   -10.267 11.232  1.00 24.74 ? 38  LEU A O   1 
ATOM   230  C CB  . LEU A 1 34  ? 9.781   -12.737 12.558  1.00 25.07 ? 38  LEU A CB  1 
ATOM   231  C CG  . LEU A 1 34  ? 9.687   -14.269 12.547  1.00 26.25 ? 38  LEU A CG  1 
ATOM   232  C CD1 . LEU A 1 34  ? 9.372   -14.768 13.960  1.00 27.32 ? 38  LEU A CD1 1 
ATOM   233  C CD2 . LEU A 1 34  ? 8.626   -14.773 11.551  1.00 26.03 ? 38  LEU A CD2 1 
ATOM   234  N N   . TYR A 1 35  ? 10.846  -9.575  11.699  1.00 23.68 ? 39  TYR A N   1 
ATOM   235  C CA  . TYR A 1 35  ? 10.443  -8.183  11.897  1.00 23.39 ? 39  TYR A CA  1 
ATOM   236  C C   . TYR A 1 35  ? 10.322  -7.342  10.632  1.00 23.43 ? 39  TYR A C   1 
ATOM   237  O O   . TYR A 1 35  ? 9.682   -6.303  10.645  1.00 23.71 ? 39  TYR A O   1 
ATOM   238  C CB  . TYR A 1 35  ? 11.314  -7.499  12.961  1.00 22.66 ? 39  TYR A CB  1 
ATOM   239  C CG  . TYR A 1 35  ? 11.118  -8.174  14.283  1.00 22.36 ? 39  TYR A CG  1 
ATOM   240  C CD1 . TYR A 1 35  ? 10.040  -7.844  15.104  1.00 23.12 ? 39  TYR A CD1 1 
ATOM   241  C CD2 . TYR A 1 35  ? 11.964  -9.194  14.692  1.00 22.21 ? 39  TYR A CD2 1 
ATOM   242  C CE1 . TYR A 1 35  ? 9.830   -8.511  16.317  1.00 22.80 ? 39  TYR A CE1 1 
ATOM   243  C CE2 . TYR A 1 35  ? 11.763  -9.862  15.888  1.00 22.37 ? 39  TYR A CE2 1 
ATOM   244  C CZ  . TYR A 1 35  ? 10.699  -9.522  16.693  1.00 21.84 ? 39  TYR A CZ  1 
ATOM   245  O OH  . TYR A 1 35  ? 10.520  -10.193 17.875  1.00 21.83 ? 39  TYR A OH  1 
ATOM   246  N N   . ASN A 1 36  ? 10.938  -7.789  9.548   1.00 23.64 ? 40  ASN A N   1 
ATOM   247  C CA  . ASN A 1 36  ? 10.830  -7.115  8.267   1.00 24.01 ? 40  ASN A CA  1 
ATOM   248  C C   . ASN A 1 36  ? 10.143  -8.024  7.259   1.00 24.18 ? 40  ASN A C   1 
ATOM   249  O O   . ASN A 1 36  ? 10.599  -9.143  7.019   1.00 24.10 ? 40  ASN A O   1 
ATOM   250  C CB  . ASN A 1 36  ? 12.213  -6.695  7.763   1.00 23.84 ? 40  ASN A CB  1 
ATOM   251  C CG  . ASN A 1 36  ? 12.822  -5.584  8.594   1.00 23.99 ? 40  ASN A CG  1 
ATOM   252  O OD1 . ASN A 1 36  ? 13.652  -5.840  9.460   1.00 25.46 ? 40  ASN A OD1 1 
ATOM   253  N ND2 . ASN A 1 36  ? 12.402  -4.344  8.349   1.00 22.22 ? 40  ASN A ND2 1 
ATOM   254  N N   . TRP A 1 37  ? 9.048   -7.530  6.694   1.00 24.56 ? 41  TRP A N   1 
ATOM   255  C CA  . TRP A 1 37  ? 8.253   -8.251  5.706   1.00 25.31 ? 41  TRP A CA  1 
ATOM   256  C C   . TRP A 1 37  ? 8.196   -7.460  4.417   1.00 25.84 ? 41  TRP A C   1 
ATOM   257  O O   . TRP A 1 37  ? 8.229   -6.221  4.432   1.00 25.68 ? 41  TRP A O   1 
ATOM   258  C CB  . TRP A 1 37  ? 6.797   -8.390  6.169   1.00 25.78 ? 41  TRP A CB  1 
ATOM   259  C CG  . TRP A 1 37  ? 6.515   -9.205  7.424   1.00 26.60 ? 41  TRP A CG  1 
ATOM   260  C CD1 . TRP A 1 37  ? 7.397   -9.549  8.425   1.00 26.31 ? 41  TRP A CD1 1 
ATOM   261  C CD2 . TRP A 1 37  ? 5.237   -9.723  7.825   1.00 26.84 ? 41  TRP A CD2 1 
ATOM   262  N NE1 . TRP A 1 37  ? 6.744   -10.269 9.399   1.00 26.61 ? 41  TRP A NE1 1 
ATOM   263  C CE2 . TRP A 1 37  ? 5.419   -10.385 9.059   1.00 26.98 ? 41  TRP A CE2 1 
ATOM   264  C CE3 . TRP A 1 37  ? 3.956   -9.694  7.257   1.00 26.20 ? 41  TRP A CE3 1 
ATOM   265  C CZ2 . TRP A 1 37  ? 4.363   -11.013 9.735   1.00 26.10 ? 41  TRP A CZ2 1 
ATOM   266  C CZ3 . TRP A 1 37  ? 2.914   -10.330 7.927   1.00 26.05 ? 41  TRP A CZ3 1 
ATOM   267  C CH2 . TRP A 1 37  ? 3.125   -10.977 9.150   1.00 25.53 ? 41  TRP A CH2 1 
ATOM   268  N N   . GLU A 1 38  ? 8.059   -8.189  3.312   1.00 26.49 ? 42  GLU A N   1 
ATOM   269  C CA  . GLU A 1 38  ? 7.812   -7.620  2.001   1.00 26.78 ? 42  GLU A CA  1 
ATOM   270  C C   . GLU A 1 38  ? 6.393   -7.948  1.529   1.00 26.77 ? 42  GLU A C   1 
ATOM   271  O O   . GLU A 1 38  ? 5.950   -9.099  1.615   1.00 26.41 ? 42  GLU A O   1 
ATOM   272  C CB  . GLU A 1 38  ? 8.820   -8.166  0.993   1.00 27.47 ? 42  GLU A CB  1 
ATOM   273  C CG  . GLU A 1 38  ? 8.492   -7.816  -0.457  1.00 28.55 ? 42  GLU A CG  1 
ATOM   274  C CD  . GLU A 1 38  ? 9.729   -7.495  -1.281  1.00 31.83 ? 42  GLU A CD  1 
ATOM   275  O OE1 . GLU A 1 38  ? 10.628  -6.763  -0.779  1.00 31.72 ? 42  GLU A OE1 1 
ATOM   276  O OE2 . GLU A 1 38  ? 9.789   -7.968  -2.438  1.00 32.46 ? 42  GLU A OE2 1 
ATOM   277  N N   . VAL A 1 39  ? 5.702   -6.933  1.013   1.00 26.40 ? 43  VAL A N   1 
ATOM   278  C CA  . VAL A 1 39  ? 4.359   -7.105  0.474   1.00 26.28 ? 43  VAL A CA  1 
ATOM   279  C C   . VAL A 1 39  ? 4.321   -6.837  -1.033  1.00 26.23 ? 43  VAL A C   1 
ATOM   280  O O   . VAL A 1 39  ? 4.791   -5.799  -1.495  1.00 25.65 ? 43  VAL A O   1 
ATOM   281  C CB  . VAL A 1 39  ? 3.311   -6.205  1.219   1.00 26.30 ? 43  VAL A CB  1 
ATOM   282  C CG1 . VAL A 1 39  ? 1.893   -6.561  0.801   1.00 26.00 ? 43  VAL A CG1 1 
ATOM   283  C CG2 . VAL A 1 39  ? 3.450   -6.335  2.736   1.00 25.77 ? 43  VAL A CG2 1 
ATOM   284  N N   . ALA A 1 40  ? 3.774   -7.796  -1.787  1.00 26.57 ? 44  ALA A N   1 
ATOM   285  C CA  . ALA A 1 40  ? 3.446   -7.606  -3.204  1.00 27.08 ? 44  ALA A CA  1 
ATOM   286  C C   . ALA A 1 40  ? 1.990   -7.196  -3.326  1.00 27.58 ? 44  ALA A C   1 
ATOM   287  O O   . ALA A 1 40  ? 1.123   -7.775  -2.678  1.00 27.96 ? 44  ALA A O   1 
ATOM   288  C CB  . ALA A 1 40  ? 3.675   -8.883  -3.974  1.00 27.41 ? 44  ALA A CB  1 
ATOM   289  N N   . ILE A 1 41  ? 1.712   -6.206  -4.159  1.00 28.23 ? 45  ILE A N   1 
ATOM   290  C CA  . ILE A 1 41  ? 0.361   -5.655  -4.258  1.00 28.94 ? 45  ILE A CA  1 
ATOM   291  C C   . ILE A 1 41  ? -0.079  -5.599  -5.721  1.00 29.92 ? 45  ILE A C   1 
ATOM   292  O O   . ILE A 1 41  ? 0.519   -4.885  -6.525  1.00 29.97 ? 45  ILE A O   1 
ATOM   293  C CB  . ILE A 1 41  ? 0.276   -4.251  -3.582  1.00 28.67 ? 45  ILE A CB  1 
ATOM   294  C CG1 . ILE A 1 41  ? 0.816   -4.309  -2.147  1.00 28.17 ? 45  ILE A CG1 1 
ATOM   295  C CG2 . ILE A 1 41  ? -1.142  -3.711  -3.612  1.00 28.23 ? 45  ILE A CG2 1 
ATOM   296  C CD1 . ILE A 1 41  ? 1.265   -2.964  -1.562  1.00 28.82 ? 45  ILE A CD1 1 
ATOM   297  N N   . PHE A 1 42  ? -1.116  -6.364  -6.064  1.00 31.34 ? 46  PHE A N   1 
ATOM   298  C CA  . PHE A 1 42  ? -1.639  -6.406  -7.438  1.00 32.28 ? 46  PHE A CA  1 
ATOM   299  C C   . PHE A 1 42  ? -2.874  -5.529  -7.582  1.00 33.14 ? 46  PHE A C   1 
ATOM   300  O O   . PHE A 1 42  ? -3.912  -5.804  -6.973  1.00 33.36 ? 46  PHE A O   1 
ATOM   301  C CB  . PHE A 1 42  ? -1.946  -7.840  -7.858  1.00 32.52 ? 46  PHE A CB  1 
ATOM   302  C CG  . PHE A 1 42  ? -0.732  -8.722  -7.924  1.00 33.11 ? 46  PHE A CG  1 
ATOM   303  C CD1 . PHE A 1 42  ? -0.101  -8.961  -9.140  1.00 32.62 ? 46  PHE A CD1 1 
ATOM   304  C CD2 . PHE A 1 42  ? -0.216  -9.316  -6.764  1.00 33.94 ? 46  PHE A CD2 1 
ATOM   305  C CE1 . PHE A 1 42  ? 1.018   -9.777  -9.206  1.00 32.93 ? 46  PHE A CE1 1 
ATOM   306  C CE2 . PHE A 1 42  ? 0.913   -10.134 -6.816  1.00 33.04 ? 46  PHE A CE2 1 
ATOM   307  C CZ  . PHE A 1 42  ? 1.529   -10.363 -8.034  1.00 33.33 ? 46  PHE A CZ  1 
ATOM   308  N N   . GLY A 1 43  ? -2.750  -4.471  -8.384  1.00 34.05 ? 47  GLY A N   1 
ATOM   309  C CA  . GLY A 1 43  ? -3.792  -3.451  -8.519  1.00 35.02 ? 47  GLY A CA  1 
ATOM   310  C C   . GLY A 1 43  ? -5.172  -3.988  -8.877  1.00 36.02 ? 47  GLY A C   1 
ATOM   311  O O   . GLY A 1 43  ? -5.307  -4.779  -9.827  1.00 35.91 ? 47  GLY A O   1 
ATOM   312  N N   . PRO A 1 44  ? -6.209  -3.547  -8.125  1.00 36.74 ? 48  PRO A N   1 
ATOM   313  C CA  . PRO A 1 44  ? -7.590  -4.029  -8.266  1.00 37.16 ? 48  PRO A CA  1 
ATOM   314  C C   . PRO A 1 44  ? -8.133  -3.758  -9.667  1.00 37.84 ? 48  PRO A C   1 
ATOM   315  O O   . PRO A 1 44  ? -8.007  -2.636  -10.157 1.00 37.63 ? 48  PRO A O   1 
ATOM   316  C CB  . PRO A 1 44  ? -8.357  -3.221  -7.217  1.00 37.36 ? 48  PRO A CB  1 
ATOM   317  C CG  . PRO A 1 44  ? -7.319  -2.721  -6.260  1.00 36.67 ? 48  PRO A CG  1 
ATOM   318  C CD  . PRO A 1 44  ? -6.095  -2.513  -7.078  1.00 36.65 ? 48  PRO A CD  1 
ATOM   319  N N   . PRO A 1 45  ? -8.726  -4.791  -10.304 1.00 38.65 ? 49  PRO A N   1 
ATOM   320  C CA  . PRO A 1 45  ? -9.088  -4.886  -11.732 1.00 38.93 ? 49  PRO A CA  1 
ATOM   321  C C   . PRO A 1 45  ? -10.012 -3.813  -12.348 1.00 39.27 ? 49  PRO A C   1 
ATOM   322  O O   . PRO A 1 45  ? -10.062 -3.701  -13.589 1.00 39.78 ? 49  PRO A O   1 
ATOM   323  C CB  . PRO A 1 45  ? -9.730  -6.277  -11.840 1.00 39.11 ? 49  PRO A CB  1 
ATOM   324  C CG  . PRO A 1 45  ? -9.154  -7.042  -10.704 1.00 39.08 ? 49  PRO A CG  1 
ATOM   325  C CD  . PRO A 1 45  ? -9.069  -6.038  -9.591  1.00 38.72 ? 49  PRO A CD  1 
ATOM   326  N N   . ASN A 1 46  ? -10.741 -3.049  -11.534 1.00 38.90 ? 50  ASN A N   1 
ATOM   327  C CA  . ASN A 1 46  ? -11.581 -1.967  -12.079 1.00 38.51 ? 50  ASN A CA  1 
ATOM   328  C C   . ASN A 1 46  ? -11.260 -0.575  -11.500 1.00 37.99 ? 50  ASN A C   1 
ATOM   329  O O   . ASN A 1 46  ? -12.102 0.329   -11.495 1.00 37.92 ? 50  ASN A O   1 
ATOM   330  C CB  . ASN A 1 46  ? -13.083 -2.314  -11.974 1.00 38.90 ? 50  ASN A CB  1 
ATOM   331  C CG  . ASN A 1 46  ? -13.552 -3.280  -13.075 1.00 39.94 ? 50  ASN A CG  1 
ATOM   332  O OD1 . ASN A 1 46  ? -13.027 -4.390  -13.216 1.00 41.19 ? 50  ASN A OD1 1 
ATOM   333  N ND2 . ASN A 1 46  ? -14.550 -2.858  -13.852 1.00 40.10 ? 50  ASN A ND2 1 
ATOM   334  N N   . THR A 1 47  ? -10.034 -0.411  -11.011 1.00 37.01 ? 51  THR A N   1 
ATOM   335  C CA  . THR A 1 47  ? -9.500  0.918   -10.723 1.00 35.83 ? 51  THR A CA  1 
ATOM   336  C C   . THR A 1 47  ? -8.445  1.302   -11.772 1.00 35.11 ? 51  THR A C   1 
ATOM   337  O O   . THR A 1 47  ? -8.175  0.545   -12.712 1.00 35.57 ? 51  THR A O   1 
ATOM   338  C CB  . THR A 1 47  ? -8.909  1.004   -9.309  1.00 35.72 ? 51  THR A CB  1 
ATOM   339  O OG1 . THR A 1 47  ? -7.700  0.249   -9.246  1.00 35.97 ? 51  THR A OG1 1 
ATOM   340  C CG2 . THR A 1 47  ? -9.874  0.447   -8.304  1.00 36.02 ? 51  THR A CG2 1 
ATOM   341  N N   . TYR A 1 48  ? -7.860  2.484   -11.622 1.00 34.06 ? 52  TYR A N   1 
ATOM   342  C CA  . TYR A 1 48  ? -6.798  2.929   -12.512 1.00 32.94 ? 52  TYR A CA  1 
ATOM   343  C C   . TYR A 1 48  ? -5.475  2.247   -12.176 1.00 32.03 ? 52  TYR A C   1 
ATOM   344  O O   . TYR A 1 48  ? -4.458  2.470   -12.844 1.00 32.11 ? 52  TYR A O   1 
ATOM   345  C CB  . TYR A 1 48  ? -6.660  4.453   -12.455 1.00 33.27 ? 52  TYR A CB  1 
ATOM   346  C CG  . TYR A 1 48  ? -7.807  5.201   -13.105 1.00 33.24 ? 52  TYR A CG  1 
ATOM   347  C CD1 . TYR A 1 48  ? -7.766  5.523   -14.461 1.00 32.98 ? 52  TYR A CD1 1 
ATOM   348  C CD2 . TYR A 1 48  ? -8.924  5.591   -12.368 1.00 33.94 ? 52  TYR A CD2 1 
ATOM   349  C CE1 . TYR A 1 48  ? -8.805  6.204   -15.070 1.00 32.45 ? 52  TYR A CE1 1 
ATOM   350  C CE2 . TYR A 1 48  ? -9.979  6.281   -12.979 1.00 33.83 ? 52  TYR A CE2 1 
ATOM   351  C CZ  . TYR A 1 48  ? -9.905  6.581   -14.332 1.00 32.61 ? 52  TYR A CZ  1 
ATOM   352  O OH  . TYR A 1 48  ? -10.924 7.265   -14.961 1.00 33.22 ? 52  TYR A OH  1 
ATOM   353  N N   . TYR A 1 49  ? -5.507  1.407   -11.144 1.00 30.84 ? 53  TYR A N   1 
ATOM   354  C CA  . TYR A 1 49  ? -4.357  0.619   -10.728 1.00 29.37 ? 53  TYR A CA  1 
ATOM   355  C C   . TYR A 1 49  ? -4.331  -0.746  -11.393 1.00 28.80 ? 53  TYR A C   1 
ATOM   356  O O   . TYR A 1 49  ? -3.328  -1.440  -11.326 1.00 28.38 ? 53  TYR A O   1 
ATOM   357  C CB  . TYR A 1 49  ? -4.328  0.478   -9.200  1.00 28.98 ? 53  TYR A CB  1 
ATOM   358  C CG  . TYR A 1 49  ? -4.048  1.773   -8.479  1.00 28.29 ? 53  TYR A CG  1 
ATOM   359  C CD1 . TYR A 1 49  ? -2.735  2.239   -8.318  1.00 28.33 ? 53  TYR A CD1 1 
ATOM   360  C CD2 . TYR A 1 49  ? -5.088  2.550   -7.974  1.00 27.17 ? 53  TYR A CD2 1 
ATOM   361  C CE1 . TYR A 1 49  ? -2.463  3.447   -7.662  1.00 26.78 ? 53  TYR A CE1 1 
ATOM   362  C CE2 . TYR A 1 49  ? -4.833  3.756   -7.315  1.00 27.17 ? 53  TYR A CE2 1 
ATOM   363  C CZ  . TYR A 1 49  ? -3.519  4.197   -7.159  1.00 27.84 ? 53  TYR A CZ  1 
ATOM   364  O OH  . TYR A 1 49  ? -3.272  5.382   -6.496  1.00 27.51 ? 53  TYR A OH  1 
ATOM   365  N N   . GLU A 1 50  ? -5.428  -1.128  -12.044 1.00 28.43 ? 54  GLU A N   1 
ATOM   366  C CA  . GLU A 1 50  ? -5.521  -2.469  -12.635 1.00 28.66 ? 54  GLU A CA  1 
ATOM   367  C C   . GLU A 1 50  ? -4.350  -2.794  -13.563 1.00 27.32 ? 54  GLU A C   1 
ATOM   368  O O   . GLU A 1 50  ? -3.973  -1.977  -14.407 1.00 27.17 ? 54  GLU A O   1 
ATOM   369  C CB  . GLU A 1 50  ? -6.859  -2.700  -13.348 1.00 28.84 ? 54  GLU A CB  1 
ATOM   370  C CG  . GLU A 1 50  ? -7.110  -1.848  -14.579 1.00 33.11 ? 54  GLU A CG  1 
ATOM   371  C CD  . GLU A 1 50  ? -8.122  -2.490  -15.520 1.00 37.74 ? 54  GLU A CD  1 
ATOM   372  O OE1 . GLU A 1 50  ? -7.745  -3.462  -16.222 1.00 40.27 ? 54  GLU A OE1 1 
ATOM   373  O OE2 . GLU A 1 50  ? -9.293  -2.035  -15.551 1.00 38.67 ? 54  GLU A OE2 1 
ATOM   374  N N   . GLY A 1 51  ? -3.783  -3.990  -13.373 1.00 26.34 ? 55  GLY A N   1 
ATOM   375  C CA  . GLY A 1 51  ? -2.630  -4.481  -14.138 1.00 24.35 ? 55  GLY A CA  1 
ATOM   376  C C   . GLY A 1 51  ? -1.308  -4.133  -13.485 1.00 23.20 ? 55  GLY A C   1 
ATOM   377  O O   . GLY A 1 51  ? -0.270  -4.661  -13.864 1.00 22.64 ? 55  GLY A O   1 
ATOM   378  N N   . GLY A 1 52  ? -1.356  -3.229  -12.504 1.00 22.23 ? 56  GLY A N   1 
ATOM   379  C CA  . GLY A 1 52  ? -0.178  -2.821  -11.758 1.00 21.19 ? 56  GLY A CA  1 
ATOM   380  C C   . GLY A 1 52  ? 0.300   -3.862  -10.764 1.00 20.82 ? 56  GLY A C   1 
ATOM   381  O O   . GLY A 1 52  ? -0.477  -4.706  -10.305 1.00 20.44 ? 56  GLY A O   1 
ATOM   382  N N   . TYR A 1 53  ? 1.590   -3.776  -10.439 1.00 20.51 ? 57  TYR A N   1 
ATOM   383  C CA  . TYR A 1 53  ? 2.280   -4.633  -9.489  1.00 19.85 ? 57  TYR A CA  1 
ATOM   384  C C   . TYR A 1 53  ? 3.138   -3.743  -8.596  1.00 20.28 ? 57  TYR A C   1 
ATOM   385  O O   . TYR A 1 53  ? 4.200   -3.260  -9.008  1.00 20.53 ? 57  TYR A O   1 
ATOM   386  C CB  . TYR A 1 53  ? 3.154   -5.618  -10.248 1.00 19.05 ? 57  TYR A CB  1 
ATOM   387  C CG  . TYR A 1 53  ? 4.266   -6.230  -9.432  1.00 18.63 ? 57  TYR A CG  1 
ATOM   388  C CD1 . TYR A 1 53  ? 3.992   -7.088  -8.371  1.00 17.80 ? 57  TYR A CD1 1 
ATOM   389  C CD2 . TYR A 1 53  ? 5.600   -5.972  -9.739  1.00 16.99 ? 57  TYR A CD2 1 
ATOM   390  C CE1 . TYR A 1 53  ? 5.018   -7.656  -7.623  1.00 17.51 ? 57  TYR A CE1 1 
ATOM   391  C CE2 . TYR A 1 53  ? 6.629   -6.543  -9.006  1.00 16.90 ? 57  TYR A CE2 1 
ATOM   392  C CZ  . TYR A 1 53  ? 6.336   -7.383  -7.946  1.00 17.56 ? 57  TYR A CZ  1 
ATOM   393  O OH  . TYR A 1 53  ? 7.361   -7.955  -7.208  1.00 17.18 ? 57  TYR A OH  1 
ATOM   394  N N   . PHE A 1 54  ? 2.672   -3.510  -7.373  1.00 21.01 ? 58  PHE A N   1 
ATOM   395  C CA  . PHE A 1 54  ? 3.336   -2.564  -6.457  1.00 21.01 ? 58  PHE A CA  1 
ATOM   396  C C   . PHE A 1 54  ? 4.031   -3.287  -5.299  1.00 20.94 ? 58  PHE A C   1 
ATOM   397  O O   . PHE A 1 54  ? 3.564   -4.305  -4.824  1.00 20.99 ? 58  PHE A O   1 
ATOM   398  C CB  . PHE A 1 54  ? 2.352   -1.509  -5.941  1.00 20.93 ? 58  PHE A CB  1 
ATOM   399  C CG  . PHE A 1 54  ? 1.582   -0.815  -7.025  1.00 21.21 ? 58  PHE A CG  1 
ATOM   400  C CD1 . PHE A 1 54  ? 2.206   0.108   -7.863  1.00 21.40 ? 58  PHE A CD1 1 
ATOM   401  C CD2 . PHE A 1 54  ? 0.230   -1.080  -7.211  1.00 23.16 ? 58  PHE A CD2 1 
ATOM   402  C CE1 . PHE A 1 54  ? 1.502   0.755   -8.867  1.00 22.00 ? 58  PHE A CE1 1 
ATOM   403  C CE2 . PHE A 1 54  ? -0.493  -0.444  -8.225  1.00 23.21 ? 58  PHE A CE2 1 
ATOM   404  C CZ  . PHE A 1 54  ? 0.146   0.475   -9.055  1.00 22.91 ? 58  PHE A CZ  1 
ATOM   405  N N   . LYS A 1 55  ? 5.150   -2.743  -4.857  1.00 20.54 ? 59  LYS A N   1 
ATOM   406  C CA  . LYS A 1 55  ? 5.936   -3.378  -3.832  1.00 20.46 ? 59  LYS A CA  1 
ATOM   407  C C   . LYS A 1 55  ? 6.055   -2.431  -2.645  1.00 19.71 ? 59  LYS A C   1 
ATOM   408  O O   . LYS A 1 55  ? 6.341   -1.248  -2.827  1.00 19.58 ? 59  LYS A O   1 
ATOM   409  C CB  . LYS A 1 55  ? 7.318   -3.701  -4.398  1.00 20.69 ? 59  LYS A CB  1 
ATOM   410  C CG  . LYS A 1 55  ? 7.729   -5.161  -4.289  1.00 22.37 ? 59  LYS A CG  1 
ATOM   411  C CD  . LYS A 1 55  ? 8.780   -5.514  -5.351  1.00 24.15 ? 59  LYS A CD  1 
ATOM   412  C CE  . LYS A 1 55  ? 10.201  -5.233  -4.866  1.00 24.78 ? 59  LYS A CE  1 
ATOM   413  N NZ  . LYS A 1 55  ? 11.203  -5.475  -5.937  1.00 25.32 ? 59  LYS A NZ  1 
ATOM   414  N N   . ALA A 1 56  ? 5.844   -2.968  -1.443  1.00 19.11 ? 60  ALA A N   1 
ATOM   415  C CA  . ALA A 1 56  ? 5.938   -2.212  -0.194  1.00 18.97 ? 60  ALA A CA  1 
ATOM   416  C C   . ALA A 1 56  ? 6.592   -3.041  0.900   1.00 18.92 ? 60  ALA A C   1 
ATOM   417  O O   . ALA A 1 56  ? 6.802   -4.236  0.748   1.00 18.43 ? 60  ALA A O   1 
ATOM   418  C CB  . ALA A 1 56  ? 4.567   -1.779  0.260   1.00 19.06 ? 60  ALA A CB  1 
ATOM   419  N N   . ARG A 1 57  ? 6.910   -2.398  2.016   1.00 18.84 ? 61  ARG A N   1 
ATOM   420  C CA  . ARG A 1 57  ? 7.569   -3.095  3.105   1.00 19.20 ? 61  ARG A CA  1 
ATOM   421  C C   . ARG A 1 57  ? 6.903   -2.840  4.465   1.00 19.10 ? 61  ARG A C   1 
ATOM   422  O O   . ARG A 1 57  ? 6.303   -1.799  4.684   1.00 19.11 ? 61  ARG A O   1 
ATOM   423  C CB  . ARG A 1 57  ? 9.059   -2.737  3.129   1.00 19.26 ? 61  ARG A CB  1 
ATOM   424  C CG  . ARG A 1 57  ? 9.872   -3.279  1.928   1.00 19.18 ? 61  ARG A CG  1 
ATOM   425  C CD  . ARG A 1 57  ? 10.691  -4.494  2.327   1.00 19.52 ? 61  ARG A CD  1 
ATOM   426  N NE  . ARG A 1 57  ? 11.477  -5.050  1.225   1.00 19.57 ? 61  ARG A NE  1 
ATOM   427  C CZ  . ARG A 1 57  ? 12.808  -5.021  1.159   1.00 20.06 ? 61  ARG A CZ  1 
ATOM   428  N NH1 . ARG A 1 57  ? 13.513  -4.451  2.132   1.00 18.06 ? 61  ARG A NH1 1 
ATOM   429  N NH2 . ARG A 1 57  ? 13.439  -5.570  0.119   1.00 19.43 ? 61  ARG A NH2 1 
ATOM   430  N N   . LEU A 1 58  ? 6.999   -3.820  5.359   1.00 19.21 ? 62  LEU A N   1 
ATOM   431  C CA  . LEU A 1 58  ? 6.503   -3.699  6.725   1.00 19.02 ? 62  LEU A CA  1 
ATOM   432  C C   . LEU A 1 58  ? 7.656   -3.953  7.682   1.00 19.11 ? 62  LEU A C   1 
ATOM   433  O O   . LEU A 1 58  ? 8.456   -4.854  7.464   1.00 19.30 ? 62  LEU A O   1 
ATOM   434  C CB  . LEU A 1 58  ? 5.374   -4.713  6.976   1.00 19.10 ? 62  LEU A CB  1 
ATOM   435  C CG  . LEU A 1 58  ? 3.912   -4.354  6.647   1.00 19.10 ? 62  LEU A CG  1 
ATOM   436  C CD1 . LEU A 1 58  ? 3.044   -5.595  6.363   1.00 16.94 ? 62  LEU A CD1 1 
ATOM   437  C CD2 . LEU A 1 58  ? 3.290   -3.516  7.764   1.00 18.74 ? 62  LEU A CD2 1 
ATOM   438  N N   . LYS A 1 59  ? 7.743   -3.140  8.726   1.00 19.38 ? 63  LYS A N   1 
ATOM   439  C CA  . LYS A 1 59  ? 8.762   -3.267  9.762   1.00 19.59 ? 63  LYS A CA  1 
ATOM   440  C C   . LYS A 1 59  ? 8.030   -3.228  11.092  1.00 19.38 ? 63  LYS A C   1 
ATOM   441  O O   . LYS A 1 59  ? 7.277   -2.306  11.343  1.00 19.05 ? 63  LYS A O   1 
ATOM   442  C CB  . LYS A 1 59  ? 9.762   -2.102  9.677   1.00 19.81 ? 63  LYS A CB  1 
ATOM   443  C CG  . LYS A 1 59  ? 10.960  -2.176  10.657  1.00 20.79 ? 63  LYS A CG  1 
ATOM   444  C CD  . LYS A 1 59  ? 12.076  -1.201  10.249  1.00 20.42 ? 63  LYS A CD  1 
ATOM   445  C CE  . LYS A 1 59  ? 13.433  -1.577  10.873  1.00 23.45 ? 63  LYS A CE  1 
ATOM   446  N NZ  . LYS A 1 59  ? 13.685  -0.983  12.235  1.00 20.56 ? 63  LYS A NZ  1 
ATOM   447  N N   . PHE A 1 60  ? 8.244   -4.239  11.929  1.00 19.78 ? 64  PHE A N   1 
ATOM   448  C CA  . PHE A 1 60  ? 7.543   -4.380  13.208  1.00 20.27 ? 64  PHE A CA  1 
ATOM   449  C C   . PHE A 1 60  ? 8.496   -4.166  14.373  1.00 21.12 ? 64  PHE A C   1 
ATOM   450  O O   . PHE A 1 60  ? 9.654   -4.609  14.317  1.00 21.00 ? 64  PHE A O   1 
ATOM   451  C CB  . PHE A 1 60  ? 6.930   -5.774  13.344  1.00 19.47 ? 64  PHE A CB  1 
ATOM   452  C CG  . PHE A 1 60  ? 6.021   -6.150  12.230  1.00 19.02 ? 64  PHE A CG  1 
ATOM   453  C CD1 . PHE A 1 60  ? 4.649   -5.942  12.341  1.00 18.89 ? 64  PHE A CD1 1 
ATOM   454  C CD2 . PHE A 1 60  ? 6.523   -6.743  11.079  1.00 18.09 ? 64  PHE A CD2 1 
ATOM   455  C CE1 . PHE A 1 60  ? 3.788   -6.303  11.313  1.00 18.52 ? 64  PHE A CE1 1 
ATOM   456  C CE2 . PHE A 1 60  ? 5.681   -7.105  10.038  1.00 19.05 ? 64  PHE A CE2 1 
ATOM   457  C CZ  . PHE A 1 60  ? 4.302   -6.893  10.152  1.00 19.40 ? 64  PHE A CZ  1 
ATOM   458  N N   . PRO A 1 61  ? 8.018   -3.506  15.441  1.00 22.22 ? 65  PRO A N   1 
ATOM   459  C CA  . PRO A 1 61  ? 8.877   -3.318  16.626  1.00 23.55 ? 65  PRO A CA  1 
ATOM   460  C C   . PRO A 1 61  ? 9.067   -4.628  17.407  1.00 24.71 ? 65  PRO A C   1 
ATOM   461  O O   . PRO A 1 61  ? 8.325   -5.593  17.181  1.00 24.71 ? 65  PRO A O   1 
ATOM   462  C CB  . PRO A 1 61  ? 8.110   -2.288  17.470  1.00 23.35 ? 65  PRO A CB  1 
ATOM   463  C CG  . PRO A 1 61  ? 6.949   -1.825  16.623  1.00 22.67 ? 65  PRO A CG  1 
ATOM   464  C CD  . PRO A 1 61  ? 6.689   -2.899  15.622  1.00 22.32 ? 65  PRO A CD  1 
ATOM   465  N N   . ILE A 1 62  ? 10.051  -4.665  18.307  1.00 25.73 ? 66  ILE A N   1 
ATOM   466  C CA  . ILE A 1 62  ? 10.265  -5.860  19.147  1.00 26.78 ? 66  ILE A CA  1 
ATOM   467  C C   . ILE A 1 62  ? 9.152   -6.091  20.180  1.00 26.86 ? 66  ILE A C   1 
ATOM   468  O O   . ILE A 1 62  ? 9.097   -7.153  20.798  1.00 27.10 ? 66  ILE A O   1 
ATOM   469  C CB  . ILE A 1 62  ? 11.674  -5.895  19.853  1.00 26.67 ? 66  ILE A CB  1 
ATOM   470  C CG1 . ILE A 1 62  ? 11.762  -4.853  20.967  1.00 27.10 ? 66  ILE A CG1 1 
ATOM   471  C CG2 . ILE A 1 62  ? 12.813  -5.776  18.835  1.00 25.87 ? 66  ILE A CG2 1 
ATOM   472  C CD1 . ILE A 1 62  ? 13.122  -4.835  21.669  1.00 27.60 ? 66  ILE A CD1 1 
ATOM   473  N N   . ASP A 1 63  ? 8.279   -5.101  20.357  1.00 27.28 ? 67  ASP A N   1 
ATOM   474  C CA  . ASP A 1 63  ? 7.159   -5.200  21.300  1.00 27.55 ? 67  ASP A CA  1 
ATOM   475  C C   . ASP A 1 63  ? 5.783   -5.268  20.619  1.00 27.30 ? 67  ASP A C   1 
ATOM   476  O O   . ASP A 1 63  ? 4.736   -5.102  21.265  1.00 27.57 ? 67  ASP A O   1 
ATOM   477  C CB  . ASP A 1 63  ? 7.224   -4.068  22.343  1.00 27.88 ? 67  ASP A CB  1 
ATOM   478  C CG  . ASP A 1 63  ? 6.861   -2.710  21.771  1.00 29.98 ? 67  ASP A CG  1 
ATOM   479  O OD1 . ASP A 1 63  ? 7.132   -2.461  20.578  1.00 33.16 ? 67  ASP A OD1 1 
ATOM   480  O OD2 . ASP A 1 63  ? 6.301   -1.876  22.515  1.00 32.81 ? 67  ASP A OD2 1 
ATOM   481  N N   . TYR A 1 64  ? 5.790   -5.520  19.311  1.00 26.86 ? 68  TYR A N   1 
ATOM   482  C CA  . TYR A 1 64  ? 4.578   -5.834  18.566  1.00 26.43 ? 68  TYR A CA  1 
ATOM   483  C C   . TYR A 1 64  ? 3.799   -6.951  19.270  1.00 26.45 ? 68  TYR A C   1 
ATOM   484  O O   . TYR A 1 64  ? 4.412   -7.872  19.820  1.00 26.49 ? 68  TYR A O   1 
ATOM   485  C CB  . TYR A 1 64  ? 4.944   -6.269  17.138  1.00 26.28 ? 68  TYR A CB  1 
ATOM   486  C CG  . TYR A 1 64  ? 3.742   -6.537  16.247  1.00 25.81 ? 68  TYR A CG  1 
ATOM   487  C CD1 . TYR A 1 64  ? 3.066   -5.483  15.609  1.00 25.98 ? 68  TYR A CD1 1 
ATOM   488  C CD2 . TYR A 1 64  ? 3.282   -7.840  16.043  1.00 24.86 ? 68  TYR A CD2 1 
ATOM   489  C CE1 . TYR A 1 64  ? 1.955   -5.722  14.795  1.00 25.54 ? 68  TYR A CE1 1 
ATOM   490  C CE2 . TYR A 1 64  ? 2.176   -8.096  15.234  1.00 24.47 ? 68  TYR A CE2 1 
ATOM   491  C CZ  . TYR A 1 64  ? 1.517   -7.036  14.614  1.00 25.61 ? 68  TYR A CZ  1 
ATOM   492  O OH  . TYR A 1 64  ? 0.429   -7.292  13.819  1.00 23.91 ? 68  TYR A OH  1 
ATOM   493  N N   . PRO A 1 65  ? 2.445   -6.891  19.255  1.00 26.38 ? 69  PRO A N   1 
ATOM   494  C CA  . PRO A 1 65  ? 1.546   -5.869  18.724  1.00 26.08 ? 69  PRO A CA  1 
ATOM   495  C C   . PRO A 1 65  ? 1.226   -4.674  19.623  1.00 25.78 ? 69  PRO A C   1 
ATOM   496  O O   . PRO A 1 65  ? 0.271   -3.957  19.340  1.00 25.51 ? 69  PRO A O   1 
ATOM   497  C CB  . PRO A 1 65  ? 0.261   -6.659  18.494  1.00 26.06 ? 69  PRO A CB  1 
ATOM   498  C CG  . PRO A 1 65  ? 0.245   -7.599  19.637  1.00 26.02 ? 69  PRO A CG  1 
ATOM   499  C CD  . PRO A 1 65  ? 1.675   -8.042  19.774  1.00 26.31 ? 69  PRO A CD  1 
ATOM   500  N N   A TYR A 1 66  ? 1.993   -4.474  20.692  0.50 26.04 ? 70  TYR A N   1 
ATOM   501  N N   B TYR A 1 66  ? 2.024   -4.450  20.666  0.50 25.84 ? 70  TYR A N   1 
ATOM   502  C CA  A TYR A 1 66  ? 1.788   -3.311  21.564  0.50 26.15 ? 70  TYR A CA  1 
ATOM   503  C CA  B TYR A 1 66  ? 1.805   -3.317  21.584  0.50 25.78 ? 70  TYR A CA  1 
ATOM   504  C C   A TYR A 1 66  ? 2.028   -2.023  20.778  0.50 25.98 ? 70  TYR A C   1 
ATOM   505  C C   B TYR A 1 66  ? 2.408   -1.994  21.056  0.50 25.74 ? 70  TYR A C   1 
ATOM   506  O O   A TYR A 1 66  ? 1.335   -1.028  20.987  0.50 26.14 ? 70  TYR A O   1 
ATOM   507  O O   B TYR A 1 66  ? 2.355   -0.952  21.725  0.50 25.76 ? 70  TYR A O   1 
ATOM   508  C CB  A TYR A 1 66  ? 2.701   -3.374  22.799  0.50 26.47 ? 70  TYR A CB  1 
ATOM   509  C CB  B TYR A 1 66  ? 2.305   -3.652  23.002  0.50 25.84 ? 70  TYR A CB  1 
ATOM   510  C CG  A TYR A 1 66  ? 2.393   -2.353  23.889  0.50 26.86 ? 70  TYR A CG  1 
ATOM   511  C CG  B TYR A 1 66  ? 1.764   -4.957  23.559  0.50 25.62 ? 70  TYR A CG  1 
ATOM   512  C CD1 A TYR A 1 66  ? 1.292   -2.516  24.740  0.50 27.06 ? 70  TYR A CD1 1 
ATOM   513  C CD1 B TYR A 1 66  ? 0.502   -5.021  24.155  0.50 25.92 ? 70  TYR A CD1 1 
ATOM   514  C CD2 A TYR A 1 66  ? 3.216   -1.241  24.086  0.50 27.07 ? 70  TYR A CD2 1 
ATOM   515  C CD2 B TYR A 1 66  ? 2.514   -6.128  23.485  0.50 25.67 ? 70  TYR A CD2 1 
ATOM   516  C CE1 A TYR A 1 66  ? 1.008   -1.588  25.744  0.50 26.76 ? 70  TYR A CE1 1 
ATOM   517  C CE1 B TYR A 1 66  ? 0.003   -6.225  24.662  0.50 25.34 ? 70  TYR A CE1 1 
ATOM   518  C CE2 A TYR A 1 66  ? 2.942   -0.311  25.089  0.50 27.02 ? 70  TYR A CE2 1 
ATOM   519  C CE2 B TYR A 1 66  ? 2.027   -7.330  23.985  0.50 25.46 ? 70  TYR A CE2 1 
ATOM   520  C CZ  A TYR A 1 66  ? 1.837   -0.491  25.915  0.50 27.14 ? 70  TYR A CZ  1 
ATOM   521  C CZ  B TYR A 1 66  ? 0.776   -7.374  24.568  0.50 25.49 ? 70  TYR A CZ  1 
ATOM   522  O OH  A TYR A 1 66  ? 1.562   0.420   26.912  0.50 26.68 ? 70  TYR A OH  1 
ATOM   523  O OH  B TYR A 1 66  ? 0.309   -8.573  25.061  0.50 25.45 ? 70  TYR A OH  1 
ATOM   524  N N   . SER A 1 67  ? 2.994   -2.066  19.861  1.00 25.57 ? 71  SER A N   1 
ATOM   525  C CA  . SER A 1 67  ? 3.368   -0.911  19.056  1.00 25.13 ? 71  SER A CA  1 
ATOM   526  C C   . SER A 1 67  ? 3.173   -1.304  17.595  1.00 24.99 ? 71  SER A C   1 
ATOM   527  O O   . SER A 1 67  ? 3.492   -2.428  17.207  1.00 24.57 ? 71  SER A O   1 
ATOM   528  C CB  . SER A 1 67  ? 4.823   -0.520  19.285  1.00 25.38 ? 71  SER A CB  1 
ATOM   529  O OG  . SER A 1 67  ? 5.089   -0.267  20.656  1.00 26.74 ? 71  SER A OG  1 
ATOM   530  N N   . PRO A 1 68  ? 2.651   -0.376  16.772  1.00 24.72 ? 72  PRO A N   1 
ATOM   531  C CA  . PRO A 1 68  ? 2.295   -0.727  15.394  1.00 24.42 ? 72  PRO A CA  1 
ATOM   532  C C   . PRO A 1 68  ? 3.524   -0.810  14.488  1.00 23.93 ? 72  PRO A C   1 
ATOM   533  O O   . PRO A 1 68  ? 4.568   -0.258  14.830  1.00 24.32 ? 72  PRO A O   1 
ATOM   534  C CB  . PRO A 1 68  ? 1.402   0.428   14.975  1.00 24.80 ? 72  PRO A CB  1 
ATOM   535  C CG  . PRO A 1 68  ? 1.942   1.603   15.756  1.00 24.56 ? 72  PRO A CG  1 
ATOM   536  C CD  . PRO A 1 68  ? 2.385   1.043   17.072  1.00 24.46 ? 72  PRO A CD  1 
ATOM   537  N N   . PRO A 1 69  ? 3.415   -1.508  13.344  1.00 23.24 ? 73  PRO A N   1 
ATOM   538  C CA  . PRO A 1 69  ? 4.538   -1.515  12.412  1.00 22.66 ? 73  PRO A CA  1 
ATOM   539  C C   . PRO A 1 69  ? 4.723   -0.174  11.685  1.00 22.38 ? 73  PRO A C   1 
ATOM   540  O O   . PRO A 1 69  ? 3.963   0.771   11.912  1.00 21.57 ? 73  PRO A O   1 
ATOM   541  C CB  . PRO A 1 69  ? 4.143   -2.600  11.397  1.00 22.56 ? 73  PRO A CB  1 
ATOM   542  C CG  . PRO A 1 69  ? 2.672   -2.645  11.451  1.00 22.75 ? 73  PRO A CG  1 
ATOM   543  C CD  . PRO A 1 69  ? 2.282   -2.317  12.854  1.00 23.24 ? 73  PRO A CD  1 
ATOM   544  N N   . ALA A 1 70  ? 5.746   -0.118  10.824  1.00 22.41 ? 74  ALA A N   1 
ATOM   545  C CA  . ALA A 1 70  ? 5.928   0.955   9.851   1.00 22.00 ? 74  ALA A CA  1 
ATOM   546  C C   . ALA A 1 70  ? 5.594   0.482   8.429   1.00 21.91 ? 74  ALA A C   1 
ATOM   547  O O   . ALA A 1 70  ? 5.989   -0.608  8.000   1.00 21.65 ? 74  ALA A O   1 
ATOM   548  C CB  . ALA A 1 70  ? 7.341   1.461   9.916   1.00 22.11 ? 74  ALA A CB  1 
ATOM   549  N N   . PHE A 1 71  ? 4.853   1.301   7.696   1.00 21.73 ? 75  PHE A N   1 
ATOM   550  C CA  . PHE A 1 71  ? 4.541   0.960   6.319   1.00 21.73 ? 75  PHE A CA  1 
ATOM   551  C C   . PHE A 1 71  ? 5.187   1.949   5.364   1.00 21.85 ? 75  PHE A C   1 
ATOM   552  O O   . PHE A 1 71  ? 5.147   3.157   5.589   1.00 21.74 ? 75  PHE A O   1 
ATOM   553  C CB  . PHE A 1 71  ? 3.023   0.890   6.080   1.00 21.58 ? 75  PHE A CB  1 
ATOM   554  C CG  . PHE A 1 71  ? 2.636   0.378   4.700   1.00 20.09 ? 75  PHE A CG  1 
ATOM   555  C CD1 . PHE A 1 71  ? 2.443   -0.990  4.473   1.00 19.50 ? 75  PHE A CD1 1 
ATOM   556  C CD2 . PHE A 1 71  ? 2.450   1.264   3.643   1.00 18.16 ? 75  PHE A CD2 1 
ATOM   557  C CE1 . PHE A 1 71  ? 2.084   -1.478  3.190   1.00 18.41 ? 75  PHE A CE1 1 
ATOM   558  C CE2 . PHE A 1 71  ? 2.093   0.795   2.355   1.00 18.29 ? 75  PHE A CE2 1 
ATOM   559  C CZ  . PHE A 1 71  ? 1.909   -0.577  2.130   1.00 18.56 ? 75  PHE A CZ  1 
ATOM   560  N N   . ARG A 1 72  ? 5.770   1.415   4.294   1.00 21.76 ? 76  ARG A N   1 
ATOM   561  C CA  . ARG A 1 72  ? 6.411   2.229   3.292   1.00 21.90 ? 76  ARG A CA  1 
ATOM   562  C C   . ARG A 1 72  ? 6.404   1.502   1.954   1.00 21.55 ? 76  ARG A C   1 
ATOM   563  O O   . ARG A 1 72  ? 6.820   0.361   1.857   1.00 21.41 ? 76  ARG A O   1 
ATOM   564  C CB  . ARG A 1 72  ? 7.839   2.531   3.734   1.00 22.31 ? 76  ARG A CB  1 
ATOM   565  C CG  . ARG A 1 72  ? 8.579   3.555   2.902   1.00 23.46 ? 76  ARG A CG  1 
ATOM   566  C CD  . ARG A 1 72  ? 9.987   3.705   3.417   1.00 25.21 ? 76  ARG A CD  1 
ATOM   567  N NE  . ARG A 1 72  ? 10.588  2.392   3.632   1.00 27.67 ? 76  ARG A NE  1 
ATOM   568  C CZ  . ARG A 1 72  ? 11.351  1.758   2.745   1.00 27.95 ? 76  ARG A CZ  1 
ATOM   569  N NH1 . ARG A 1 72  ? 11.620  2.332   1.573   1.00 26.63 ? 76  ARG A NH1 1 
ATOM   570  N NH2 . ARG A 1 72  ? 11.848  0.552   3.037   1.00 26.17 ? 76  ARG A NH2 1 
ATOM   571  N N   . PHE A 1 73  ? 5.910   2.186   0.935   1.00 21.49 ? 77  PHE A N   1 
ATOM   572  C CA  . PHE A 1 73  ? 5.990   1.739   -0.437  1.00 21.59 ? 77  PHE A CA  1 
ATOM   573  C C   . PHE A 1 73  ? 7.405   1.863   -1.007  1.00 22.27 ? 77  PHE A C   1 
ATOM   574  O O   . PHE A 1 73  ? 8.076   2.904   -0.828  1.00 22.64 ? 77  PHE A O   1 
ATOM   575  C CB  . PHE A 1 73  ? 5.068   2.600   -1.280  1.00 21.35 ? 77  PHE A CB  1 
ATOM   576  C CG  . PHE A 1 73  ? 3.651   2.104   -1.340  1.00 21.43 ? 77  PHE A CG  1 
ATOM   577  C CD1 . PHE A 1 73  ? 3.331   0.971   -2.083  1.00 19.11 ? 77  PHE A CD1 1 
ATOM   578  C CD2 . PHE A 1 73  ? 2.636   2.790   -0.681  1.00 20.18 ? 77  PHE A CD2 1 
ATOM   579  C CE1 . PHE A 1 73  ? 2.029   0.522   -2.161  1.00 19.28 ? 77  PHE A CE1 1 
ATOM   580  C CE2 . PHE A 1 73  ? 1.320   2.351   -0.756  1.00 20.58 ? 77  PHE A CE2 1 
ATOM   581  C CZ  . PHE A 1 73  ? 1.013   1.209   -1.503  1.00 19.80 ? 77  PHE A CZ  1 
ATOM   582  N N   . LEU A 1 74  ? 7.853   0.815   -1.705  1.00 22.14 ? 78  LEU A N   1 
ATOM   583  C CA  . LEU A 1 74  ? 9.112   0.874   -2.452  1.00 21.90 ? 78  LEU A CA  1 
ATOM   584  C C   . LEU A 1 74  ? 8.899   1.538   -3.827  1.00 22.13 ? 78  LEU A C   1 
ATOM   585  O O   . LEU A 1 74  ? 9.659   2.423   -4.240  1.00 21.70 ? 78  LEU A O   1 
ATOM   586  C CB  . LEU A 1 74  ? 9.753   -0.519  -2.578  1.00 21.44 ? 78  LEU A CB  1 
ATOM   587  C CG  . LEU A 1 74  ? 10.199  -1.207  -1.283  1.00 20.70 ? 78  LEU A CG  1 
ATOM   588  C CD1 . LEU A 1 74  ? 11.236  -2.245  -1.571  1.00 19.11 ? 78  LEU A CD1 1 
ATOM   589  C CD2 . LEU A 1 74  ? 10.753  -0.224  -0.259  1.00 19.91 ? 78  LEU A CD2 1 
ATOM   590  N N   . THR A 1 75  ? 7.852   1.097   -4.517  1.00 22.46 ? 79  THR A N   1 
ATOM   591  C CA  . THR A 1 75  ? 7.372   1.727   -5.739  1.00 22.65 ? 79  THR A CA  1 
ATOM   592  C C   . THR A 1 75  ? 7.095   3.188   -5.434  1.00 22.37 ? 79  THR A C   1 
ATOM   593  O O   . THR A 1 75  ? 6.547   3.486   -4.383  1.00 22.95 ? 79  THR A O   1 
ATOM   594  C CB  . THR A 1 75  ? 6.036   1.054   -6.171  1.00 22.86 ? 79  THR A CB  1 
ATOM   595  O OG1 . THR A 1 75  ? 6.166   -0.372  -6.075  1.00 23.05 ? 79  THR A OG1 1 
ATOM   596  C CG2 . THR A 1 75  ? 5.625   1.447   -7.595  1.00 22.85 ? 79  THR A CG2 1 
ATOM   597  N N   . LYS A 1 76  ? 7.494   4.106   -6.313  1.00 22.65 ? 80  LYS A N   1 
ATOM   598  C CA  . LYS A 1 76  ? 7.053   5.502   -6.179  1.00 22.53 ? 80  LYS A CA  1 
ATOM   599  C C   . LYS A 1 76  ? 5.580   5.546   -6.558  1.00 22.37 ? 80  LYS A C   1 
ATOM   600  O O   . LYS A 1 76  ? 5.171   4.931   -7.574  1.00 21.30 ? 80  LYS A O   1 
ATOM   601  C CB  . LYS A 1 76  ? 7.871   6.484   -7.032  1.00 23.24 ? 80  LYS A CB  1 
ATOM   602  C CG  . LYS A 1 76  ? 9.380   6.603   -6.685  1.00 25.04 ? 80  LYS A CG  1 
ATOM   603  C CD  . LYS A 1 76  ? 9.655   7.013   -5.210  1.00 27.24 ? 80  LYS A CD  1 
ATOM   604  C CE  . LYS A 1 76  ? 10.973  6.388   -4.656  1.00 26.22 ? 80  LYS A CE  1 
ATOM   605  N NZ  . LYS A 1 76  ? 10.876  6.115   -3.186  1.00 26.78 ? 80  LYS A NZ  1 
ATOM   606  N N   . MET A 1 77  ? 4.798   6.232   -5.710  1.00 21.90 ? 81  MET A N   1 
ATOM   607  C CA  . MET A 1 77  ? 3.338   6.343   -5.839  1.00 21.60 ? 81  MET A CA  1 
ATOM   608  C C   . MET A 1 77  ? 2.897   7.802   -5.702  1.00 21.23 ? 81  MET A C   1 
ATOM   609  O O   . MET A 1 77  ? 3.192   8.443   -4.689  1.00 21.58 ? 81  MET A O   1 
ATOM   610  C CB  . MET A 1 77  ? 2.612   5.504   -4.772  1.00 21.74 ? 81  MET A CB  1 
ATOM   611  C CG  . MET A 1 77  ? 3.086   4.059   -4.592  1.00 21.82 ? 81  MET A CG  1 
ATOM   612  S SD  . MET A 1 77  ? 2.424   2.964   -5.851  1.00 24.03 ? 81  MET A SD  1 
ATOM   613  C CE  . MET A 1 77  ? 0.721   2.784   -5.326  1.00 22.48 ? 81  MET A CE  1 
ATOM   614  N N   . TRP A 1 78  ? 2.208   8.324   -6.719  1.00 20.43 ? 82  TRP A N   1 
ATOM   615  C CA  . TRP A 1 78  ? 1.579   9.638   -6.649  1.00 19.76 ? 82  TRP A CA  1 
ATOM   616  C C   . TRP A 1 78  ? 0.238   9.507   -5.931  1.00 19.70 ? 82  TRP A C   1 
ATOM   617  O O   . TRP A 1 78  ? -0.707  8.909   -6.466  1.00 19.73 ? 82  TRP A O   1 
ATOM   618  C CB  . TRP A 1 78  ? 1.377   10.226  -8.048  1.00 19.61 ? 82  TRP A CB  1 
ATOM   619  C CG  . TRP A 1 78  ? 1.129   11.734  -8.069  1.00 19.66 ? 82  TRP A CG  1 
ATOM   620  C CD1 . TRP A 1 78  ? -0.026  12.381  -8.442  1.00 19.18 ? 82  TRP A CD1 1 
ATOM   621  C CD2 . TRP A 1 78  ? 2.053   12.764  -7.683  1.00 18.86 ? 82  TRP A CD2 1 
ATOM   622  N NE1 . TRP A 1 78  ? 0.132   13.739  -8.325  1.00 18.39 ? 82  TRP A NE1 1 
ATOM   623  C CE2 . TRP A 1 78  ? 1.397   14.003  -7.860  1.00 19.09 ? 82  TRP A CE2 1 
ATOM   624  C CE3 . TRP A 1 78  ? 3.378   12.758  -7.212  1.00 18.93 ? 82  TRP A CE3 1 
ATOM   625  C CZ2 . TRP A 1 78  ? 2.022   15.234  -7.581  1.00 19.94 ? 82  TRP A CZ2 1 
ATOM   626  C CZ3 . TRP A 1 78  ? 4.005   13.986  -6.935  1.00 19.61 ? 82  TRP A CZ3 1 
ATOM   627  C CH2 . TRP A 1 78  ? 3.318   15.203  -7.115  1.00 19.64 ? 82  TRP A CH2 1 
ATOM   628  N N   . HIS A 1 79  ? 0.163   10.064  -4.719  1.00 19.16 ? 83  HIS A N   1 
ATOM   629  C CA  . HIS A 1 79  ? -0.990  9.887   -3.853  1.00 18.56 ? 83  HIS A CA  1 
ATOM   630  C C   . HIS A 1 79  ? -1.013  10.921  -2.745  1.00 18.74 ? 83  HIS A C   1 
ATOM   631  O O   . HIS A 1 79  ? 0.035   11.194  -2.140  1.00 18.68 ? 83  HIS A O   1 
ATOM   632  C CB  . HIS A 1 79  ? -0.949  8.506   -3.210  1.00 18.70 ? 83  HIS A CB  1 
ATOM   633  C CG  . HIS A 1 79  ? -2.288  7.997   -2.782  1.00 18.63 ? 83  HIS A CG  1 
ATOM   634  N ND1 . HIS A 1 79  ? -2.907  8.408   -1.622  1.00 19.16 ? 83  HIS A ND1 1 
ATOM   635  C CD2 . HIS A 1 79  ? -3.121  7.099   -3.355  1.00 17.53 ? 83  HIS A CD2 1 
ATOM   636  C CE1 . HIS A 1 79  ? -4.069  7.790   -1.502  1.00 19.09 ? 83  HIS A CE1 1 
ATOM   637  N NE2 . HIS A 1 79  ? -4.220  6.986   -2.540  1.00 19.42 ? 83  HIS A NE2 1 
ATOM   638  N N   . PRO A 1 80  ? -2.210  11.494  -2.465  1.00 18.30 ? 84  PRO A N   1 
ATOM   639  C CA  . PRO A 1 80  ? -2.414  12.418  -1.343  1.00 18.33 ? 84  PRO A CA  1 
ATOM   640  C C   . PRO A 1 80  ? -1.822  11.935  -0.025  1.00 18.26 ? 84  PRO A C   1 
ATOM   641  O O   . PRO A 1 80  ? -1.227  12.723  0.695   1.00 18.18 ? 84  PRO A O   1 
ATOM   642  C CB  . PRO A 1 80  ? -3.935  12.495  -1.233  1.00 18.06 ? 84  PRO A CB  1 
ATOM   643  C CG  . PRO A 1 80  ? -4.392  12.306  -2.641  1.00 17.94 ? 84  PRO A CG  1 
ATOM   644  C CD  . PRO A 1 80  ? -3.452  11.302  -3.237  1.00 17.90 ? 84  PRO A CD  1 
ATOM   645  N N   . ASN A 1 81  ? -1.933  10.634  0.241   1.00 18.49 ? 85  ASN A N   1 
ATOM   646  C CA  . ASN A 1 81  ? -1.629  10.061  1.538   1.00 18.45 ? 85  ASN A CA  1 
ATOM   647  C C   . ASN A 1 81  ? -0.329  9.258   1.631   1.00 18.51 ? 85  ASN A C   1 
ATOM   648  O O   . ASN A 1 81  ? -0.074  8.584   2.624   1.00 18.79 ? 85  ASN A O   1 
ATOM   649  C CB  . ASN A 1 81  ? -2.816  9.222   1.962   1.00 18.42 ? 85  ASN A CB  1 
ATOM   650  C CG  . ASN A 1 81  ? -4.123  9.975   1.831   1.00 20.21 ? 85  ASN A CG  1 
ATOM   651  O OD1 . ASN A 1 81  ? -4.339  10.993  2.506   1.00 22.17 ? 85  ASN A OD1 1 
ATOM   652  N ND2 . ASN A 1 81  ? -5.004  9.494   0.955   1.00 19.58 ? 85  ASN A ND2 1 
ATOM   653  N N   . ILE A 1 82  ? 0.508   9.354   0.605   1.00 18.45 ? 86  ILE A N   1 
ATOM   654  C CA  . ILE A 1 82  ? 1.792   8.641   0.557   1.00 18.19 ? 86  ILE A CA  1 
ATOM   655  C C   . ILE A 1 82  ? 2.904   9.686   0.414   1.00 18.91 ? 86  ILE A C   1 
ATOM   656  O O   . ILE A 1 82  ? 2.800   10.614  -0.411  1.00 18.49 ? 86  ILE A O   1 
ATOM   657  C CB  . ILE A 1 82  ? 1.820   7.654   -0.643  1.00 17.56 ? 86  ILE A CB  1 
ATOM   658  C CG1 . ILE A 1 82  ? 0.698   6.615   -0.491  1.00 16.77 ? 86  ILE A CG1 1 
ATOM   659  C CG2 . ILE A 1 82  ? 3.192   7.018   -0.777  1.00 17.78 ? 86  ILE A CG2 1 
ATOM   660  C CD1 . ILE A 1 82  ? 0.501   5.661   -1.676  1.00 18.65 ? 86  ILE A CD1 1 
ATOM   661  N N   . TYR A 1 83  ? 3.946   9.570   1.227   1.00 19.51 ? 87  TYR A N   1 
ATOM   662  C CA  . TYR A 1 83  ? 5.039   10.517  1.130   1.00 21.02 ? 87  TYR A CA  1 
ATOM   663  C C   . TYR A 1 83  ? 5.936   10.119  -0.023  1.00 22.13 ? 87  TYR A C   1 
ATOM   664  O O   . TYR A 1 83  ? 5.797   9.023   -0.565  1.00 22.48 ? 87  TYR A O   1 
ATOM   665  C CB  . TYR A 1 83  ? 5.812   10.603  2.439   1.00 21.24 ? 87  TYR A CB  1 
ATOM   666  C CG  . TYR A 1 83  ? 5.027   11.260  3.550   1.00 20.54 ? 87  TYR A CG  1 
ATOM   667  C CD1 . TYR A 1 83  ? 5.010   12.647  3.699   1.00 21.06 ? 87  TYR A CD1 1 
ATOM   668  C CD2 . TYR A 1 83  ? 4.301   10.490  4.452   1.00 20.80 ? 87  TYR A CD2 1 
ATOM   669  C CE1 . TYR A 1 83  ? 4.285   13.247  4.729   1.00 21.20 ? 87  TYR A CE1 1 
ATOM   670  C CE2 . TYR A 1 83  ? 3.580   11.072  5.476   1.00 20.50 ? 87  TYR A CE2 1 
ATOM   671  C CZ  . TYR A 1 83  ? 3.576   12.440  5.607   1.00 21.13 ? 87  TYR A CZ  1 
ATOM   672  O OH  . TYR A 1 83  ? 2.851   12.981  6.624   1.00 21.82 ? 87  TYR A OH  1 
ATOM   673  N N   . GLU A 1 84  ? 6.831   11.015  -0.421  1.00 23.35 ? 88  GLU A N   1 
ATOM   674  C CA  . GLU A 1 84  ? 7.733   10.753  -1.550  1.00 24.73 ? 88  GLU A CA  1 
ATOM   675  C C   . GLU A 1 84  ? 8.697   9.600   -1.236  1.00 23.90 ? 88  GLU A C   1 
ATOM   676  O O   . GLU A 1 84  ? 9.193   8.898   -2.138  1.00 23.82 ? 88  GLU A O   1 
ATOM   677  C CB  . GLU A 1 84  ? 8.507   12.036  -1.897  1.00 25.77 ? 88  GLU A CB  1 
ATOM   678  C CG  . GLU A 1 84  ? 9.680   11.844  -2.868  1.00 30.21 ? 88  GLU A CG  1 
ATOM   679  C CD  . GLU A 1 84  ? 10.746  12.912  -2.706  1.00 35.56 ? 88  GLU A CD  1 
ATOM   680  O OE1 . GLU A 1 84  ? 10.432  14.111  -2.944  1.00 37.43 ? 88  GLU A OE1 1 
ATOM   681  O OE2 . GLU A 1 84  ? 11.891  12.543  -2.348  1.00 36.24 ? 88  GLU A OE2 1 
ATOM   682  N N   . THR A 1 85  ? 8.945   9.422   0.056   1.00 23.28 ? 89  THR A N   1 
ATOM   683  C CA  . THR A 1 85  ? 9.777   8.355   0.575   1.00 23.12 ? 89  THR A CA  1 
ATOM   684  C C   . THR A 1 85  ? 9.068   6.996   0.420   1.00 23.18 ? 89  THR A C   1 
ATOM   685  O O   . THR A 1 85  ? 9.708   5.933   0.392   1.00 23.17 ? 89  THR A O   1 
ATOM   686  C CB  . THR A 1 85  ? 10.104  8.618   2.058   1.00 23.30 ? 89  THR A CB  1 
ATOM   687  O OG1 . THR A 1 85  ? 8.888   8.736   2.810   1.00 23.10 ? 89  THR A OG1 1 
ATOM   688  C CG2 . THR A 1 85  ? 10.896  9.933   2.219   1.00 24.06 ? 89  THR A CG2 1 
ATOM   689  N N   . GLY A 1 86  ? 7.741   7.045   0.322   1.00 22.96 ? 90  GLY A N   1 
ATOM   690  C CA  . GLY A 1 86  ? 6.911   5.860   0.164   1.00 22.59 ? 90  GLY A CA  1 
ATOM   691  C C   . GLY A 1 86  ? 6.077   5.587   1.395   1.00 22.38 ? 90  GLY A C   1 
ATOM   692  O O   . GLY A 1 86  ? 5.188   4.735   1.355   1.00 22.01 ? 90  GLY A O   1 
ATOM   693  N N   . ASP A 1 87  ? 6.383   6.312   2.476   1.00 21.99 ? 91  ASP A N   1 
ATOM   694  C CA  . ASP A 1 87  ? 5.751   6.142   3.786   1.00 22.35 ? 91  ASP A CA  1 
ATOM   695  C C   . ASP A 1 87  ? 4.263   6.422   3.755   1.00 22.31 ? 91  ASP A C   1 
ATOM   696  O O   . ASP A 1 87  ? 3.827   7.437   3.219   1.00 22.95 ? 91  ASP A O   1 
ATOM   697  C CB  . ASP A 1 87  ? 6.344   7.114   4.824   1.00 22.30 ? 91  ASP A CB  1 
ATOM   698  C CG  . ASP A 1 87  ? 7.803   6.856   5.134   1.00 23.51 ? 91  ASP A CG  1 
ATOM   699  O OD1 . ASP A 1 87  ? 8.238   5.690   5.125   1.00 24.40 ? 91  ASP A OD1 1 
ATOM   700  O OD2 . ASP A 1 87  ? 8.524   7.839   5.412   1.00 24.44 ? 91  ASP A OD2 1 
ATOM   701  N N   . VAL A 1 88  ? 3.484   5.559   4.388   1.00 22.52 ? 92  VAL A N   1 
ATOM   702  C CA  . VAL A 1 88  ? 2.141   5.933   4.781   1.00 22.76 ? 92  VAL A CA  1 
ATOM   703  C C   . VAL A 1 88  ? 2.054   5.934   6.315   1.00 23.43 ? 92  VAL A C   1 
ATOM   704  O O   . VAL A 1 88  ? 2.471   4.973   6.957   1.00 23.01 ? 92  VAL A O   1 
ATOM   705  C CB  . VAL A 1 88  ? 1.101   4.989   4.152   1.00 23.00 ? 92  VAL A CB  1 
ATOM   706  C CG1 . VAL A 1 88  ? -0.315  5.538   4.348   1.00 22.67 ? 92  VAL A CG1 1 
ATOM   707  C CG2 . VAL A 1 88  ? 1.403   4.779   2.667   1.00 21.77 ? 92  VAL A CG2 1 
ATOM   708  N N   . CYS A 1 89  ? 1.547   7.018   6.906   1.00 24.63 ? 93  CYS A N   1 
ATOM   709  C CA  . CYS A 1 89  ? 1.274   7.036   8.351   1.00 25.95 ? 93  CYS A CA  1 
ATOM   710  C C   . CYS A 1 89  ? 0.439   5.829   8.725   1.00 26.37 ? 93  CYS A C   1 
ATOM   711  O O   . CYS A 1 89  ? -0.529  5.505   8.029   1.00 26.47 ? 93  CYS A O   1 
ATOM   712  C CB  . CYS A 1 89  ? 0.534   8.298   8.764   1.00 26.01 ? 93  CYS A CB  1 
ATOM   713  S SG  . CYS A 1 89  ? 1.614   9.721   8.883   1.00 28.90 ? 93  CYS A SG  1 
ATOM   714  N N   . ILE A 1 90  ? 0.819   5.156   9.810   1.00 26.86 ? 94  ILE A N   1 
ATOM   715  C CA  . ILE A 1 90  ? 0.145   3.918   10.193  1.00 27.30 ? 94  ILE A CA  1 
ATOM   716  C C   . ILE A 1 90  ? -1.313  4.139   10.644  1.00 27.84 ? 94  ILE A C   1 
ATOM   717  O O   . ILE A 1 90  ? -2.166  3.286   10.403  1.00 27.91 ? 94  ILE A O   1 
ATOM   718  C CB  . ILE A 1 90  ? 0.980   3.043   11.191  1.00 27.04 ? 94  ILE A CB  1 
ATOM   719  C CG1 . ILE A 1 90  ? 0.432   1.613   11.248  1.00 26.55 ? 94  ILE A CG1 1 
ATOM   720  C CG2 . ILE A 1 90  ? 1.061   3.677   12.581  1.00 28.02 ? 94  ILE A CG2 1 
ATOM   721  C CD1 . ILE A 1 90  ? 0.740   0.782   9.976   1.00 25.17 ? 94  ILE A CD1 1 
ATOM   722  N N   . SER A 1 91  ? -1.596  5.297   11.242  1.00 28.00 ? 95  SER A N   1 
ATOM   723  C CA  . SER A 1 91  ? -2.942  5.587   11.734  1.00 28.72 ? 95  SER A CA  1 
ATOM   724  C C   . SER A 1 91  ? -4.016  5.649   10.649  1.00 29.49 ? 95  SER A C   1 
ATOM   725  O O   . SER A 1 91  ? -5.207  5.548   10.954  1.00 29.72 ? 95  SER A O   1 
ATOM   726  C CB  . SER A 1 91  ? -2.970  6.881   12.554  1.00 28.15 ? 95  SER A CB  1 
ATOM   727  O OG  . SER A 1 91  ? -3.135  8.003   11.716  1.00 27.65 ? 95  SER A OG  1 
ATOM   728  N N   . ILE A 1 92  ? -3.614  5.843   9.397   1.00 30.53 ? 96  ILE A N   1 
ATOM   729  C CA  . ILE A 1 92  ? -4.594  5.868   8.315   1.00 31.88 ? 96  ILE A CA  1 
ATOM   730  C C   . ILE A 1 92  ? -4.783  4.458   7.746   1.00 32.83 ? 96  ILE A C   1 
ATOM   731  O O   . ILE A 1 92  ? -5.752  4.188   7.050   1.00 33.52 ? 96  ILE A O   1 
ATOM   732  C CB  . ILE A 1 92  ? -4.272  6.927   7.194   1.00 31.79 ? 96  ILE A CB  1 
ATOM   733  C CG1 . ILE A 1 92  ? -3.585  6.299   5.993   1.00 30.83 ? 96  ILE A CG1 1 
ATOM   734  C CG2 . ILE A 1 92  ? -3.467  8.127   7.729   1.00 32.17 ? 96  ILE A CG2 1 
ATOM   735  C CD1 . ILE A 1 92  ? -3.331  7.279   4.920   1.00 30.89 ? 96  ILE A CD1 1 
ATOM   736  N N   . LEU A 1 93  ? -3.847  3.566   8.058   1.00 33.95 ? 97  LEU A N   1 
ATOM   737  C CA  . LEU A 1 93  ? -3.904  2.179   7.622   1.00 34.62 ? 97  LEU A CA  1 
ATOM   738  C C   . LEU A 1 93  ? -4.526  1.301   8.683   1.00 35.55 ? 97  LEU A C   1 
ATOM   739  O O   . LEU A 1 93  ? -5.110  0.266   8.374   1.00 35.78 ? 97  LEU A O   1 
ATOM   740  C CB  . LEU A 1 93  ? -2.506  1.659   7.301   1.00 34.46 ? 97  LEU A CB  1 
ATOM   741  C CG  . LEU A 1 93  ? -1.797  2.208   6.065   1.00 33.69 ? 97  LEU A CG  1 
ATOM   742  C CD1 . LEU A 1 93  ? -0.410  1.630   6.028   1.00 33.11 ? 97  LEU A CD1 1 
ATOM   743  C CD2 . LEU A 1 93  ? -2.550  1.866   4.791   1.00 33.42 ? 97  LEU A CD2 1 
ATOM   744  N N   . HIS A 1 94  ? -4.377  1.713   9.933   1.00 36.64 ? 98  HIS A N   1 
ATOM   745  C CA  . HIS A 1 94  ? -4.963  1.015   11.065  1.00 38.31 ? 98  HIS A CA  1 
ATOM   746  C C   . HIS A 1 94  ? -5.871  1.976   11.873  1.00 39.24 ? 98  HIS A C   1 
ATOM   747  O O   . HIS A 1 94  ? -5.550  2.332   13.007  1.00 39.42 ? 98  HIS A O   1 
ATOM   748  C CB  . HIS A 1 94  ? -3.846  0.405   11.926  1.00 38.22 ? 98  HIS A CB  1 
ATOM   749  C CG  . HIS A 1 94  ? -4.315  -0.678  12.841  1.00 39.73 ? 98  HIS A CG  1 
ATOM   750  N ND1 . HIS A 1 94  ? -4.714  -1.918  12.384  1.00 41.43 ? 98  HIS A ND1 1 
ATOM   751  C CD2 . HIS A 1 94  ? -4.459  -0.707  14.186  1.00 40.60 ? 98  HIS A CD2 1 
ATOM   752  C CE1 . HIS A 1 94  ? -5.083  -2.665  13.409  1.00 40.99 ? 98  HIS A CE1 1 
ATOM   753  N NE2 . HIS A 1 94  ? -4.937  -1.953  14.514  1.00 41.24 ? 98  HIS A NE2 1 
ATOM   754  N N   . PRO A 1 95  ? -7.027  2.371   11.295  1.00 40.35 ? 99  PRO A N   1 
ATOM   755  C CA  . PRO A 1 95  ? -7.839  3.480   11.795  1.00 41.25 ? 99  PRO A CA  1 
ATOM   756  C C   . PRO A 1 95  ? -8.530  3.184   13.132  1.00 42.58 ? 99  PRO A C   1 
ATOM   757  O O   . PRO A 1 95  ? -8.541  2.029   13.561  1.00 42.77 ? 99  PRO A O   1 
ATOM   758  C CB  . PRO A 1 95  ? -8.900  3.655   10.693  1.00 41.09 ? 99  PRO A CB  1 
ATOM   759  C CG  . PRO A 1 95  ? -8.406  2.890   9.532   1.00 40.54 ? 99  PRO A CG  1 
ATOM   760  C CD  . PRO A 1 95  ? -7.669  1.748   10.126  1.00 40.24 ? 99  PRO A CD  1 
ATOM   761  N N   . PRO A 1 96  ? -9.088  4.227   13.795  1.00 43.85 ? 100 PRO A N   1 
ATOM   762  C CA  . PRO A 1 96  ? -9.970  4.058   14.965  1.00 44.60 ? 100 PRO A CA  1 
ATOM   763  C C   . PRO A 1 96  ? -11.240 3.283   14.624  1.00 45.24 ? 100 PRO A C   1 
ATOM   764  O O   . PRO A 1 96  ? -11.865 3.541   13.584  1.00 45.31 ? 100 PRO A O   1 
ATOM   765  C CB  . PRO A 1 96  ? -10.334 5.498   15.346  1.00 44.70 ? 100 PRO A CB  1 
ATOM   766  C CG  . PRO A 1 96  ? -10.080 6.307   14.101  1.00 44.62 ? 100 PRO A CG  1 
ATOM   767  C CD  . PRO A 1 96  ? -8.883  5.657   13.482  1.00 44.02 ? 100 PRO A CD  1 
ATOM   768  N N   . VAL A 1 97  ? -11.614 2.363   15.514  1.00 45.87 ? 101 VAL A N   1 
ATOM   769  C CA  . VAL A 1 97  ? -12.691 1.400   15.269  1.00 46.56 ? 101 VAL A CA  1 
ATOM   770  C C   . VAL A 1 97  ? -13.718 1.362   16.415  1.00 47.03 ? 101 VAL A C   1 
ATOM   771  O O   . VAL A 1 97  ? -13.342 1.372   17.595  1.00 47.31 ? 101 VAL A O   1 
ATOM   772  C CB  . VAL A 1 97  ? -12.090 -0.004  14.992  1.00 46.52 ? 101 VAL A CB  1 
ATOM   773  C CG1 . VAL A 1 97  ? -13.065 -1.140  15.330  1.00 46.79 ? 101 VAL A CG1 1 
ATOM   774  C CG2 . VAL A 1 97  ? -11.633 -0.085  13.552  1.00 46.53 ? 101 VAL A CG2 1 
ATOM   775  N N   . GLN A 1 114 ? -6.921  -9.962  12.221  1.00 39.37 ? 118 GLN A N   1 
ATOM   776  C CA  . GLN A 1 114 ? -5.563  -9.611  12.743  1.00 38.90 ? 118 GLN A CA  1 
ATOM   777  C C   . GLN A 1 114 ? -5.021  -8.326  12.120  1.00 37.92 ? 118 GLN A C   1 
ATOM   778  O O   . GLN A 1 114 ? -5.385  -7.971  11.000  1.00 37.77 ? 118 GLN A O   1 
ATOM   779  C CB  . GLN A 1 114 ? -4.584  -10.768 12.511  1.00 39.61 ? 118 GLN A CB  1 
ATOM   780  C CG  . GLN A 1 114 ? -4.871  -12.039 13.325  1.00 41.54 ? 118 GLN A CG  1 
ATOM   781  C CD  . GLN A 1 114 ? -4.381  -11.958 14.765  1.00 44.31 ? 118 GLN A CD  1 
ATOM   782  O OE1 . GLN A 1 114 ? -4.768  -11.059 15.519  1.00 46.00 ? 118 GLN A OE1 1 
ATOM   783  N NE2 . GLN A 1 114 ? -3.538  -12.915 15.159  1.00 44.81 ? 118 GLN A NE2 1 
ATOM   784  N N   . ASN A 1 115 ? -4.126  -7.664  12.856  1.00 36.63 ? 119 ASN A N   1 
ATOM   785  C CA  . ASN A 1 115 ? -3.582  -6.346  12.510  1.00 35.23 ? 119 ASN A CA  1 
ATOM   786  C C   . ASN A 1 115 ? -3.117  -6.148  11.066  1.00 33.66 ? 119 ASN A C   1 
ATOM   787  O O   . ASN A 1 115 ? -3.587  -5.231  10.388  1.00 33.27 ? 119 ASN A O   1 
ATOM   788  C CB  . ASN A 1 115 ? -2.438  -5.982  13.465  1.00 35.86 ? 119 ASN A CB  1 
ATOM   789  C CG  . ASN A 1 115 ? -2.924  -5.564  14.855  1.00 37.16 ? 119 ASN A CG  1 
ATOM   790  O OD1 . ASN A 1 115 ? -2.272  -4.756  15.522  1.00 39.37 ? 119 ASN A OD1 1 
ATOM   791  N ND2 . ASN A 1 115 ? -4.053  -6.113  15.299  1.00 37.39 ? 119 ASN A ND2 1 
ATOM   792  N N   . VAL A 1 116 ? -2.187  -6.986  10.608  1.00 31.79 ? 120 VAL A N   1 
ATOM   793  C CA  . VAL A 1 116 ? -1.638  -6.863  9.249   1.00 30.30 ? 120 VAL A CA  1 
ATOM   794  C C   . VAL A 1 116 ? -2.735  -7.019  8.181   1.00 29.72 ? 120 VAL A C   1 
ATOM   795  O O   . VAL A 1 116 ? -2.759  -6.265  7.202   1.00 29.45 ? 120 VAL A O   1 
ATOM   796  C CB  . VAL A 1 116 ? -0.430  -7.823  8.991   1.00 30.20 ? 120 VAL A CB  1 
ATOM   797  C CG1 . VAL A 1 116 ? 0.125   -7.647  7.598   1.00 29.18 ? 120 VAL A CG1 1 
ATOM   798  C CG2 . VAL A 1 116 ? 0.677   -7.584  10.005  1.00 29.63 ? 120 VAL A CG2 1 
ATOM   799  N N   . ARG A 1 117 ? -3.656  -7.967  8.384   1.00 28.97 ? 121 ARG A N   1 
ATOM   800  C CA  . ARG A 1 117 ? -4.786  -8.145  7.466   1.00 28.01 ? 121 ARG A CA  1 
ATOM   801  C C   . ARG A 1 117 ? -5.568  -6.831  7.307   1.00 27.06 ? 121 ARG A C   1 
ATOM   802  O O   . ARG A 1 117 ? -5.748  -6.366  6.182   1.00 26.88 ? 121 ARG A O   1 
ATOM   803  C CB  . ARG A 1 117 ? -5.690  -9.323  7.862   1.00 27.56 ? 121 ARG A CB  1 
ATOM   804  C CG  . ARG A 1 117 ? -6.714  -9.708  6.766   1.00 28.55 ? 121 ARG A CG  1 
ATOM   805  C CD  . ARG A 1 117 ? -7.530  -10.990 7.056   1.00 29.04 ? 121 ARG A CD  1 
ATOM   806  N NE  . ARG A 1 117 ? -6.668  -12.153 7.324   1.00 32.39 ? 121 ARG A NE  1 
ATOM   807  C CZ  . ARG A 1 117 ? -6.364  -13.113 6.446   1.00 32.79 ? 121 ARG A CZ  1 
ATOM   808  N NH1 . ARG A 1 117 ? -5.555  -14.104 6.817   1.00 31.05 ? 121 ARG A NH1 1 
ATOM   809  N NH2 . ARG A 1 117 ? -6.867  -13.096 5.207   1.00 32.74 ? 121 ARG A NH2 1 
ATOM   810  N N   . THR A 1 118 ? -5.990  -6.219  8.418   1.00 25.88 ? 122 THR A N   1 
ATOM   811  C CA  . THR A 1 118 ? -6.681  -4.911  8.358   1.00 25.18 ? 122 THR A CA  1 
ATOM   812  C C   . THR A 1 118 ? -5.843  -3.800  7.690   1.00 24.12 ? 122 THR A C   1 
ATOM   813  O O   . THR A 1 118 ? -6.379  -2.955  6.960   1.00 23.59 ? 122 THR A O   1 
ATOM   814  C CB  . THR A 1 118 ? -7.316  -4.425  9.738   1.00 25.32 ? 122 THR A CB  1 
ATOM   815  O OG1 . THR A 1 118 ? -7.001  -3.042  9.967   1.00 26.77 ? 122 THR A OG1 1 
ATOM   816  C CG2 . THR A 1 118 ? -6.833  -5.213  10.904  1.00 24.79 ? 122 THR A CG2 1 
ATOM   817  N N   . ILE A 1 119 ? -4.535  -3.836  7.934   1.00 22.97 ? 123 ILE A N   1 
ATOM   818  C CA  . ILE A 1 119 ? -3.572  -2.952  7.283   1.00 21.79 ? 123 ILE A CA  1 
ATOM   819  C C   . ILE A 1 119 ? -3.605  -3.127  5.747   1.00 21.64 ? 123 ILE A C   1 
ATOM   820  O O   . ILE A 1 119 ? -3.789  -2.161  4.988   1.00 21.18 ? 123 ILE A O   1 
ATOM   821  C CB  . ILE A 1 119 ? -2.147  -3.139  7.925   1.00 21.78 ? 123 ILE A CB  1 
ATOM   822  C CG1 . ILE A 1 119 ? -2.056  -2.301  9.218   1.00 21.37 ? 123 ILE A CG1 1 
ATOM   823  C CG2 . ILE A 1 119 ? -1.012  -2.821  6.927   1.00 20.41 ? 123 ILE A CG2 1 
ATOM   824  C CD1 . ILE A 1 119 ? -1.018  -2.758  10.224  1.00 20.72 ? 123 ILE A CD1 1 
ATOM   825  N N   . LEU A 1 120 ? -3.470  -4.369  5.295   1.00 21.38 ? 124 LEU A N   1 
ATOM   826  C CA  . LEU A 1 120 ? -3.575  -4.674  3.877   1.00 20.95 ? 124 LEU A CA  1 
ATOM   827  C C   . LEU A 1 120 ? -4.897  -4.189  3.281   1.00 21.05 ? 124 LEU A C   1 
ATOM   828  O O   . LEU A 1 120 ? -4.909  -3.571  2.203   1.00 20.85 ? 124 LEU A O   1 
ATOM   829  C CB  . LEU A 1 120 ? -3.345  -6.165  3.644   1.00 21.16 ? 124 LEU A CB  1 
ATOM   830  C CG  . LEU A 1 120 ? -1.894  -6.554  3.326   1.00 20.48 ? 124 LEU A CG  1 
ATOM   831  C CD1 . LEU A 1 120 ? -0.899  -5.854  4.236   1.00 20.65 ? 124 LEU A CD1 1 
ATOM   832  C CD2 . LEU A 1 120 ? -1.732  -8.068  3.378   1.00 20.41 ? 124 LEU A CD2 1 
ATOM   833  N N   . LEU A 1 121 ? -5.992  -4.412  4.011   1.00 21.16 ? 125 LEU A N   1 
ATOM   834  C CA  . LEU A 1 121 ? -7.330  -3.954  3.587   1.00 21.39 ? 125 LEU A CA  1 
ATOM   835  C C   . LEU A 1 121 ? -7.481  -2.419  3.470   1.00 21.70 ? 125 LEU A C   1 
ATOM   836  O O   . LEU A 1 121 ? -8.201  -1.938  2.594   1.00 21.41 ? 125 LEU A O   1 
ATOM   837  C CB  . LEU A 1 121 ? -8.415  -4.539  4.494   1.00 21.10 ? 125 LEU A CB  1 
ATOM   838  C CG  . LEU A 1 121 ? -8.740  -6.039  4.475   1.00 21.69 ? 125 LEU A CG  1 
ATOM   839  C CD1 . LEU A 1 121 ? -9.879  -6.281  5.430   1.00 21.36 ? 125 LEU A CD1 1 
ATOM   840  C CD2 . LEU A 1 121 ? -9.106  -6.577  3.093   1.00 20.61 ? 125 LEU A CD2 1 
ATOM   841  N N   . SER A 1 122 ? -6.827  -1.663  4.362   1.00 22.12 ? 126 SER A N   1 
ATOM   842  C CA  . SER A 1 122 ? -6.709  -0.200  4.212   1.00 22.83 ? 126 SER A CA  1 
ATOM   843  C C   . SER A 1 122 ? -5.953  0.227   2.947   1.00 22.95 ? 126 SER A C   1 
ATOM   844  O O   . SER A 1 122 ? -6.247  1.276   2.384   1.00 22.93 ? 126 SER A O   1 
ATOM   845  C CB  . SER A 1 122 ? -5.998  0.434   5.409   1.00 22.87 ? 126 SER A CB  1 
ATOM   846  O OG  . SER A 1 122 ? -6.638  0.127   6.619   1.00 23.23 ? 126 SER A OG  1 
ATOM   847  N N   . VAL A 1 123 ? -4.961  -0.558  2.528   1.00 23.44 ? 127 VAL A N   1 
ATOM   848  C CA  . VAL A 1 123 ? -4.232  -0.245  1.293   1.00 24.02 ? 127 VAL A CA  1 
ATOM   849  C C   . VAL A 1 123 ? -5.136  -0.247  0.040   1.00 24.40 ? 127 VAL A C   1 
ATOM   850  O O   . VAL A 1 123 ? -5.093  0.698   -0.748  1.00 24.53 ? 127 VAL A O   1 
ATOM   851  C CB  . VAL A 1 123 ? -2.965  -1.112  1.122   1.00 24.16 ? 127 VAL A CB  1 
ATOM   852  C CG1 . VAL A 1 123 ? -2.192  -0.713  -0.143  1.00 24.24 ? 127 VAL A CG1 1 
ATOM   853  C CG2 . VAL A 1 123 ? -2.072  -0.976  2.339   1.00 23.91 ? 127 VAL A CG2 1 
ATOM   854  N N   . ILE A 1 124 ? -5.967  -1.278  -0.135  1.00 24.80 ? 128 ILE A N   1 
ATOM   855  C CA  . ILE A 1 124 ? -6.978  -1.293  -1.215  1.00 25.32 ? 128 ILE A CA  1 
ATOM   856  C C   . ILE A 1 124 ? -7.836  -0.059  -1.113  1.00 25.62 ? 128 ILE A C   1 
ATOM   857  O O   . ILE A 1 124 ? -8.139  0.608   -2.096  1.00 25.43 ? 128 ILE A O   1 
ATOM   858  C CB  . ILE A 1 124 ? -8.000  -2.455  -1.065  1.00 25.17 ? 128 ILE A CB  1 
ATOM   859  C CG1 . ILE A 1 124 ? -7.338  -3.815  -1.206  1.00 26.37 ? 128 ILE A CG1 1 
ATOM   860  C CG2 . ILE A 1 124 ? -9.158  -2.301  -2.056  1.00 25.04 ? 128 ILE A CG2 1 
ATOM   861  C CD1 . ILE A 1 124 ? -7.234  -4.541  0.106   1.00 28.25 ? 128 ILE A CD1 1 
ATOM   862  N N   . SER A 1 125 ? -8.257  0.187   0.118   1.00 26.44 ? 129 SER A N   1 
ATOM   863  C CA  . SER A 1 125 ? -9.199  1.217   0.449   1.00 27.15 ? 129 SER A CA  1 
ATOM   864  C C   . SER A 1 125 ? -8.631  2.586   0.066   1.00 27.31 ? 129 SER A C   1 
ATOM   865  O O   . SER A 1 125 ? -9.299  3.388   -0.598  1.00 27.14 ? 129 SER A O   1 
ATOM   866  C CB  . SER A 1 125 ? -9.486  1.127   1.943   1.00 26.76 ? 129 SER A CB  1 
ATOM   867  O OG  . SER A 1 125 ? -10.808 1.522   2.215   1.00 28.93 ? 129 SER A OG  1 
ATOM   868  N N   . LEU A 1 126 ? -7.378  2.820   0.460   1.00 27.69 ? 130 LEU A N   1 
ATOM   869  C CA  . LEU A 1 126 ? -6.707  4.109   0.271   1.00 28.26 ? 130 LEU A CA  1 
ATOM   870  C C   . LEU A 1 126 ? -6.350  4.351   -1.188  1.00 28.12 ? 130 LEU A C   1 
ATOM   871  O O   . LEU A 1 126 ? -6.342  5.491   -1.665  1.00 27.84 ? 130 LEU A O   1 
ATOM   872  C CB  . LEU A 1 126 ? -5.441  4.171   1.124   1.00 28.26 ? 130 LEU A CB  1 
ATOM   873  C CG  . LEU A 1 126 ? -5.015  5.570   1.577   1.00 29.45 ? 130 LEU A CG  1 
ATOM   874  C CD1 . LEU A 1 126 ? -6.039  6.143   2.588   1.00 29.23 ? 130 LEU A CD1 1 
ATOM   875  C CD2 . LEU A 1 126 ? -3.591  5.531   2.142   1.00 28.11 ? 130 LEU A CD2 1 
ATOM   876  N N   . LEU A 1 127 ? -6.033  3.264   -1.881  1.00 28.41 ? 131 LEU A N   1 
ATOM   877  C CA  . LEU A 1 127 ? -5.773  3.307   -3.311  1.00 28.93 ? 131 LEU A CA  1 
ATOM   878  C C   . LEU A 1 127 ? -7.019  3.721   -4.066  1.00 29.16 ? 131 LEU A C   1 
ATOM   879  O O   . LEU A 1 127 ? -6.951  4.572   -4.939  1.00 28.94 ? 131 LEU A O   1 
ATOM   880  C CB  . LEU A 1 127 ? -5.258  1.951   -3.808  1.00 28.98 ? 131 LEU A CB  1 
ATOM   881  C CG  . LEU A 1 127 ? -3.749  1.784   -4.013  1.00 29.12 ? 131 LEU A CG  1 
ATOM   882  C CD1 . LEU A 1 127 ? -2.896  2.678   -3.068  1.00 28.32 ? 131 LEU A CD1 1 
ATOM   883  C CD2 . LEU A 1 127 ? -3.359  0.310   -3.922  1.00 27.79 ? 131 LEU A CD2 1 
ATOM   884  N N   . ASN A 1 128 ? -8.162  3.143   -3.703  1.00 30.20 ? 132 ASN A N   1 
ATOM   885  C CA  . ASN A 1 128 ? -9.430  3.504   -4.334  1.00 31.50 ? 132 ASN A CA  1 
ATOM   886  C C   . ASN A 1 128 ? -9.920  4.915   -4.043  1.00 31.81 ? 132 ASN A C   1 
ATOM   887  O O   . ASN A 1 128 ? -10.274 5.642   -4.970  1.00 31.73 ? 132 ASN A O   1 
ATOM   888  C CB  . ASN A 1 128 ? -10.509 2.472   -4.025  1.00 32.08 ? 132 ASN A CB  1 
ATOM   889  C CG  . ASN A 1 128 ? -10.267 1.157   -4.744  1.00 33.99 ? 132 ASN A CG  1 
ATOM   890  O OD1 . ASN A 1 128 ? -9.339  1.049   -5.558  1.00 35.39 ? 132 ASN A OD1 1 
ATOM   891  N ND2 . ASN A 1 128 ? -11.089 0.146   -4.443  1.00 35.02 ? 132 ASN A ND2 1 
ATOM   892  N N   . GLU A 1 129 ? -9.947  5.304   -2.771  1.00 32.41 ? 133 GLU A N   1 
ATOM   893  C CA  . GLU A 1 129 ? -10.357 6.655   -2.418  1.00 33.41 ? 133 GLU A CA  1 
ATOM   894  C C   . GLU A 1 129 ? -9.400  7.323   -1.440  1.00 33.12 ? 133 GLU A C   1 
ATOM   895  O O   . GLU A 1 129 ? -9.392  6.996   -0.253  1.00 33.43 ? 133 GLU A O   1 
ATOM   896  C CB  . GLU A 1 129 ? -11.810 6.709   -1.919  1.00 33.83 ? 133 GLU A CB  1 
ATOM   897  C CG  . GLU A 1 129 ? -12.846 6.603   -3.058  1.00 36.99 ? 133 GLU A CG  1 
ATOM   898  C CD  . GLU A 1 129 ? -13.858 7.763   -3.089  1.00 41.45 ? 133 GLU A CD  1 
ATOM   899  O OE1 . GLU A 1 129 ? -14.372 8.134   -1.993  1.00 42.32 ? 133 GLU A OE1 1 
ATOM   900  O OE2 . GLU A 1 129 ? -14.137 8.291   -4.211  1.00 41.30 ? 133 GLU A OE2 1 
ATOM   901  N N   . PRO A 1 130 ? -8.565  8.243   -1.953  1.00 32.86 ? 134 PRO A N   1 
ATOM   902  C CA  . PRO A 1 130 ? -7.684  9.071   -1.149  1.00 32.54 ? 134 PRO A CA  1 
ATOM   903  C C   . PRO A 1 130 ? -8.417  9.820   -0.040  1.00 32.50 ? 134 PRO A C   1 
ATOM   904  O O   . PRO A 1 130 ? -9.634  9.994   -0.103  1.00 32.54 ? 134 PRO A O   1 
ATOM   905  C CB  . PRO A 1 130 ? -7.131  10.068  -2.167  1.00 32.58 ? 134 PRO A CB  1 
ATOM   906  C CG  . PRO A 1 130 ? -7.157  9.345   -3.444  1.00 32.19 ? 134 PRO A CG  1 
ATOM   907  C CD  . PRO A 1 130 ? -8.393  8.514   -3.394  1.00 32.75 ? 134 PRO A CD  1 
ATOM   908  N N   . ASN A 1 131 ? -7.644  10.255  0.954   1.00 32.40 ? 135 ASN A N   1 
ATOM   909  C CA  . ASN A 1 131 ? -8.118  10.959  2.136   1.00 31.89 ? 135 ASN A CA  1 
ATOM   910  C C   . ASN A 1 131 ? -7.462  12.345  2.189   1.00 31.37 ? 135 ASN A C   1 
ATOM   911  O O   . ASN A 1 131 ? -6.323  12.500  2.649   1.00 31.15 ? 135 ASN A O   1 
ATOM   912  C CB  . ASN A 1 131 ? -7.772  10.115  3.372   1.00 32.49 ? 135 ASN A CB  1 
ATOM   913  C CG  . ASN A 1 131 ? -8.225  10.740  4.686   1.00 33.52 ? 135 ASN A CG  1 
ATOM   914  O OD1 . ASN A 1 131 ? -8.742  11.863  4.726   1.00 36.06 ? 135 ASN A OD1 1 
ATOM   915  N ND2 . ASN A 1 131 ? -8.015  10.010  5.780   1.00 33.24 ? 135 ASN A ND2 1 
ATOM   916  N N   . THR A 1 132 ? -8.190  13.348  1.704   1.00 30.48 ? 136 THR A N   1 
ATOM   917  C CA  . THR A 1 132 ? -7.684  14.717  1.608   1.00 29.50 ? 136 THR A CA  1 
ATOM   918  C C   . THR A 1 132 ? -7.813  15.578  2.882   1.00 28.97 ? 136 THR A C   1 
ATOM   919  O O   . THR A 1 132 ? -7.666  16.801  2.810   1.00 28.87 ? 136 THR A O   1 
ATOM   920  C CB  . THR A 1 132 ? -8.348  15.479  0.439   1.00 29.70 ? 136 THR A CB  1 
ATOM   921  O OG1 . THR A 1 132 ? -9.765  15.524  0.639   1.00 28.91 ? 136 THR A OG1 1 
ATOM   922  C CG2 . THR A 1 132 ? -8.024  14.810  -0.919  1.00 29.80 ? 136 THR A CG2 1 
ATOM   923  N N   . PHE A 1 133 ? -8.070  14.959  4.037   1.00 28.08 ? 137 PHE A N   1 
ATOM   924  C CA  . PHE A 1 133 ? -8.177  15.714  5.302   1.00 27.26 ? 137 PHE A CA  1 
ATOM   925  C C   . PHE A 1 133 ? -6.877  16.479  5.574   1.00 26.94 ? 137 PHE A C   1 
ATOM   926  O O   . PHE A 1 133 ? -6.873  17.705  5.556   1.00 26.98 ? 137 PHE A O   1 
ATOM   927  C CB  . PHE A 1 133 ? -8.603  14.802  6.476   1.00 26.90 ? 137 PHE A CB  1 
ATOM   928  C CG  . PHE A 1 133 ? -8.450  15.430  7.847   1.00 26.23 ? 137 PHE A CG  1 
ATOM   929  C CD1 . PHE A 1 133 ? -9.330  16.407  8.285   1.00 24.75 ? 137 PHE A CD1 1 
ATOM   930  C CD2 . PHE A 1 133 ? -7.433  15.015  8.707   1.00 24.84 ? 137 PHE A CD2 1 
ATOM   931  C CE1 . PHE A 1 133 ? -9.183  16.989  9.552   1.00 25.44 ? 137 PHE A CE1 1 
ATOM   932  C CE2 . PHE A 1 133 ? -7.279  15.588  9.966   1.00 25.23 ? 137 PHE A CE2 1 
ATOM   933  C CZ  . PHE A 1 133 ? -8.153  16.581  10.393  1.00 24.71 ? 137 PHE A CZ  1 
ATOM   934  N N   . SER A 1 134 ? -5.776  15.753  5.775   1.00 26.90 ? 138 SER A N   1 
ATOM   935  C CA  . SER A 1 134 ? -4.443  16.356  5.926   1.00 26.57 ? 138 SER A CA  1 
ATOM   936  C C   . SER A 1 134 ? -3.372  15.583  5.129   1.00 26.47 ? 138 SER A C   1 
ATOM   937  O O   . SER A 1 134 ? -2.698  14.709  5.672   1.00 26.89 ? 138 SER A O   1 
ATOM   938  C CB  . SER A 1 134 ? -4.073  16.442  7.408   1.00 26.62 ? 138 SER A CB  1 
ATOM   939  O OG  . SER A 1 134 ? -2.859  17.139  7.598   1.00 26.50 ? 138 SER A OG  1 
ATOM   940  N N   . PRO A 1 135 ? -3.193  15.919  3.841   1.00 26.39 ? 139 PRO A N   1 
ATOM   941  C CA  . PRO A 1 135 ? -2.437  15.038  2.942   1.00 26.36 ? 139 PRO A CA  1 
ATOM   942  C C   . PRO A 1 135 ? -0.892  15.048  3.080   1.00 26.87 ? 139 PRO A C   1 
ATOM   943  O O   . PRO A 1 135 ? -0.278  16.092  3.364   1.00 27.03 ? 139 PRO A O   1 
ATOM   944  C CB  . PRO A 1 135 ? -2.854  15.523  1.550   1.00 26.28 ? 139 PRO A CB  1 
ATOM   945  C CG  . PRO A 1 135 ? -3.800  16.673  1.759   1.00 25.79 ? 139 PRO A CG  1 
ATOM   946  C CD  . PRO A 1 135 ? -3.670  17.125  3.148   1.00 26.05 ? 139 PRO A CD  1 
ATOM   947  N N   . ALA A 1 136 ? -0.294  13.869  2.884   1.00 26.94 ? 140 ALA A N   1 
ATOM   948  C CA  . ALA A 1 136 ? 1.160   13.680  2.764   1.00 26.98 ? 140 ALA A CA  1 
ATOM   949  C C   . ALA A 1 136 ? 1.704   14.412  1.538   1.00 27.20 ? 140 ALA A C   1 
ATOM   950  O O   . ALA A 1 136 ? 2.736   15.089  1.603   1.00 27.20 ? 140 ALA A O   1 
ATOM   951  C CB  . ALA A 1 136 ? 1.486   12.179  2.651   1.00 26.90 ? 140 ALA A CB  1 
ATOM   952  N N   . ASN A 1 137 ? 1.011   14.252  0.413   1.00 27.36 ? 141 ASN A N   1 
ATOM   953  C CA  . ASN A 1 137 ? 1.366   14.939  -0.809  1.00 27.47 ? 141 ASN A CA  1 
ATOM   954  C C   . ASN A 1 137 ? 0.250   15.891  -1.201  1.00 27.61 ? 141 ASN A C   1 
ATOM   955  O O   . ASN A 1 137 ? -0.854  15.462  -1.565  1.00 28.22 ? 141 ASN A O   1 
ATOM   956  C CB  . ASN A 1 137 ? 1.640   13.933  -1.924  1.00 27.42 ? 141 ASN A CB  1 
ATOM   957  C CG  . ASN A 1 137 ? 2.137   14.589  -3.197  1.00 28.16 ? 141 ASN A CG  1 
ATOM   958  O OD1 . ASN A 1 137 ? 2.084   15.811  -3.351  1.00 29.60 ? 141 ASN A OD1 1 
ATOM   959  N ND2 . ASN A 1 137 ? 2.629   13.775  -4.119  1.00 27.36 ? 141 ASN A ND2 1 
ATOM   960  N N   . VAL A 1 138 ? 0.543   17.185  -1.118  1.00 27.19 ? 142 VAL A N   1 
ATOM   961  C CA  . VAL A 1 138 ? -0.453  18.222  -1.377  1.00 26.40 ? 142 VAL A CA  1 
ATOM   962  C C   . VAL A 1 138 ? -0.668  18.416  -2.872  1.00 25.92 ? 142 VAL A C   1 
ATOM   963  O O   . VAL A 1 138 ? -1.790  18.620  -3.308  1.00 25.69 ? 142 VAL A O   1 
ATOM   964  C CB  . VAL A 1 138 ? -0.090  19.554  -0.673  1.00 26.50 ? 142 VAL A CB  1 
ATOM   965  C CG1 . VAL A 1 138 ? -1.147  20.619  -0.937  1.00 26.66 ? 142 VAL A CG1 1 
ATOM   966  C CG2 . VAL A 1 138 ? 0.056   19.334  0.832   1.00 26.07 ? 142 VAL A CG2 1 
ATOM   967  N N   . ASP A 1 139 ? 0.411   18.344  -3.648  1.00 25.57 ? 143 ASP A N   1 
ATOM   968  C CA  . ASP A 1 139 ? 0.335   18.433  -5.099  1.00 25.05 ? 143 ASP A CA  1 
ATOM   969  C C   . ASP A 1 139 ? -0.550  17.327  -5.663  1.00 24.73 ? 143 ASP A C   1 
ATOM   970  O O   . ASP A 1 139 ? -1.377  17.575  -6.529  1.00 24.89 ? 143 ASP A O   1 
ATOM   971  C CB  . ASP A 1 139 ? 1.737   18.389  -5.703  1.00 25.24 ? 143 ASP A CB  1 
ATOM   972  C CG  . ASP A 1 139 ? 2.496   19.716  -5.521  1.00 26.81 ? 143 ASP A CG  1 
ATOM   973  O OD1 . ASP A 1 139 ? 1.859   20.727  -5.136  1.00 28.20 ? 143 ASP A OD1 1 
ATOM   974  O OD2 . ASP A 1 139 ? 3.725   19.760  -5.775  1.00 27.95 ? 143 ASP A OD2 1 
ATOM   975  N N   . ALA A 1 140 ? -0.397  16.123  -5.134  1.00 24.55 ? 144 ALA A N   1 
ATOM   976  C CA  . ALA A 1 140 ? -1.241  15.001  -5.494  1.00 24.68 ? 144 ALA A CA  1 
ATOM   977  C C   . ALA A 1 140 ? -2.666  15.243  -5.047  1.00 25.00 ? 144 ALA A C   1 
ATOM   978  O O   . ALA A 1 140 ? -3.602  14.802  -5.705  1.00 25.00 ? 144 ALA A O   1 
ATOM   979  C CB  . ALA A 1 140 ? -0.717  13.732  -4.878  1.00 24.62 ? 144 ALA A CB  1 
ATOM   980  N N   . SER A 1 141 ? -2.818  15.950  -3.928  1.00 25.38 ? 145 SER A N   1 
ATOM   981  C CA  . SER A 1 141 ? -4.121  16.194  -3.339  1.00 25.82 ? 145 SER A CA  1 
ATOM   982  C C   . SER A 1 141 ? -4.874  17.277  -4.107  1.00 26.22 ? 145 SER A C   1 
ATOM   983  O O   . SER A 1 141 ? -6.035  17.101  -4.465  1.00 26.34 ? 145 SER A O   1 
ATOM   984  C CB  . SER A 1 141 ? -3.967  16.532  -1.853  1.00 25.94 ? 145 SER A CB  1 
ATOM   985  O OG  . SER A 1 141 ? -5.189  16.980  -1.284  1.00 26.94 ? 145 SER A OG  1 
ATOM   986  N N   . VAL A 1 142 ? -4.197  18.385  -4.386  1.00 26.84 ? 146 VAL A N   1 
ATOM   987  C CA  . VAL A 1 142 ? -4.728  19.440  -5.256  1.00 27.28 ? 146 VAL A CA  1 
ATOM   988  C C   . VAL A 1 142 ? -5.167  18.890  -6.631  1.00 27.90 ? 146 VAL A C   1 
ATOM   989  O O   . VAL A 1 142 ? -6.197  19.305  -7.160  1.00 28.44 ? 146 VAL A O   1 
ATOM   990  C CB  . VAL A 1 142 ? -3.697  20.600  -5.425  1.00 27.12 ? 146 VAL A CB  1 
ATOM   991  C CG1 . VAL A 1 142 ? -4.187  21.636  -6.419  1.00 26.71 ? 146 VAL A CG1 1 
ATOM   992  C CG2 . VAL A 1 142 ? -3.415  21.262  -4.090  1.00 26.40 ? 146 VAL A CG2 1 
ATOM   993  N N   . MET A 1 143 ? -4.388  17.963  -7.194  1.00 28.48 ? 147 MET A N   1 
ATOM   994  C CA  . MET A 1 143 ? -4.732  17.282  -8.452  1.00 28.65 ? 147 MET A CA  1 
ATOM   995  C C   . MET A 1 143 ? -5.916  16.333  -8.341  1.00 29.02 ? 147 MET A C   1 
ATOM   996  O O   . MET A 1 143 ? -6.747  16.239  -9.261  1.00 29.56 ? 147 MET A O   1 
ATOM   997  C CB  . MET A 1 143 ? -3.541  16.480  -8.963  1.00 28.40 ? 147 MET A CB  1 
ATOM   998  C CG  . MET A 1 143 ? -2.553  17.294  -9.733  1.00 28.41 ? 147 MET A CG  1 
ATOM   999  S SD  . MET A 1 143 ? -1.244  16.256  -10.393 1.00 29.28 ? 147 MET A SD  1 
ATOM   1000 C CE  . MET A 1 143 ? -2.218  14.848  -10.900 1.00 26.12 ? 147 MET A CE  1 
ATOM   1001 N N   . TYR A 1 144 ? -5.978  15.604  -7.232  1.00 29.01 ? 148 TYR A N   1 
ATOM   1002 C CA  . TYR A 1 144 ? -7.046  14.651  -7.012  1.00 29.00 ? 148 TYR A CA  1 
ATOM   1003 C C   . TYR A 1 144 ? -8.389  15.395  -6.906  1.00 29.62 ? 148 TYR A C   1 
ATOM   1004 O O   . TYR A 1 144 ? -9.405  14.944  -7.449  1.00 29.57 ? 148 TYR A O   1 
ATOM   1005 C CB  . TYR A 1 144 ? -6.754  13.784  -5.765  1.00 28.69 ? 148 TYR A CB  1 
ATOM   1006 C CG  . TYR A 1 144 ? -7.944  12.987  -5.293  1.00 27.80 ? 148 TYR A CG  1 
ATOM   1007 C CD1 . TYR A 1 144 ? -8.419  11.902  -6.033  1.00 26.05 ? 148 TYR A CD1 1 
ATOM   1008 C CD2 . TYR A 1 144 ? -8.618  13.341  -4.133  1.00 26.66 ? 148 TYR A CD2 1 
ATOM   1009 C CE1 . TYR A 1 144 ? -9.514  11.181  -5.620  1.00 26.84 ? 148 TYR A CE1 1 
ATOM   1010 C CE2 . TYR A 1 144 ? -9.726  12.629  -3.706  1.00 27.60 ? 148 TYR A CE2 1 
ATOM   1011 C CZ  . TYR A 1 144 ? -10.170 11.544  -4.452  1.00 28.33 ? 148 TYR A CZ  1 
ATOM   1012 O OH  . TYR A 1 144 ? -11.282 10.831  -4.034  1.00 29.33 ? 148 TYR A OH  1 
ATOM   1013 N N   . ARG A 1 145 ? -8.376  16.537  -6.216  1.00 29.93 ? 149 ARG A N   1 
ATOM   1014 C CA  . ARG A 1 145 ? -9.543  17.402  -6.103  1.00 30.57 ? 149 ARG A CA  1 
ATOM   1015 C C   . ARG A 1 145 ? -10.012 17.930  -7.467  1.00 30.35 ? 149 ARG A C   1 
ATOM   1016 O O   . ARG A 1 145 ? -11.213 17.934  -7.749  1.00 30.11 ? 149 ARG A O   1 
ATOM   1017 C CB  . ARG A 1 145 ? -9.246  18.576  -5.173  1.00 30.93 ? 149 ARG A CB  1 
ATOM   1018 C CG  . ARG A 1 145 ? -10.382 19.606  -5.060  1.00 33.86 ? 149 ARG A CG  1 
ATOM   1019 C CD  . ARG A 1 145 ? -11.320 19.269  -3.914  1.00 39.59 ? 149 ARG A CD  1 
ATOM   1020 N NE  . ARG A 1 145 ? -10.543 18.775  -2.774  1.00 44.37 ? 149 ARG A NE  1 
ATOM   1021 C CZ  . ARG A 1 145 ? -9.916  19.554  -1.896  1.00 45.59 ? 149 ARG A CZ  1 
ATOM   1022 N NH1 . ARG A 1 145 ? -9.989  20.878  -2.008  1.00 46.79 ? 149 ARG A NH1 1 
ATOM   1023 N NH2 . ARG A 1 145 ? -9.224  19.004  -0.906  1.00 46.38 ? 149 ARG A NH2 1 
ATOM   1024 N N   . LYS A 1 146 ? -9.070  18.400  -8.291  1.00 30.18 ? 150 LYS A N   1 
ATOM   1025 C CA  . LYS A 1 146 ? -9.386  18.852  -9.651  1.00 29.76 ? 150 LYS A CA  1 
ATOM   1026 C C   . LYS A 1 146 ? -10.116 17.743  -10.378 1.00 29.48 ? 150 LYS A C   1 
ATOM   1027 O O   . LYS A 1 146 ? -11.070 17.996  -11.107 1.00 29.26 ? 150 LYS A O   1 
ATOM   1028 C CB  . LYS A 1 146 ? -8.126  19.230  -10.420 1.00 29.51 ? 150 LYS A CB  1 
ATOM   1029 C CG  . LYS A 1 146 ? -7.629  20.626  -10.131 1.00 31.18 ? 150 LYS A CG  1 
ATOM   1030 C CD  . LYS A 1 146 ? -6.208  20.857  -10.641 1.00 32.95 ? 150 LYS A CD  1 
ATOM   1031 C CE  . LYS A 1 146 ? -5.626  22.122  -10.018 1.00 33.33 ? 150 LYS A CE  1 
ATOM   1032 N NZ  . LYS A 1 146 ? -4.343  22.545  -10.657 1.00 33.81 ? 150 LYS A NZ  1 
ATOM   1033 N N   . TRP A 1 147 ? -9.676  16.511  -10.132 1.00 29.21 ? 151 TRP A N   1 
ATOM   1034 C CA  . TRP A 1 147 ? -10.279 15.335  -10.733 1.00 29.29 ? 151 TRP A CA  1 
ATOM   1035 C C   . TRP A 1 147 ? -11.721 15.100  -10.257 1.00 29.57 ? 151 TRP A C   1 
ATOM   1036 O O   . TRP A 1 147 ? -12.492 14.412  -10.928 1.00 29.40 ? 151 TRP A O   1 
ATOM   1037 C CB  . TRP A 1 147 ? -9.386  14.108  -10.501 1.00 28.79 ? 151 TRP A CB  1 
ATOM   1038 C CG  . TRP A 1 147 ? -9.850  12.880  -11.205 1.00 28.64 ? 151 TRP A CG  1 
ATOM   1039 C CD1 . TRP A 1 147 ? -10.029 12.728  -12.551 1.00 28.13 ? 151 TRP A CD1 1 
ATOM   1040 C CD2 . TRP A 1 147 ? -10.200 11.624  -10.607 1.00 27.89 ? 151 TRP A CD2 1 
ATOM   1041 N NE1 . TRP A 1 147 ? -10.469 11.458  -12.827 1.00 28.82 ? 151 TRP A NE1 1 
ATOM   1042 C CE2 . TRP A 1 147 ? -10.582 10.757  -11.657 1.00 27.54 ? 151 TRP A CE2 1 
ATOM   1043 C CE3 . TRP A 1 147 ? -10.223 11.149  -9.290  1.00 27.48 ? 151 TRP A CE3 1 
ATOM   1044 C CZ2 . TRP A 1 147 ? -10.992 9.437   -11.434 1.00 27.32 ? 151 TRP A CZ2 1 
ATOM   1045 C CZ3 . TRP A 1 147 ? -10.629 9.830   -9.066  1.00 28.43 ? 151 TRP A CZ3 1 
ATOM   1046 C CH2 . TRP A 1 147 ? -11.014 8.992   -10.138 1.00 27.84 ? 151 TRP A CH2 1 
ATOM   1047 N N   . LYS A 1 148 ? -12.078 15.697  -9.116  1.00 30.26 ? 152 LYS A N   1 
ATOM   1048 C CA  . LYS A 1 148 ? -13.430 15.591  -8.545  1.00 30.89 ? 152 LYS A CA  1 
ATOM   1049 C C   . LYS A 1 148 ? -14.326 16.788  -8.875  1.00 31.43 ? 152 LYS A C   1 
ATOM   1050 O O   . LYS A 1 148 ? -15.471 16.606  -9.291  1.00 31.69 ? 152 LYS A O   1 
ATOM   1051 C CB  . LYS A 1 148 ? -13.382 15.368  -7.020  1.00 30.98 ? 152 LYS A CB  1 
ATOM   1052 C CG  . LYS A 1 148 ? -12.856 13.996  -6.531  1.00 31.05 ? 152 LYS A CG  1 
ATOM   1053 C CD  . LYS A 1 148 ? -13.161 12.872  -7.496  1.00 29.80 ? 152 LYS A CD  1 
ATOM   1054 C CE  . LYS A 1 148 ? -13.444 11.577  -6.780  1.00 30.43 ? 152 LYS A CE  1 
ATOM   1055 N NZ  . LYS A 1 148 ? -14.208 10.666  -7.703  1.00 29.29 ? 152 LYS A NZ  1 
ATOM   1056 N N   . GLU A 1 149 ? -13.810 18.003  -8.691  1.00 32.17 ? 153 GLU A N   1 
ATOM   1057 C CA  . GLU A 1 149 ? -14.529 19.233  -9.053  1.00 33.22 ? 153 GLU A CA  1 
ATOM   1058 C C   . GLU A 1 149 ? -14.995 19.244  -10.517 1.00 33.87 ? 153 GLU A C   1 
ATOM   1059 O O   . GLU A 1 149 ? -16.016 19.864  -10.841 1.00 34.00 ? 153 GLU A O   1 
ATOM   1060 C CB  . GLU A 1 149 ? -13.674 20.468  -8.772  1.00 33.09 ? 153 GLU A CB  1 
ATOM   1061 C CG  . GLU A 1 149 ? -13.178 20.584  -7.334  1.00 33.58 ? 153 GLU A CG  1 
ATOM   1062 C CD  . GLU A 1 149 ? -14.285 20.902  -6.340  1.00 34.44 ? 153 GLU A CD  1 
ATOM   1063 O OE1 . GLU A 1 149 ? -15.109 21.810  -6.611  1.00 34.12 ? 153 GLU A OE1 1 
ATOM   1064 O OE2 . GLU A 1 149 ? -14.319 20.244  -5.278  1.00 34.25 ? 153 GLU A OE2 1 
ATOM   1065 N N   . SER A 1 150 ? -14.213 18.592  -11.381 1.00 34.49 ? 154 SER A N   1 
ATOM   1066 C CA  . SER A 1 150 ? -14.610 18.204  -12.735 1.00 35.29 ? 154 SER A CA  1 
ATOM   1067 C C   . SER A 1 150 ? -14.918 16.736  -12.668 1.00 36.36 ? 154 SER A C   1 
ATOM   1068 O O   . SER A 1 150 ? -14.186 15.989  -12.017 1.00 37.18 ? 154 SER A O   1 
ATOM   1069 C CB  . SER A 1 150 ? -13.450 18.376  -13.703 1.00 35.30 ? 154 SER A CB  1 
ATOM   1070 O OG  . SER A 1 150 ? -12.401 17.462  -13.407 1.00 33.81 ? 154 SER A OG  1 
ATOM   1071 N N   . LYS A 1 151 ? -15.963 16.298  -13.352 1.00 37.16 ? 155 LYS A N   1 
ATOM   1072 C CA  . LYS A 1 151 ? -16.405 14.911  -13.228 1.00 38.02 ? 155 LYS A CA  1 
ATOM   1073 C C   . LYS A 1 151 ? -15.503 14.015  -14.066 1.00 38.59 ? 155 LYS A C   1 
ATOM   1074 O O   . LYS A 1 151 ? -15.936 13.380  -15.037 1.00 39.08 ? 155 LYS A O   1 
ATOM   1075 C CB  . LYS A 1 151 ? -17.887 14.768  -13.600 1.00 38.31 ? 155 LYS A CB  1 
ATOM   1076 C CG  . LYS A 1 151 ? -18.888 15.123  -12.481 1.00 39.29 ? 155 LYS A CG  1 
ATOM   1077 C CD  . LYS A 1 151 ? -18.699 16.534  -11.877 1.00 41.60 ? 155 LYS A CD  1 
ATOM   1078 C CE  . LYS A 1 151 ? -18.835 17.680  -12.911 1.00 42.69 ? 155 LYS A CE  1 
ATOM   1079 N NZ  . LYS A 1 151 ? -20.017 17.539  -13.821 1.00 42.47 ? 155 LYS A NZ  1 
ATOM   1080 N N   . GLY A 1 152 ? -14.230 13.985  -13.680 1.00 38.90 ? 156 GLY A N   1 
ATOM   1081 C CA  . GLY A 1 152 ? -13.227 13.192  -14.362 1.00 38.91 ? 156 GLY A CA  1 
ATOM   1082 C C   . GLY A 1 152 ? -12.747 13.780  -15.673 1.00 39.01 ? 156 GLY A C   1 
ATOM   1083 O O   . GLY A 1 152 ? -12.118 13.075  -16.461 1.00 39.42 ? 156 GLY A O   1 
ATOM   1084 N N   A LYS A 1 153 ? -13.018 15.063  -15.909 0.50 39.04 ? 157 LYS A N   1 
ATOM   1085 N N   B LYS A 1 153 ? -13.045 15.057  -15.908 0.50 38.98 ? 157 LYS A N   1 
ATOM   1086 C CA  A LYS A 1 153 ? -12.624 15.699  -17.173 0.50 38.99 ? 157 LYS A CA  1 
ATOM   1087 C CA  B LYS A 1 153 ? -12.641 15.734  -17.142 0.50 38.86 ? 157 LYS A CA  1 
ATOM   1088 C C   A LYS A 1 153 ? -11.150 16.096  -17.197 0.50 39.06 ? 157 LYS A C   1 
ATOM   1089 C C   B LYS A 1 153 ? -11.141 15.999  -17.165 0.50 38.98 ? 157 LYS A C   1 
ATOM   1090 O O   A LYS A 1 153 ? -10.519 16.082  -18.261 0.50 39.17 ? 157 LYS A O   1 
ATOM   1091 O O   B LYS A 1 153 ? -10.481 15.786  -18.193 0.50 39.11 ? 157 LYS A O   1 
ATOM   1092 C CB  A LYS A 1 153 ? -13.524 16.892  -17.527 0.50 38.93 ? 157 LYS A CB  1 
ATOM   1093 C CB  B LYS A 1 153 ? -13.427 17.034  -17.340 0.50 38.75 ? 157 LYS A CB  1 
ATOM   1094 C CG  A LYS A 1 153 ? -15.026 16.577  -17.621 0.50 38.76 ? 157 LYS A CG  1 
ATOM   1095 C CG  B LYS A 1 153 ? -14.740 16.851  -18.101 0.50 38.11 ? 157 LYS A CG  1 
ATOM   1096 C CD  A LYS A 1 153 ? -15.348 15.403  -18.551 0.50 38.01 ? 157 LYS A CD  1 
ATOM   1097 C CD  B LYS A 1 153 ? -15.736 17.972  -17.810 0.50 36.75 ? 157 LYS A CD  1 
ATOM   1098 C CE  A LYS A 1 153 ? -16.778 14.920  -18.331 0.50 37.10 ? 157 LYS A CE  1 
ATOM   1099 C CE  B LYS A 1 153 ? -16.603 17.667  -16.595 0.50 35.75 ? 157 LYS A CE  1 
ATOM   1100 N NZ  A LYS A 1 153 ? -17.099 13.717  -19.138 0.50 36.48 ? 157 LYS A NZ  1 
ATOM   1101 N NZ  B LYS A 1 153 ? -17.503 18.797  -16.257 0.50 35.25 ? 157 LYS A NZ  1 
ATOM   1102 N N   . ASP A 1 154 ? -10.612 16.451  -16.029 1.00 38.89 ? 158 ASP A N   1 
ATOM   1103 C CA  . ASP A 1 154 ? -9.169  16.679  -15.869 1.00 38.62 ? 158 ASP A CA  1 
ATOM   1104 C C   . ASP A 1 154 ? -8.480  15.357  -15.512 1.00 38.06 ? 158 ASP A C   1 
ATOM   1105 O O   . ASP A 1 154 ? -8.535  14.901  -14.367 1.00 38.11 ? 158 ASP A O   1 
ATOM   1106 C CB  . ASP A 1 154 ? -8.875  17.758  -14.820 1.00 38.82 ? 158 ASP A CB  1 
ATOM   1107 C CG  . ASP A 1 154 ? -7.525  18.432  -15.036 1.00 39.63 ? 158 ASP A CG  1 
ATOM   1108 O OD1 . ASP A 1 154 ? -7.424  19.646  -14.761 1.00 40.72 ? 158 ASP A OD1 1 
ATOM   1109 O OD2 . ASP A 1 154 ? -6.565  17.760  -15.484 1.00 40.59 ? 158 ASP A OD2 1 
ATOM   1110 N N   . ARG A 1 155 ? -7.831  14.770  -16.523 1.00 37.06 ? 159 ARG A N   1 
ATOM   1111 C CA  . ARG A 1 155 ? -7.289  13.414  -16.491 1.00 35.93 ? 159 ARG A CA  1 
ATOM   1112 C C   . ARG A 1 155 ? -5.910  13.315  -15.846 1.00 34.45 ? 159 ARG A C   1 
ATOM   1113 O O   . ARG A 1 155 ? -5.381  12.219  -15.692 1.00 34.30 ? 159 ARG A O   1 
ATOM   1114 C CB  . ARG A 1 155 ? -7.209  12.864  -17.926 1.00 35.98 ? 159 ARG A CB  1 
ATOM   1115 C CG  . ARG A 1 155 ? -8.521  12.300  -18.489 1.00 36.91 ? 159 ARG A CG  1 
ATOM   1116 C CD  . ARG A 1 155 ? -8.479  12.076  -20.024 1.00 37.43 ? 159 ARG A CD  1 
ATOM   1117 N NE  . ARG A 1 155 ? -7.368  11.229  -20.499 1.00 40.23 ? 159 ARG A NE  1 
ATOM   1118 C CZ  . ARG A 1 155 ? -6.225  11.690  -21.022 1.00 41.19 ? 159 ARG A CZ  1 
ATOM   1119 N NH1 . ARG A 1 155 ? -6.011  12.997  -21.134 1.00 41.53 ? 159 ARG A NH1 1 
ATOM   1120 N NH2 . ARG A 1 155 ? -5.282  10.846  -21.425 1.00 41.10 ? 159 ARG A NH2 1 
ATOM   1121 N N   . GLU A 1 156 ? -5.332  14.450  -15.469 1.00 33.00 ? 160 GLU A N   1 
ATOM   1122 C CA  . GLU A 1 156 ? -3.952  14.502  -14.970 1.00 31.49 ? 160 GLU A CA  1 
ATOM   1123 C C   . GLU A 1 156 ? -3.625  13.568  -13.776 1.00 30.34 ? 160 GLU A C   1 
ATOM   1124 O O   . GLU A 1 156 ? -2.599  12.870  -13.783 1.00 29.65 ? 160 GLU A O   1 
ATOM   1125 C CB  . GLU A 1 156 ? -3.588  15.943  -14.632 1.00 31.53 ? 160 GLU A CB  1 
ATOM   1126 C CG  . GLU A 1 156 ? -2.104  16.200  -14.457 1.00 32.24 ? 160 GLU A CG  1 
ATOM   1127 C CD  . GLU A 1 156 ? -1.830  17.560  -13.833 1.00 33.58 ? 160 GLU A CD  1 
ATOM   1128 O OE1 . GLU A 1 156 ? -0.675  18.035  -13.914 1.00 33.84 ? 160 GLU A OE1 1 
ATOM   1129 O OE2 . GLU A 1 156 ? -2.772  18.152  -13.264 1.00 33.53 ? 160 GLU A OE2 1 
ATOM   1130 N N   . TYR A 1 157 ? -4.479  13.563  -12.755 1.00 28.63 ? 161 TYR A N   1 
ATOM   1131 C CA  . TYR A 1 157 ? -4.226  12.707  -11.599 1.00 27.48 ? 161 TYR A CA  1 
ATOM   1132 C C   . TYR A 1 157 ? -4.322  11.266  -12.017 1.00 27.12 ? 161 TYR A C   1 
ATOM   1133 O O   . TYR A 1 157 ? -3.518  10.432  -11.619 1.00 27.56 ? 161 TYR A O   1 
ATOM   1134 C CB  . TYR A 1 157 ? -5.191  12.995  -10.443 1.00 26.65 ? 161 TYR A CB  1 
ATOM   1135 C CG  . TYR A 1 157 ? -4.937  12.122  -9.240  1.00 25.37 ? 161 TYR A CG  1 
ATOM   1136 C CD1 . TYR A 1 157 ? -3.868  12.378  -8.382  1.00 24.94 ? 161 TYR A CD1 1 
ATOM   1137 C CD2 . TYR A 1 157 ? -5.760  11.036  -8.959  1.00 23.61 ? 161 TYR A CD2 1 
ATOM   1138 C CE1 . TYR A 1 157 ? -3.630  11.572  -7.276  1.00 24.53 ? 161 TYR A CE1 1 
ATOM   1139 C CE2 . TYR A 1 157 ? -5.527  10.225  -7.867  1.00 23.47 ? 161 TYR A CE2 1 
ATOM   1140 C CZ  . TYR A 1 157 ? -4.461  10.494  -7.027  1.00 24.59 ? 161 TYR A CZ  1 
ATOM   1141 O OH  . TYR A 1 157 ? -4.244  9.692   -5.929  1.00 24.68 ? 161 TYR A OH  1 
ATOM   1142 N N   . THR A 1 158 ? -5.325  10.993  -12.831 1.00 26.83 ? 162 THR A N   1 
ATOM   1143 C CA  . THR A 1 158 ? -5.545  9.691   -13.426 1.00 26.64 ? 162 THR A CA  1 
ATOM   1144 C C   . THR A 1 158 ? -4.413  9.258   -14.384 1.00 26.32 ? 162 THR A C   1 
ATOM   1145 O O   . THR A 1 158 ? -4.082  8.063   -14.462 1.00 26.40 ? 162 THR A O   1 
ATOM   1146 C CB  . THR A 1 158 ? -6.953  9.687   -14.069 1.00 26.64 ? 162 THR A CB  1 
ATOM   1147 O OG1 . THR A 1 158 ? -7.806  8.825   -13.313 1.00 26.48 ? 162 THR A OG1 1 
ATOM   1148 C CG2 . THR A 1 158 ? -6.924  9.279   -15.529 1.00 27.24 ? 162 THR A CG2 1 
ATOM   1149 N N   . ASP A 1 159 ? -3.798  10.227  -15.071 1.00 25.85 ? 163 ASP A N   1 
ATOM   1150 C CA  . ASP A 1 159 ? -2.729  9.948   -16.054 1.00 25.63 ? 163 ASP A CA  1 
ATOM   1151 C C   . ASP A 1 159 ? -1.457  9.415   -15.414 1.00 24.76 ? 163 ASP A C   1 
ATOM   1152 O O   . ASP A 1 159 ? -0.783  8.533   -15.980 1.00 24.87 ? 163 ASP A O   1 
ATOM   1153 C CB  . ASP A 1 159 ? -2.366  11.193  -16.880 1.00 26.14 ? 163 ASP A CB  1 
ATOM   1154 C CG  . ASP A 1 159 ? -3.373  11.507  -17.999 1.00 27.34 ? 163 ASP A CG  1 
ATOM   1155 O OD1 . ASP A 1 159 ? -4.302  10.705  -18.282 1.00 27.82 ? 163 ASP A OD1 1 
ATOM   1156 O OD2 . ASP A 1 159 ? -3.211  12.591  -18.602 1.00 28.40 ? 163 ASP A OD2 1 
ATOM   1157 N N   . ILE A 1 160 ? -1.131  9.965   -14.246 1.00 23.29 ? 164 ILE A N   1 
ATOM   1158 C CA  . ILE A 1 160 ? 0.094   9.613   -13.536 1.00 22.16 ? 164 ILE A CA  1 
ATOM   1159 C C   . ILE A 1 160 ? -0.007  8.200   -12.959 1.00 21.35 ? 164 ILE A C   1 
ATOM   1160 O O   . ILE A 1 160 ? 0.902   7.406   -13.131 1.00 21.41 ? 164 ILE A O   1 
ATOM   1161 C CB  . ILE A 1 160 ? 0.444   10.653  -12.439 1.00 22.28 ? 164 ILE A CB  1 
ATOM   1162 C CG1 . ILE A 1 160 ? 0.504   12.059  -13.043 1.00 22.03 ? 164 ILE A CG1 1 
ATOM   1163 C CG2 . ILE A 1 160 ? 1.756   10.299  -11.776 1.00 22.03 ? 164 ILE A CG2 1 
ATOM   1164 C CD1 . ILE A 1 160 ? 0.760   13.173  -12.053 1.00 22.00 ? 164 ILE A CD1 1 
ATOM   1165 N N   . ILE A 1 161 ? -1.115  7.887   -12.301 1.00 20.65 ? 165 ILE A N   1 
ATOM   1166 C CA  . ILE A 1 161 ? -1.425  6.513   -11.918 1.00 20.53 ? 165 ILE A CA  1 
ATOM   1167 C C   . ILE A 1 161 ? -1.140  5.533   -13.081 1.00 20.32 ? 165 ILE A C   1 
ATOM   1168 O O   . ILE A 1 161 ? -0.404  4.549   -12.889 1.00 20.01 ? 165 ILE A O   1 
ATOM   1169 C CB  . ILE A 1 161 ? -2.914  6.347   -11.453 1.00 20.98 ? 165 ILE A CB  1 
ATOM   1170 C CG1 . ILE A 1 161 ? -3.317  7.394   -10.402 1.00 20.56 ? 165 ILE A CG1 1 
ATOM   1171 C CG2 . ILE A 1 161 ? -3.232  4.878   -11.025 1.00 20.78 ? 165 ILE A CG2 1 
ATOM   1172 C CD1 . ILE A 1 161 ? -2.632  7.286   -9.078  1.00 20.96 ? 165 ILE A CD1 1 
ATOM   1173 N N   . ARG A 1 162 ? -1.702  5.813   -14.268 1.00 20.07 ? 166 ARG A N   1 
ATOM   1174 C CA  . ARG A 1 162 ? -1.519  4.949   -15.472 1.00 20.16 ? 166 ARG A CA  1 
ATOM   1175 C C   . ARG A 1 162 ? -0.059  4.776   -15.830 1.00 19.43 ? 166 ARG A C   1 
ATOM   1176 O O   . ARG A 1 162 ? 0.387   3.648   -15.983 1.00 19.17 ? 166 ARG A O   1 
ATOM   1177 C CB  . ARG A 1 162 ? -2.279  5.462   -16.702 1.00 20.46 ? 166 ARG A CB  1 
ATOM   1178 C CG  . ARG A 1 162 ? -3.794  5.428   -16.581 1.00 23.27 ? 166 ARG A CG  1 
ATOM   1179 C CD  . ARG A 1 162 ? -4.440  6.392   -17.577 1.00 29.44 ? 166 ARG A CD  1 
ATOM   1180 N NE  . ARG A 1 162 ? -4.324  5.959   -18.972 1.00 33.87 ? 166 ARG A NE  1 
ATOM   1181 C CZ  . ARG A 1 162 ? -4.666  6.705   -20.025 1.00 37.12 ? 166 ARG A CZ  1 
ATOM   1182 N NH1 . ARG A 1 162 ? -5.144  7.935   -19.847 1.00 37.27 ? 166 ARG A NH1 1 
ATOM   1183 N NH2 . ARG A 1 162 ? -4.520  6.226   -21.264 1.00 38.28 ? 166 ARG A NH2 1 
ATOM   1184 N N   . LYS A 1 163 ? 0.673   5.893   -15.947 1.00 19.08 ? 167 LYS A N   1 
ATOM   1185 C CA  . LYS A 1 163 ? 2.138   5.887   -16.147 1.00 18.76 ? 167 LYS A CA  1 
ATOM   1186 C C   . LYS A 1 163 ? 2.872   5.063   -15.107 1.00 18.79 ? 167 LYS A C   1 
ATOM   1187 O O   . LYS A 1 163 ? 3.781   4.288   -15.430 1.00 19.15 ? 167 LYS A O   1 
ATOM   1188 C CB  . LYS A 1 163 ? 2.707   7.300   -16.090 1.00 18.61 ? 167 LYS A CB  1 
ATOM   1189 C CG  . LYS A 1 163 ? 2.517   8.112   -17.344 1.00 18.22 ? 167 LYS A CG  1 
ATOM   1190 C CD  . LYS A 1 163 ? 2.960   9.520   -17.091 1.00 19.67 ? 167 LYS A CD  1 
ATOM   1191 C CE  . LYS A 1 163 ? 2.348   10.490  -18.076 1.00 20.20 ? 167 LYS A CE  1 
ATOM   1192 N NZ  . LYS A 1 163 ? 2.658   11.862  -17.630 1.00 18.94 ? 167 LYS A NZ  1 
ATOM   1193 N N   . GLN A 1 164 ? 2.491   5.252   -13.848 1.00 18.64 ? 168 GLN A N   1 
ATOM   1194 C CA  . GLN A 1 164 ? 3.094   4.500   -12.764 1.00 18.59 ? 168 GLN A CA  1 
ATOM   1195 C C   . GLN A 1 164 ? 2.694   3.030   -12.853 1.00 18.79 ? 168 GLN A C   1 
ATOM   1196 O O   . GLN A 1 164 ? 3.553   2.161   -12.795 1.00 18.95 ? 168 GLN A O   1 
ATOM   1197 C CB  . GLN A 1 164 ? 2.803   5.158   -11.412 1.00 18.07 ? 168 GLN A CB  1 
ATOM   1198 C CG  . GLN A 1 164 ? 3.425   6.560   -11.359 1.00 18.26 ? 168 GLN A CG  1 
ATOM   1199 C CD  . GLN A 1 164 ? 3.385   7.237   -9.982  1.00 18.15 ? 168 GLN A CD  1 
ATOM   1200 O OE1 . GLN A 1 164 ? 2.498   6.991   -9.173  1.00 16.96 ? 168 GLN A OE1 1 
ATOM   1201 N NE2 . GLN A 1 164 ? 4.344   8.114   -9.734  1.00 17.96 ? 168 GLN A NE2 1 
ATOM   1202 N N   . VAL A 1 165 ? 1.409   2.750   -13.068 1.00 19.59 ? 169 VAL A N   1 
ATOM   1203 C CA  . VAL A 1 165 ? 0.961   1.372   -13.339 1.00 20.23 ? 169 VAL A CA  1 
ATOM   1204 C C   . VAL A 1 165 ? 1.795   0.649   -14.405 1.00 20.34 ? 169 VAL A C   1 
ATOM   1205 O O   . VAL A 1 165 ? 2.267   -0.459  -14.171 1.00 20.77 ? 169 VAL A O   1 
ATOM   1206 C CB  . VAL A 1 165 ? -0.547  1.302   -13.670 1.00 20.57 ? 169 VAL A CB  1 
ATOM   1207 C CG1 . VAL A 1 165 ? -0.909  0.004   -14.427 1.00 21.12 ? 169 VAL A CG1 1 
ATOM   1208 C CG2 . VAL A 1 165 ? -1.358  1.425   -12.400 1.00 21.13 ? 169 VAL A CG2 1 
ATOM   1209 N N   . LEU A 1 166 ? 2.019   1.265   -15.557 1.00 20.52 ? 170 LEU A N   1 
ATOM   1210 C CA  . LEU A 1 166 ? 2.667   0.503   -16.623 1.00 20.86 ? 170 LEU A CA  1 
ATOM   1211 C C   . LEU A 1 166 ? 4.197   0.471   -16.509 1.00 20.96 ? 170 LEU A C   1 
ATOM   1212 O O   . LEU A 1 166 ? 4.839   -0.479  -16.960 1.00 20.82 ? 170 LEU A O   1 
ATOM   1213 C CB  . LEU A 1 166 ? 2.106   0.840   -18.026 1.00 21.30 ? 170 LEU A CB  1 
ATOM   1214 C CG  . LEU A 1 166 ? 2.463   1.984   -18.964 1.00 20.76 ? 170 LEU A CG  1 
ATOM   1215 C CD1 . LEU A 1 166 ? 1.300   2.291   -19.865 1.00 20.37 ? 170 LEU A CD1 1 
ATOM   1216 C CD2 . LEU A 1 166 ? 2.812   3.197   -18.197 1.00 24.25 ? 170 LEU A CD2 1 
ATOM   1217 N N   . GLY A 1 167 ? 4.770   1.471   -15.840 1.00 20.87 ? 171 GLY A N   1 
ATOM   1218 C CA  . GLY A 1 167 ? 6.148   1.369   -15.374 1.00 19.86 ? 171 GLY A CA  1 
ATOM   1219 C C   . GLY A 1 167 ? 6.408   0.151   -14.492 1.00 19.67 ? 171 GLY A C   1 
ATOM   1220 O O   . GLY A 1 167 ? 7.516   -0.364  -14.469 1.00 19.50 ? 171 GLY A O   1 
ATOM   1221 N N   . THR A 1 168 ? 5.399   -0.317  -13.761 1.00 19.99 ? 172 THR A N   1 
ATOM   1222 C CA  . THR A 1 168 ? 5.560   -1.504  -12.884 1.00 20.33 ? 172 THR A CA  1 
ATOM   1223 C C   . THR A 1 168 ? 5.726   -2.844  -13.643 1.00 20.79 ? 172 THR A C   1 
ATOM   1224 O O   . THR A 1 168 ? 6.080   -3.854  -13.037 1.00 20.64 ? 172 THR A O   1 
ATOM   1225 C CB  . THR A 1 168 ? 4.417   -1.641  -11.827 1.00 20.35 ? 172 THR A CB  1 
ATOM   1226 O OG1 . THR A 1 168 ? 3.193   -2.014  -12.470 1.00 19.76 ? 172 THR A OG1 1 
ATOM   1227 C CG2 . THR A 1 168 ? 4.200   -0.337  -11.068 1.00 20.27 ? 172 THR A CG2 1 
ATOM   1228 N N   . LYS A 1 169 ? 5.482   -2.854  -14.956 1.00 21.25 ? 173 LYS A N   1 
ATOM   1229 C CA  . LYS A 1 169 ? 5.792   -4.035  -15.784 1.00 22.22 ? 173 LYS A CA  1 
ATOM   1230 C C   . LYS A 1 169 ? 7.294   -4.334  -15.738 1.00 22.26 ? 173 LYS A C   1 
ATOM   1231 O O   . LYS A 1 169 ? 7.694   -5.470  -15.552 1.00 22.35 ? 173 LYS A O   1 
ATOM   1232 C CB  . LYS A 1 169 ? 5.341   -3.852  -17.244 1.00 22.23 ? 173 LYS A CB  1 
ATOM   1233 C CG  . LYS A 1 169 ? 3.848   -3.661  -17.445 1.00 23.43 ? 173 LYS A CG  1 
ATOM   1234 C CD  . LYS A 1 169 ? 3.550   -2.989  -18.795 1.00 27.59 ? 173 LYS A CD  1 
ATOM   1235 C CE  . LYS A 1 169 ? 3.751   -3.972  -19.990 1.00 30.58 ? 173 LYS A CE  1 
ATOM   1236 N NZ  . LYS A 1 169 ? 2.989   -3.552  -21.223 1.00 31.94 ? 173 LYS A NZ  1 
ATOM   1237 N N   . VAL A 1 170 ? 8.116   -3.305  -15.911 1.00 22.93 ? 174 VAL A N   1 
ATOM   1238 C CA  . VAL A 1 170 ? 9.567   -3.415  -15.716 1.00 23.81 ? 174 VAL A CA  1 
ATOM   1239 C C   . VAL A 1 170 ? 9.921   -4.148  -14.402 1.00 24.37 ? 174 VAL A C   1 
ATOM   1240 O O   . VAL A 1 170 ? 10.708  -5.097  -14.424 1.00 24.43 ? 174 VAL A O   1 
ATOM   1241 C CB  . VAL A 1 170 ? 10.250  -2.025  -15.785 1.00 23.82 ? 174 VAL A CB  1 
ATOM   1242 C CG1 . VAL A 1 170 ? 11.743  -2.128  -15.499 1.00 24.56 ? 174 VAL A CG1 1 
ATOM   1243 C CG2 . VAL A 1 170 ? 10.002  -1.374  -17.137 1.00 23.75 ? 174 VAL A CG2 1 
ATOM   1244 N N   . ASP A 1 171 ? 9.323   -3.734  -13.276 1.00 24.98 ? 175 ASP A N   1 
ATOM   1245 C CA  . ASP A 1 171 ? 9.543   -4.414  -11.995 1.00 25.92 ? 175 ASP A CA  1 
ATOM   1246 C C   . ASP A 1 171 ? 9.059   -5.877  -12.040 1.00 27.39 ? 175 ASP A C   1 
ATOM   1247 O O   . ASP A 1 171 ? 9.683   -6.767  -11.462 1.00 27.46 ? 175 ASP A O   1 
ATOM   1248 C CB  . ASP A 1 171 ? 8.829   -3.678  -10.863 1.00 25.73 ? 175 ASP A CB  1 
ATOM   1249 C CG  . ASP A 1 171 ? 9.147   -2.187  -10.822 1.00 25.19 ? 175 ASP A CG  1 
ATOM   1250 O OD1 . ASP A 1 171 ? 10.338  -1.814  -10.851 1.00 22.81 ? 175 ASP A OD1 1 
ATOM   1251 O OD2 . ASP A 1 171 ? 8.189   -1.387  -10.746 1.00 24.44 ? 175 ASP A OD2 1 
ATOM   1252 N N   . ALA A 1 172 ? 7.935   -6.101  -12.720 1.00 28.81 ? 176 ALA A N   1 
ATOM   1253 C CA  . ALA A 1 172 ? 7.337   -7.413  -12.877 1.00 30.56 ? 176 ALA A CA  1 
ATOM   1254 C C   . ALA A 1 172 ? 7.756   -7.988  -14.226 1.00 32.03 ? 176 ALA A C   1 
ATOM   1255 O O   . ALA A 1 172 ? 6.919   -8.385  -15.058 1.00 32.90 ? 176 ALA A O   1 
ATOM   1256 C CB  . ALA A 1 172 ? 5.814   -7.313  -12.778 1.00 30.23 ? 176 ALA A CB  1 
ATOM   1257 N N   . GLU A 1 173 ? 9.057   -7.927  -14.466 1.00 33.11 ? 177 GLU A N   1 
ATOM   1258 C CA  . GLU A 1 173 ? 9.748   -8.737  -15.458 1.00 34.37 ? 177 GLU A CA  1 
ATOM   1259 C C   . GLU A 1 173 ? 11.032  -9.073  -14.729 1.00 34.12 ? 177 GLU A C   1 
ATOM   1260 O O   . GLU A 1 173 ? 11.594  -10.143 -14.886 1.00 34.07 ? 177 GLU A O   1 
ATOM   1261 C CB  . GLU A 1 173 ? 10.041  -7.952  -16.744 1.00 34.27 ? 177 GLU A CB  1 
ATOM   1262 C CG  . GLU A 1 173 ? 8.853   -7.847  -17.718 1.00 36.03 ? 177 GLU A CG  1 
ATOM   1263 C CD  . GLU A 1 173 ? 9.201   -7.093  -19.010 1.00 36.39 ? 177 GLU A CD  1 
ATOM   1264 O OE1 . GLU A 1 173 ? 10.112  -7.570  -19.734 1.00 38.49 ? 177 GLU A OE1 1 
ATOM   1265 O OE2 . GLU A 1 173 ? 8.569   -6.035  -19.298 1.00 37.60 ? 177 GLU A OE2 1 
ATOM   1266 N N   . ARG A 1 174 ? 11.460  -8.127  -13.899 1.00 34.47 ? 178 ARG A N   1 
ATOM   1267 C CA  . ARG A 1 174 ? 12.587  -8.293  -13.008 1.00 35.15 ? 178 ARG A CA  1 
ATOM   1268 C C   . ARG A 1 174 ? 12.365  -9.448  -12.028 1.00 35.15 ? 178 ARG A C   1 
ATOM   1269 O O   . ARG A 1 174 ? 13.333  -10.051 -11.574 1.00 34.96 ? 178 ARG A O   1 
ATOM   1270 C CB  . ARG A 1 174 ? 12.841  -6.992  -12.258 1.00 35.27 ? 178 ARG A CB  1 
ATOM   1271 C CG  . ARG A 1 174 ? 14.283  -6.774  -11.886 1.00 36.65 ? 178 ARG A CG  1 
ATOM   1272 C CD  . ARG A 1 174 ? 14.413  -6.121  -10.512 1.00 39.11 ? 178 ARG A CD  1 
ATOM   1273 N NE  . ARG A 1 174 ? 13.785  -4.807  -10.439 1.00 40.67 ? 178 ARG A NE  1 
ATOM   1274 C CZ  . ARG A 1 174 ? 12.697  -4.525  -9.729  1.00 42.39 ? 178 ARG A CZ  1 
ATOM   1275 N NH1 . ARG A 1 174 ? 12.092  -5.466  -9.005  1.00 42.74 ? 178 ARG A NH1 1 
ATOM   1276 N NH2 . ARG A 1 174 ? 12.216  -3.285  -9.742  1.00 43.12 ? 178 ARG A NH2 1 
ATOM   1277 N N   . ASP A 1 175 ? 11.094  -9.734  -11.713 1.00 35.50 ? 179 ASP A N   1 
ATOM   1278 C CA  . ASP A 1 175 ? 10.679  -10.963 -11.012 1.00 35.71 ? 179 ASP A CA  1 
ATOM   1279 C C   . ASP A 1 175 ? 9.446   -11.691 -11.643 1.00 36.49 ? 179 ASP A C   1 
ATOM   1280 O O   . ASP A 1 175 ? 9.573   -12.839 -12.076 1.00 36.15 ? 179 ASP A O   1 
ATOM   1281 C CB  . ASP A 1 175 ? 10.516  -10.727 -9.508  1.00 35.77 ? 179 ASP A CB  1 
ATOM   1282 C CG  . ASP A 1 175 ? 10.270  -9.253  -9.150  1.00 35.80 ? 179 ASP A CG  1 
ATOM   1283 O OD1 . ASP A 1 175 ? 9.086   -8.885  -9.016  1.00 34.90 ? 179 ASP A OD1 1 
ATOM   1284 O OD2 . ASP A 1 175 ? 11.250  -8.476  -8.981  1.00 34.79 ? 179 ASP A OD2 1 
ATOM   1285 N N   . GLY A 1 176 ? 8.266   -11.053 -11.691 1.00 37.16 ? 180 GLY A N   1 
ATOM   1286 C CA  . GLY A 1 176 ? 7.187   -11.533 -12.585 1.00 37.51 ? 180 GLY A CA  1 
ATOM   1287 C C   . GLY A 1 176 ? 5.739   -11.729 -12.148 1.00 37.72 ? 180 GLY A C   1 
ATOM   1288 O O   . GLY A 1 176 ? 5.316   -11.249 -11.086 1.00 37.71 ? 180 GLY A O   1 
ATOM   1289 N N   . VAL A 1 177 ? 4.995   -12.420 -13.028 1.00 37.94 ? 181 VAL A N   1 
ATOM   1290 C CA  . VAL A 1 177 ? 3.606   -12.941 -12.833 1.00 38.14 ? 181 VAL A CA  1 
ATOM   1291 C C   . VAL A 1 177 ? 2.507   -11.929 -13.250 1.00 37.99 ? 181 VAL A C   1 
ATOM   1292 O O   . VAL A 1 177 ? 1.621   -11.542 -12.470 1.00 37.53 ? 181 VAL A O   1 
ATOM   1293 C CB  . VAL A 1 177 ? 3.368   -13.631 -11.402 1.00 38.45 ? 181 VAL A CB  1 
ATOM   1294 C CG1 . VAL A 1 177 ? 1.922   -14.153 -11.235 1.00 38.89 ? 181 VAL A CG1 1 
ATOM   1295 C CG2 . VAL A 1 177 ? 4.371   -14.782 -11.149 1.00 38.29 ? 181 VAL A CG2 1 
HETATM 1296 O O   . HOH B 2 .   ? 0.036   7.499   12.639  0.50 9.69  ? 185 HOH A O   1 
HETATM 1297 O O   . HOH B 2 .   ? 9.503   3.024   -8.285  1.00 2.00  ? 186 HOH A O   1 
HETATM 1298 O O   . HOH B 2 .   ? -0.848  -2.734  16.358  1.00 18.76 ? 187 HOH A O   1 
HETATM 1299 O O   . HOH B 2 .   ? 13.692  -12.781 14.158  1.00 19.52 ? 188 HOH A O   1 
HETATM 1300 O O   . HOH B 2 .   ? -1.714  19.416  9.133   1.00 9.84  ? 189 HOH A O   1 
HETATM 1301 O O   . HOH B 2 .   ? 12.678  15.770  -2.629  1.00 37.84 ? 190 HOH A O   1 
HETATM 1302 O O   . HOH B 2 .   ? -6.478  15.424  -12.078 1.00 17.83 ? 191 HOH A O   1 
HETATM 1303 O O   . HOH B 2 .   ? 8.558   -9.279  19.432  1.00 10.85 ? 192 HOH A O   1 
HETATM 1304 O O   . HOH B 2 .   ? -2.268  11.807  4.613   1.00 19.83 ? 193 HOH A O   1 
HETATM 1305 O O   . HOH B 2 .   ? 8.420   -15.730 3.293   1.00 22.62 ? 194 HOH A O   1 
HETATM 1306 O O   . HOH B 2 .   ? -7.085  7.875   -18.014 1.00 36.88 ? 195 HOH A O   1 
HETATM 1307 O O   . HOH B 2 .   ? -4.078  1.063   -15.144 1.00 28.07 ? 196 HOH A O   1 
HETATM 1308 O O   . HOH B 2 .   ? 12.260  -4.820  14.212  1.00 20.54 ? 197 HOH A O   1 
HETATM 1309 O O   . HOH B 2 .   ? 5.961   7.578   -2.986  1.00 27.26 ? 198 HOH A O   1 
HETATM 1310 O O   . HOH B 2 .   ? 4.372   3.974   8.542   1.00 14.41 ? 199 HOH A O   1 
HETATM 1311 O O   . HOH B 2 .   ? 10.165  -0.546  6.327   1.00 14.47 ? 200 HOH A O   1 
HETATM 1312 O O   . HOH B 2 .   ? -11.230 -2.599  -9.037  1.00 27.95 ? 201 HOH A O   1 
HETATM 1313 O O   . HOH B 2 .   ? 6.257   4.117   -10.258 1.00 13.14 ? 202 HOH A O   1 
HETATM 1314 O O   . HOH B 2 .   ? 7.936   5.007   -2.905  1.00 17.35 ? 203 HOH A O   1 
HETATM 1315 O O   . HOH B 2 .   ? 11.050  -3.848  6.384   1.00 27.10 ? 204 HOH A O   1 
HETATM 1316 O O   . HOH B 2 .   ? -4.491  25.354  -11.975 1.00 32.13 ? 205 HOH A O   1 
HETATM 1317 O O   . HOH B 2 .   ? -1.924  23.367  -11.584 1.00 49.58 ? 206 HOH A O   1 
HETATM 1318 O O   . HOH B 2 .   ? 3.714   18.211  -2.440  1.00 14.63 ? 207 HOH A O   1 
HETATM 1319 O O   . HOH B 2 .   ? 4.591   3.314   12.851  1.00 24.35 ? 208 HOH A O   1 
HETATM 1320 O O   . HOH B 2 .   ? 2.840   10.821  -3.496  1.00 22.23 ? 209 HOH A O   1 
HETATM 1321 O O   . HOH B 2 .   ? 11.574  -2.078  18.349  1.00 17.09 ? 210 HOH A O   1 
HETATM 1322 O O   . HOH B 2 .   ? -7.306  -6.169  -4.435  1.00 30.03 ? 211 HOH A O   1 
HETATM 1323 O O   . HOH B 2 .   ? -9.730  -11.501 0.469   1.00 24.84 ? 212 HOH A O   1 
HETATM 1324 O O   . HOH B 2 .   ? -12.095 13.411  0.730   1.00 33.42 ? 213 HOH A O   1 
HETATM 1325 O O   . HOH B 2 .   ? 13.048  -10.164 6.983   1.00 17.76 ? 214 HOH A O   1 
HETATM 1326 O O   . HOH B 2 .   ? 15.038  -7.766  12.896  1.00 14.46 ? 215 HOH A O   1 
HETATM 1327 O O   . HOH B 2 .   ? 19.356  -10.064 6.330   1.00 26.84 ? 216 HOH A O   1 
HETATM 1328 O O   . HOH B 2 .   ? 4.078   5.631   10.667  1.00 13.40 ? 217 HOH A O   1 
HETATM 1329 O O   . HOH B 2 .   ? 7.226   -14.775 21.697  1.00 40.05 ? 218 HOH A O   1 
HETATM 1330 O O   . HOH B 2 .   ? 6.219   2.155   -12.097 1.00 23.89 ? 219 HOH A O   1 
HETATM 1331 O O   . HOH B 2 .   ? -0.224  22.460  -6.707  1.00 17.94 ? 220 HOH A O   1 
HETATM 1332 O O   . HOH B 2 .   ? 6.468   -2.009  -8.180  1.00 27.13 ? 221 HOH A O   1 
HETATM 1333 O O   . HOH B 2 .   ? -5.605  -8.292  -7.895  1.00 23.18 ? 222 HOH A O   1 
HETATM 1334 O O   . HOH B 2 .   ? 15.524  -8.917  6.438   1.00 44.55 ? 223 HOH A O   1 
HETATM 1335 O O   . HOH B 2 .   ? -13.357 -1.131  -5.291  1.00 34.73 ? 224 HOH A O   1 
HETATM 1336 O O   . HOH B 2 .   ? -10.957 -2.999  -17.609 1.00 23.71 ? 225 HOH A O   1 
HETATM 1337 O O   . HOH B 2 .   ? 10.847  3.746   -0.226  1.00 25.89 ? 226 HOH A O   1 
HETATM 1338 O O   . HOH B 2 .   ? 6.092   1.485   16.479  1.00 24.91 ? 227 HOH A O   1 
HETATM 1339 O O   . HOH B 2 .   ? -1.144  20.365  -8.254  1.00 32.37 ? 228 HOH A O   1 
HETATM 1340 O O   . HOH B 2 .   ? 1.220   4.975   -8.191  1.00 30.12 ? 229 HOH A O   1 
HETATM 1341 O O   . HOH B 2 .   ? 7.655   -9.793  -2.769  1.00 7.24  ? 230 HOH A O   1 
HETATM 1342 O O   . HOH B 2 .   ? 0.365   -13.927 1.203   1.00 30.17 ? 231 HOH A O   1 
HETATM 1343 O O   . HOH B 2 .   ? 6.695   5.844   -15.004 0.50 22.73 ? 232 HOH A O   1 
HETATM 1344 O O   . HOH B 2 .   ? -5.410  12.481  5.226   1.00 25.06 ? 233 HOH A O   1 
HETATM 1345 O O   . HOH B 2 .   ? -8.357  6.431   -8.098  1.00 22.95 ? 234 HOH A O   1 
HETATM 1346 O O   . HOH B 2 .   ? -5.083  -4.580  -3.949  1.00 18.98 ? 235 HOH A O   1 
HETATM 1347 O O   . HOH B 2 .   ? 5.203   16.478  -3.799  1.00 16.71 ? 236 HOH A O   1 
HETATM 1348 O O   . HOH B 2 .   ? 1.091   -13.995 -6.855  1.00 25.00 ? 237 HOH A O   1 
HETATM 1349 O O   . HOH B 2 .   ? -1.002  6.299   -6.439  1.00 26.68 ? 238 HOH A O   1 
HETATM 1350 O O   . HOH B 2 .   ? 1.216   -22.723 7.525   1.00 47.08 ? 239 HOH A O   1 
HETATM 1351 O O   . HOH B 2 .   ? 14.000  -6.580  15.982  1.00 27.34 ? 240 HOH A O   1 
HETATM 1352 O O   . HOH B 2 .   ? 13.309  -12.859 -15.290 1.00 24.58 ? 241 HOH A O   1 
HETATM 1353 O O   . HOH B 2 .   ? -6.846  19.353  2.557   1.00 24.05 ? 242 HOH A O   1 
HETATM 1354 O O   . HOH B 2 .   ? -11.074 -2.358  -5.239  1.00 33.25 ? 243 HOH A O   1 
HETATM 1355 O O   . HOH B 2 .   ? 0.817   9.057   5.054   1.00 15.30 ? 244 HOH A O   1 
HETATM 1356 O O   . HOH B 2 .   ? 6.389   -10.959 -1.213  1.00 22.34 ? 245 HOH A O   1 
HETATM 1357 O O   . HOH B 2 .   ? 7.250   6.497   -10.970 1.00 16.96 ? 246 HOH A O   1 
HETATM 1358 O O   . HOH B 2 .   ? -9.406  2.855   5.045   1.00 28.83 ? 247 HOH A O   1 
HETATM 1359 O O   . HOH B 2 .   ? 13.721  7.094   2.517   1.00 19.51 ? 248 HOH A O   1 
HETATM 1360 O O   . HOH B 2 .   ? 3.840   -19.754 7.114   1.00 17.12 ? 249 HOH A O   1 
HETATM 1361 O O   . HOH B 2 .   ? 4.868   -18.935 9.813   1.00 31.96 ? 250 HOH A O   1 
HETATM 1362 O O   . HOH B 2 .   ? 5.606   9.808   -7.995  1.00 22.82 ? 251 HOH A O   1 
HETATM 1363 O O   . HOH B 2 .   ? 13.046  -3.543  4.605   1.00 22.79 ? 252 HOH A O   1 
HETATM 1364 O O   . HOH B 2 .   ? -15.512 0.411   -14.694 1.00 26.76 ? 253 HOH A O   1 
HETATM 1365 O O   . HOH B 2 .   ? 10.015  -1.010  -7.557  1.00 22.45 ? 254 HOH A O   1 
# 
